data_5S8T
# 
_entry.id   5S8T 
# 
_audit_conform.dict_name       mmcif_pdbx.dic 
_audit_conform.dict_version    5.387 
_audit_conform.dict_location   http://mmcif.pdb.org/dictionaries/ascii/mmcif_pdbx.dic 
# 
loop_
_database_2.database_id 
_database_2.database_code 
_database_2.pdbx_database_accession 
_database_2.pdbx_DOI 
PDB   5S8T         pdb_00005s8t 10.2210/pdb5s8t/pdb 
WWPDB D_1001404202 ?            ?                   
# 
loop_
_pdbx_audit_revision_history.ordinal 
_pdbx_audit_revision_history.data_content_type 
_pdbx_audit_revision_history.major_revision 
_pdbx_audit_revision_history.minor_revision 
_pdbx_audit_revision_history.revision_date 
1 'Structure model' 1 0 2021-02-17 
2 'Structure model' 1 1 2024-03-06 
# 
_pdbx_audit_revision_details.ordinal             1 
_pdbx_audit_revision_details.revision_ordinal    1 
_pdbx_audit_revision_details.data_content_type   'Structure model' 
_pdbx_audit_revision_details.provider            repository 
_pdbx_audit_revision_details.type                'Initial release' 
_pdbx_audit_revision_details.description         ? 
_pdbx_audit_revision_details.details             ? 
# 
loop_
_pdbx_audit_revision_group.ordinal 
_pdbx_audit_revision_group.revision_ordinal 
_pdbx_audit_revision_group.data_content_type 
_pdbx_audit_revision_group.group 
1 2 'Structure model' 'Data collection'     
2 2 'Structure model' 'Database references' 
# 
loop_
_pdbx_audit_revision_category.ordinal 
_pdbx_audit_revision_category.revision_ordinal 
_pdbx_audit_revision_category.data_content_type 
_pdbx_audit_revision_category.category 
1 2 'Structure model' chem_comp_atom 
2 2 'Structure model' chem_comp_bond 
3 2 'Structure model' database_2     
# 
loop_
_pdbx_audit_revision_item.ordinal 
_pdbx_audit_revision_item.revision_ordinal 
_pdbx_audit_revision_item.data_content_type 
_pdbx_audit_revision_item.item 
1 2 'Structure model' '_database_2.pdbx_DOI'                
2 2 'Structure model' '_database_2.pdbx_database_accession' 
# 
_pdbx_database_status.entry_id                        5S8T 
_pdbx_database_status.status_code                     REL 
_pdbx_database_status.status_code_sf                  REL 
_pdbx_database_status.status_code_mr                  ? 
_pdbx_database_status.status_code_cs                  ? 
_pdbx_database_status.recvd_initial_deposition_date   2021-01-22 
_pdbx_database_status.status_code_nmr_data            ? 
_pdbx_database_status.deposit_site                    RCSB 
_pdbx_database_status.process_site                    RCSB 
_pdbx_database_status.SG_entry                        ? 
_pdbx_database_status.pdb_format_compatible           Y 
_pdbx_database_status.methods_development_category    ? 
# 
loop_
_audit_author.name 
_audit_author.pdbx_ordinal 
_audit_author.identifier_ORCID 
'Grosjean, H.'     1  ? 
'Aimon, A.'        2  ? 
'Hassel-Hart , S.' 3  ? 
'Krojer, T.'       4  ? 
'Talon, R.'        5  ? 
'Douangamath, A.'  6  ? 
'Koekemoer, L.'    7  ? 
'Biggin, P.C.'     8  ? 
'Spencer, J.'      9  ? 
'von Delft, F.'    10 ? 
# 
_citation.id                        primary 
_citation.title                     
;Crystal Structures of the second bromodomain of Pleckstrin homology domain interacting protein (PHIP) in space group C2 soaked with crude reaction mixtures
;
_citation.journal_abbrev            'To Be Published' 
_citation.journal_volume            ? 
_citation.page_first                ? 
_citation.page_last                 ? 
_citation.year                      ? 
_citation.journal_id_ASTM           ? 
_citation.country                   ? 
_citation.journal_id_ISSN           ? 
_citation.journal_id_CSD            0353 
_citation.book_publisher            ? 
_citation.pdbx_database_id_PubMed   ? 
_citation.pdbx_database_id_DOI      ? 
# 
loop_
_citation_author.citation_id 
_citation_author.name 
_citation_author.identifier_ORCID 
_citation_author.ordinal 
primary 'Grosjean, H.'    ? 1  
primary 'Aimon, A.'       ? 2  
primary 'Hart , S.'       ? 3  
primary 'Krojer, T.'      ? 4  
primary 'Talon, R.'       ? 5  
primary 'Douangamath, A.' ? 6  
primary 'Koekemoer, L.'   ? 7  
primary 'Biggin, P.C.'    ? 8  
primary 'Spencer, J.'     ? 9  
primary 'von Delft, F.'   ? 10 
# 
loop_
_entity.id 
_entity.type 
_entity.src_method 
_entity.pdbx_description 
_entity.formula_weight 
_entity.pdbx_number_of_molecules 
_entity.pdbx_ec 
_entity.pdbx_mutation 
_entity.pdbx_fragment 
_entity.details 
1 polymer     man 'PH-interacting protein'                                               17627.859 1   ? ? ? ? 
2 non-polymer syn 'N-(1,3-benzoxazol-2-yl)-4-(furan-2-carbonyl)piperazine-1-carboxamide' 340.333   1   ? ? ? ? 
3 water       nat water                                                                  18.015    187 ? ? ? ? 
# 
_entity_name_com.entity_id   1 
_entity_name_com.name        
'PHIP,DDB1- and CUL4-associated factor 14,IRS-1 PH domain-binding protein,WD repeat-containing protein 11' 
# 
_entity_poly.entity_id                      1 
_entity_poly.type                           'polypeptide(L)' 
_entity_poly.nstd_linkage                   no 
_entity_poly.nstd_monomer                   no 
_entity_poly.pdbx_seq_one_letter_code       
;MHHHHHHSSGVDLGTENLYFQSMSYDIQAWKKQCEELLNLIFQCEDSEPFRQPVDLLEYPDYRDIIDTPMDFATVRETLE
AGNYESPMELCKDVRLIFSNSKAYTPSKRSRIYSMSLRLSAFFEEHISSVLSDYKSALRFHKRNTITKR
;
_entity_poly.pdbx_seq_one_letter_code_can   
;MHHHHHHSSGVDLGTENLYFQSMSYDIQAWKKQCEELLNLIFQCEDSEPFRQPVDLLEYPDYRDIIDTPMDFATVRETLE
AGNYESPMELCKDVRLIFSNSKAYTPSKRSRIYSMSLRLSAFFEEHISSVLSDYKSALRFHKRNTITKR
;
_entity_poly.pdbx_strand_id                 A 
_entity_poly.pdbx_target_identifier         ? 
# 
loop_
_pdbx_entity_nonpoly.entity_id 
_pdbx_entity_nonpoly.name 
_pdbx_entity_nonpoly.comp_id 
2 'N-(1,3-benzoxazol-2-yl)-4-(furan-2-carbonyl)piperazine-1-carboxamide' Y0J 
3 water                                                                  HOH 
# 
loop_
_entity_poly_seq.entity_id 
_entity_poly_seq.num 
_entity_poly_seq.mon_id 
_entity_poly_seq.hetero 
1 1   MET n 
1 2   HIS n 
1 3   HIS n 
1 4   HIS n 
1 5   HIS n 
1 6   HIS n 
1 7   HIS n 
1 8   SER n 
1 9   SER n 
1 10  GLY n 
1 11  VAL n 
1 12  ASP n 
1 13  LEU n 
1 14  GLY n 
1 15  THR n 
1 16  GLU n 
1 17  ASN n 
1 18  LEU n 
1 19  TYR n 
1 20  PHE n 
1 21  GLN n 
1 22  SER n 
1 23  MET n 
1 24  SER n 
1 25  TYR n 
1 26  ASP n 
1 27  ILE n 
1 28  GLN n 
1 29  ALA n 
1 30  TRP n 
1 31  LYS n 
1 32  LYS n 
1 33  GLN n 
1 34  CYS n 
1 35  GLU n 
1 36  GLU n 
1 37  LEU n 
1 38  LEU n 
1 39  ASN n 
1 40  LEU n 
1 41  ILE n 
1 42  PHE n 
1 43  GLN n 
1 44  CYS n 
1 45  GLU n 
1 46  ASP n 
1 47  SER n 
1 48  GLU n 
1 49  PRO n 
1 50  PHE n 
1 51  ARG n 
1 52  GLN n 
1 53  PRO n 
1 54  VAL n 
1 55  ASP n 
1 56  LEU n 
1 57  LEU n 
1 58  GLU n 
1 59  TYR n 
1 60  PRO n 
1 61  ASP n 
1 62  TYR n 
1 63  ARG n 
1 64  ASP n 
1 65  ILE n 
1 66  ILE n 
1 67  ASP n 
1 68  THR n 
1 69  PRO n 
1 70  MET n 
1 71  ASP n 
1 72  PHE n 
1 73  ALA n 
1 74  THR n 
1 75  VAL n 
1 76  ARG n 
1 77  GLU n 
1 78  THR n 
1 79  LEU n 
1 80  GLU n 
1 81  ALA n 
1 82  GLY n 
1 83  ASN n 
1 84  TYR n 
1 85  GLU n 
1 86  SER n 
1 87  PRO n 
1 88  MET n 
1 89  GLU n 
1 90  LEU n 
1 91  CYS n 
1 92  LYS n 
1 93  ASP n 
1 94  VAL n 
1 95  ARG n 
1 96  LEU n 
1 97  ILE n 
1 98  PHE n 
1 99  SER n 
1 100 ASN n 
1 101 SER n 
1 102 LYS n 
1 103 ALA n 
1 104 TYR n 
1 105 THR n 
1 106 PRO n 
1 107 SER n 
1 108 LYS n 
1 109 ARG n 
1 110 SER n 
1 111 ARG n 
1 112 ILE n 
1 113 TYR n 
1 114 SER n 
1 115 MET n 
1 116 SER n 
1 117 LEU n 
1 118 ARG n 
1 119 LEU n 
1 120 SER n 
1 121 ALA n 
1 122 PHE n 
1 123 PHE n 
1 124 GLU n 
1 125 GLU n 
1 126 HIS n 
1 127 ILE n 
1 128 SER n 
1 129 SER n 
1 130 VAL n 
1 131 LEU n 
1 132 SER n 
1 133 ASP n 
1 134 TYR n 
1 135 LYS n 
1 136 SER n 
1 137 ALA n 
1 138 LEU n 
1 139 ARG n 
1 140 PHE n 
1 141 HIS n 
1 142 LYS n 
1 143 ARG n 
1 144 ASN n 
1 145 THR n 
1 146 ILE n 
1 147 THR n 
1 148 LYS n 
1 149 ARG n 
# 
_entity_src_gen.entity_id                          1 
_entity_src_gen.pdbx_src_id                        1 
_entity_src_gen.pdbx_alt_source_flag               sample 
_entity_src_gen.pdbx_seq_type                      'Biological sequence' 
_entity_src_gen.pdbx_beg_seq_num                   1 
_entity_src_gen.pdbx_end_seq_num                   149 
_entity_src_gen.gene_src_common_name               Human 
_entity_src_gen.gene_src_genus                     ? 
_entity_src_gen.pdbx_gene_src_gene                 'PHIP, DCAF14, WDR11' 
_entity_src_gen.gene_src_species                   ? 
_entity_src_gen.gene_src_strain                    ? 
_entity_src_gen.gene_src_tissue                    ? 
_entity_src_gen.gene_src_tissue_fraction           ? 
_entity_src_gen.gene_src_details                   ? 
_entity_src_gen.pdbx_gene_src_fragment             ? 
_entity_src_gen.pdbx_gene_src_scientific_name      'Homo sapiens' 
_entity_src_gen.pdbx_gene_src_ncbi_taxonomy_id     9606 
_entity_src_gen.pdbx_gene_src_variant              ? 
_entity_src_gen.pdbx_gene_src_cell_line            ? 
_entity_src_gen.pdbx_gene_src_atcc                 ? 
_entity_src_gen.pdbx_gene_src_organ                ? 
_entity_src_gen.pdbx_gene_src_organelle            ? 
_entity_src_gen.pdbx_gene_src_cell                 ? 
_entity_src_gen.pdbx_gene_src_cellular_location    ? 
_entity_src_gen.host_org_common_name               ? 
_entity_src_gen.pdbx_host_org_scientific_name      'Escherichia coli' 
_entity_src_gen.pdbx_host_org_ncbi_taxonomy_id     562 
_entity_src_gen.host_org_genus                     ? 
_entity_src_gen.pdbx_host_org_gene                 ? 
_entity_src_gen.pdbx_host_org_organ                ? 
_entity_src_gen.host_org_species                   ? 
_entity_src_gen.pdbx_host_org_tissue               ? 
_entity_src_gen.pdbx_host_org_tissue_fraction      ? 
_entity_src_gen.pdbx_host_org_strain               ? 
_entity_src_gen.pdbx_host_org_variant              ? 
_entity_src_gen.pdbx_host_org_cell_line            ? 
_entity_src_gen.pdbx_host_org_atcc                 ? 
_entity_src_gen.pdbx_host_org_culture_collection   ? 
_entity_src_gen.pdbx_host_org_cell                 ? 
_entity_src_gen.pdbx_host_org_organelle            ? 
_entity_src_gen.pdbx_host_org_cellular_location    ? 
_entity_src_gen.pdbx_host_org_vector_type          ? 
_entity_src_gen.pdbx_host_org_vector               ? 
_entity_src_gen.host_org_details                   ? 
_entity_src_gen.expression_system_id               ? 
_entity_src_gen.plasmid_name                       ? 
_entity_src_gen.plasmid_details                    ? 
_entity_src_gen.pdbx_description                   ? 
# 
loop_
_chem_comp.id 
_chem_comp.type 
_chem_comp.mon_nstd_flag 
_chem_comp.name 
_chem_comp.pdbx_synonyms 
_chem_comp.formula 
_chem_comp.formula_weight 
ALA 'L-peptide linking' y ALANINE                                                                ? 'C3 H7 N O2'     89.093  
ARG 'L-peptide linking' y ARGININE                                                               ? 'C6 H15 N4 O2 1' 175.209 
ASN 'L-peptide linking' y ASPARAGINE                                                             ? 'C4 H8 N2 O3'    132.118 
ASP 'L-peptide linking' y 'ASPARTIC ACID'                                                        ? 'C4 H7 N O4'     133.103 
CYS 'L-peptide linking' y CYSTEINE                                                               ? 'C3 H7 N O2 S'   121.158 
GLN 'L-peptide linking' y GLUTAMINE                                                              ? 'C5 H10 N2 O3'   146.144 
GLU 'L-peptide linking' y 'GLUTAMIC ACID'                                                        ? 'C5 H9 N O4'     147.129 
GLY 'peptide linking'   y GLYCINE                                                                ? 'C2 H5 N O2'     75.067  
HIS 'L-peptide linking' y HISTIDINE                                                              ? 'C6 H10 N3 O2 1' 156.162 
HOH non-polymer         . WATER                                                                  ? 'H2 O'           18.015  
ILE 'L-peptide linking' y ISOLEUCINE                                                             ? 'C6 H13 N O2'    131.173 
LEU 'L-peptide linking' y LEUCINE                                                                ? 'C6 H13 N O2'    131.173 
LYS 'L-peptide linking' y LYSINE                                                                 ? 'C6 H15 N2 O2 1' 147.195 
MET 'L-peptide linking' y METHIONINE                                                             ? 'C5 H11 N O2 S'  149.211 
PHE 'L-peptide linking' y PHENYLALANINE                                                          ? 'C9 H11 N O2'    165.189 
PRO 'L-peptide linking' y PROLINE                                                                ? 'C5 H9 N O2'     115.130 
SER 'L-peptide linking' y SERINE                                                                 ? 'C3 H7 N O3'     105.093 
THR 'L-peptide linking' y THREONINE                                                              ? 'C4 H9 N O3'     119.119 
TRP 'L-peptide linking' y TRYPTOPHAN                                                             ? 'C11 H12 N2 O2'  204.225 
TYR 'L-peptide linking' y TYROSINE                                                               ? 'C9 H11 N O3'    181.189 
VAL 'L-peptide linking' y VALINE                                                                 ? 'C5 H11 N O2'    117.146 
Y0J non-polymer         . 'N-(1,3-benzoxazol-2-yl)-4-(furan-2-carbonyl)piperazine-1-carboxamide' ? 'C17 H16 N4 O4'  340.333 
# 
loop_
_pdbx_poly_seq_scheme.asym_id 
_pdbx_poly_seq_scheme.entity_id 
_pdbx_poly_seq_scheme.seq_id 
_pdbx_poly_seq_scheme.mon_id 
_pdbx_poly_seq_scheme.ndb_seq_num 
_pdbx_poly_seq_scheme.pdb_seq_num 
_pdbx_poly_seq_scheme.auth_seq_num 
_pdbx_poly_seq_scheme.pdb_mon_id 
_pdbx_poly_seq_scheme.auth_mon_id 
_pdbx_poly_seq_scheme.pdb_strand_id 
_pdbx_poly_seq_scheme.pdb_ins_code 
_pdbx_poly_seq_scheme.hetero 
A 1 1   MET 1   1292 ?    ?   ?   A . n 
A 1 2   HIS 2   1293 ?    ?   ?   A . n 
A 1 3   HIS 3   1294 ?    ?   ?   A . n 
A 1 4   HIS 4   1295 ?    ?   ?   A . n 
A 1 5   HIS 5   1296 ?    ?   ?   A . n 
A 1 6   HIS 6   1297 ?    ?   ?   A . n 
A 1 7   HIS 7   1298 ?    ?   ?   A . n 
A 1 8   SER 8   1299 ?    ?   ?   A . n 
A 1 9   SER 9   1300 ?    ?   ?   A . n 
A 1 10  GLY 10  1301 ?    ?   ?   A . n 
A 1 11  VAL 11  1302 ?    ?   ?   A . n 
A 1 12  ASP 12  1303 ?    ?   ?   A . n 
A 1 13  LEU 13  1304 ?    ?   ?   A . n 
A 1 14  GLY 14  1305 ?    ?   ?   A . n 
A 1 15  THR 15  1306 ?    ?   ?   A . n 
A 1 16  GLU 16  1307 ?    ?   ?   A . n 
A 1 17  ASN 17  1308 ?    ?   ?   A . n 
A 1 18  LEU 18  1309 ?    ?   ?   A . n 
A 1 19  TYR 19  1310 ?    ?   ?   A . n 
A 1 20  PHE 20  1311 ?    ?   ?   A . n 
A 1 21  GLN 21  1312 ?    ?   ?   A . n 
A 1 22  SER 22  1313 ?    ?   ?   A . n 
A 1 23  MET 23  1314 ?    ?   ?   A . n 
A 1 24  SER 24  1315 ?    ?   ?   A . n 
A 1 25  TYR 25  1316 1316 TYR TYR A . n 
A 1 26  ASP 26  1317 1317 ASP ASP A . n 
A 1 27  ILE 27  1318 1318 ILE ILE A . n 
A 1 28  GLN 28  1319 1319 GLN GLN A . n 
A 1 29  ALA 29  1320 1320 ALA ALA A . n 
A 1 30  TRP 30  1321 1321 TRP TRP A . n 
A 1 31  LYS 31  1322 1322 LYS LYS A . n 
A 1 32  LYS 32  1323 1323 LYS LYS A . n 
A 1 33  GLN 33  1324 1324 GLN GLN A . n 
A 1 34  CYS 34  1325 1325 CYS CYS A . n 
A 1 35  GLU 35  1326 1326 GLU GLU A . n 
A 1 36  GLU 36  1327 1327 GLU GLU A . n 
A 1 37  LEU 37  1328 1328 LEU LEU A . n 
A 1 38  LEU 38  1329 1329 LEU LEU A . n 
A 1 39  ASN 39  1330 1330 ASN ASN A . n 
A 1 40  LEU 40  1331 1331 LEU LEU A . n 
A 1 41  ILE 41  1332 1332 ILE ILE A . n 
A 1 42  PHE 42  1333 1333 PHE PHE A . n 
A 1 43  GLN 43  1334 1334 GLN GLN A . n 
A 1 44  CYS 44  1335 1335 CYS CYS A . n 
A 1 45  GLU 45  1336 1336 GLU GLU A . n 
A 1 46  ASP 46  1337 1337 ASP ASP A . n 
A 1 47  SER 47  1338 1338 SER SER A . n 
A 1 48  GLU 48  1339 1339 GLU GLU A . n 
A 1 49  PRO 49  1340 1340 PRO PRO A . n 
A 1 50  PHE 50  1341 1341 PHE PHE A . n 
A 1 51  ARG 51  1342 1342 ARG ARG A . n 
A 1 52  GLN 52  1343 1343 GLN GLN A . n 
A 1 53  PRO 53  1344 1344 PRO PRO A . n 
A 1 54  VAL 54  1345 1345 VAL VAL A . n 
A 1 55  ASP 55  1346 1346 ASP ASP A . n 
A 1 56  LEU 56  1347 1347 LEU LEU A . n 
A 1 57  LEU 57  1348 1348 LEU LEU A . n 
A 1 58  GLU 58  1349 1349 GLU GLU A . n 
A 1 59  TYR 59  1350 1350 TYR TYR A . n 
A 1 60  PRO 60  1351 1351 PRO PRO A . n 
A 1 61  ASP 61  1352 1352 ASP ASP A . n 
A 1 62  TYR 62  1353 1353 TYR TYR A . n 
A 1 63  ARG 63  1354 1354 ARG ARG A . n 
A 1 64  ASP 64  1355 1355 ASP ASP A . n 
A 1 65  ILE 65  1356 1356 ILE ILE A . n 
A 1 66  ILE 66  1357 1357 ILE ILE A . n 
A 1 67  ASP 67  1358 1358 ASP ASP A . n 
A 1 68  THR 68  1359 1359 THR THR A . n 
A 1 69  PRO 69  1360 1360 PRO PRO A . n 
A 1 70  MET 70  1361 1361 MET MET A . n 
A 1 71  ASP 71  1362 1362 ASP ASP A . n 
A 1 72  PHE 72  1363 1363 PHE PHE A . n 
A 1 73  ALA 73  1364 1364 ALA ALA A . n 
A 1 74  THR 74  1365 1365 THR THR A . n 
A 1 75  VAL 75  1366 1366 VAL VAL A . n 
A 1 76  ARG 76  1367 1367 ARG ARG A . n 
A 1 77  GLU 77  1368 1368 GLU GLU A . n 
A 1 78  THR 78  1369 1369 THR THR A . n 
A 1 79  LEU 79  1370 1370 LEU LEU A . n 
A 1 80  GLU 80  1371 1371 GLU GLU A . n 
A 1 81  ALA 81  1372 1372 ALA ALA A . n 
A 1 82  GLY 82  1373 1373 GLY GLY A . n 
A 1 83  ASN 83  1374 1374 ASN ASN A . n 
A 1 84  TYR 84  1375 1375 TYR TYR A . n 
A 1 85  GLU 85  1376 1376 GLU GLU A . n 
A 1 86  SER 86  1377 1377 SER SER A . n 
A 1 87  PRO 87  1378 1378 PRO PRO A . n 
A 1 88  MET 88  1379 1379 MET MET A . n 
A 1 89  GLU 89  1380 1380 GLU GLU A . n 
A 1 90  LEU 90  1381 1381 LEU LEU A . n 
A 1 91  CYS 91  1382 1382 CYS CYS A . n 
A 1 92  LYS 92  1383 1383 LYS LYS A . n 
A 1 93  ASP 93  1384 1384 ASP ASP A . n 
A 1 94  VAL 94  1385 1385 VAL VAL A . n 
A 1 95  ARG 95  1386 1386 ARG ARG A . n 
A 1 96  LEU 96  1387 1387 LEU LEU A . n 
A 1 97  ILE 97  1388 1388 ILE ILE A . n 
A 1 98  PHE 98  1389 1389 PHE PHE A . n 
A 1 99  SER 99  1390 1390 SER SER A . n 
A 1 100 ASN 100 1391 1391 ASN ASN A . n 
A 1 101 SER 101 1392 1392 SER SER A . n 
A 1 102 LYS 102 1393 1393 LYS LYS A . n 
A 1 103 ALA 103 1394 1394 ALA ALA A . n 
A 1 104 TYR 104 1395 1395 TYR TYR A . n 
A 1 105 THR 105 1396 1396 THR THR A . n 
A 1 106 PRO 106 1397 1397 PRO PRO A . n 
A 1 107 SER 107 1398 1398 SER SER A . n 
A 1 108 LYS 108 1399 1399 LYS LYS A . n 
A 1 109 ARG 109 1400 1400 ARG ARG A . n 
A 1 110 SER 110 1401 1401 SER SER A . n 
A 1 111 ARG 111 1402 1402 ARG ARG A . n 
A 1 112 ILE 112 1403 1403 ILE ILE A . n 
A 1 113 TYR 113 1404 1404 TYR TYR A . n 
A 1 114 SER 114 1405 1405 SER SER A . n 
A 1 115 MET 115 1406 1406 MET MET A . n 
A 1 116 SER 116 1407 1407 SER SER A . n 
A 1 117 LEU 117 1408 1408 LEU LEU A . n 
A 1 118 ARG 118 1409 1409 ARG ARG A . n 
A 1 119 LEU 119 1410 1410 LEU LEU A . n 
A 1 120 SER 120 1411 1411 SER SER A . n 
A 1 121 ALA 121 1412 1412 ALA ALA A . n 
A 1 122 PHE 122 1413 1413 PHE PHE A . n 
A 1 123 PHE 123 1414 1414 PHE PHE A . n 
A 1 124 GLU 124 1415 1415 GLU GLU A . n 
A 1 125 GLU 125 1416 1416 GLU GLU A . n 
A 1 126 HIS 126 1417 1417 HIS HIS A . n 
A 1 127 ILE 127 1418 1418 ILE ILE A . n 
A 1 128 SER 128 1419 1419 SER SER A . n 
A 1 129 SER 129 1420 1420 SER SER A . n 
A 1 130 VAL 130 1421 1421 VAL VAL A . n 
A 1 131 LEU 131 1422 1422 LEU LEU A . n 
A 1 132 SER 132 1423 1423 SER SER A . n 
A 1 133 ASP 133 1424 1424 ASP ASP A . n 
A 1 134 TYR 134 1425 1425 TYR TYR A . n 
A 1 135 LYS 135 1426 1426 LYS LYS A . n 
A 1 136 SER 136 1427 1427 SER SER A . n 
A 1 137 ALA 137 1428 1428 ALA ALA A . n 
A 1 138 LEU 138 1429 1429 LEU LEU A . n 
A 1 139 ARG 139 1430 1430 ARG ARG A . n 
A 1 140 PHE 140 1431 1431 PHE PHE A . n 
A 1 141 HIS 141 1432 1432 HIS HIS A . n 
A 1 142 LYS 142 1433 1433 LYS LYS A . n 
A 1 143 ARG 143 1434 1434 ARG ARG A . n 
A 1 144 ASN 144 1435 ?    ?   ?   A . n 
A 1 145 THR 145 1436 ?    ?   ?   A . n 
A 1 146 ILE 146 1437 ?    ?   ?   A . n 
A 1 147 THR 147 1438 ?    ?   ?   A . n 
A 1 148 LYS 148 1439 ?    ?   ?   A . n 
A 1 149 ARG 149 1440 ?    ?   ?   A . n 
# 
loop_
_pdbx_nonpoly_scheme.asym_id 
_pdbx_nonpoly_scheme.entity_id 
_pdbx_nonpoly_scheme.mon_id 
_pdbx_nonpoly_scheme.ndb_seq_num 
_pdbx_nonpoly_scheme.pdb_seq_num 
_pdbx_nonpoly_scheme.auth_seq_num 
_pdbx_nonpoly_scheme.pdb_mon_id 
_pdbx_nonpoly_scheme.auth_mon_id 
_pdbx_nonpoly_scheme.pdb_strand_id 
_pdbx_nonpoly_scheme.pdb_ins_code 
B 2 Y0J 1   1501 1501 Y0J LIG A . 
C 3 HOH 1   1601 197  HOH HOH A . 
C 3 HOH 2   1602 172  HOH HOH A . 
C 3 HOH 3   1603 98   HOH HOH A . 
C 3 HOH 4   1604 151  HOH HOH A . 
C 3 HOH 5   1605 167  HOH HOH A . 
C 3 HOH 6   1606 121  HOH HOH A . 
C 3 HOH 7   1607 66   HOH HOH A . 
C 3 HOH 8   1608 183  HOH HOH A . 
C 3 HOH 9   1609 142  HOH HOH A . 
C 3 HOH 10  1610 184  HOH HOH A . 
C 3 HOH 11  1611 162  HOH HOH A . 
C 3 HOH 12  1612 7    HOH HOH A . 
C 3 HOH 13  1613 85   HOH HOH A . 
C 3 HOH 14  1614 89   HOH HOH A . 
C 3 HOH 15  1615 144  HOH HOH A . 
C 3 HOH 16  1616 135  HOH HOH A . 
C 3 HOH 17  1617 154  HOH HOH A . 
C 3 HOH 18  1618 179  HOH HOH A . 
C 3 HOH 19  1619 149  HOH HOH A . 
C 3 HOH 20  1620 10   HOH HOH A . 
C 3 HOH 21  1621 74   HOH HOH A . 
C 3 HOH 22  1622 129  HOH HOH A . 
C 3 HOH 23  1623 204  HOH HOH A . 
C 3 HOH 24  1624 124  HOH HOH A . 
C 3 HOH 25  1625 96   HOH HOH A . 
C 3 HOH 26  1626 55   HOH HOH A . 
C 3 HOH 27  1627 70   HOH HOH A . 
C 3 HOH 28  1628 108  HOH HOH A . 
C 3 HOH 29  1629 187  HOH HOH A . 
C 3 HOH 30  1630 36   HOH HOH A . 
C 3 HOH 31  1631 123  HOH HOH A . 
C 3 HOH 32  1632 141  HOH HOH A . 
C 3 HOH 33  1633 33   HOH HOH A . 
C 3 HOH 34  1634 25   HOH HOH A . 
C 3 HOH 35  1635 171  HOH HOH A . 
C 3 HOH 36  1636 16   HOH HOH A . 
C 3 HOH 37  1637 86   HOH HOH A . 
C 3 HOH 38  1638 174  HOH HOH A . 
C 3 HOH 39  1639 20   HOH HOH A . 
C 3 HOH 40  1640 41   HOH HOH A . 
C 3 HOH 41  1641 31   HOH HOH A . 
C 3 HOH 42  1642 140  HOH HOH A . 
C 3 HOH 43  1643 39   HOH HOH A . 
C 3 HOH 44  1644 161  HOH HOH A . 
C 3 HOH 45  1645 182  HOH HOH A . 
C 3 HOH 46  1646 163  HOH HOH A . 
C 3 HOH 47  1647 83   HOH HOH A . 
C 3 HOH 48  1648 75   HOH HOH A . 
C 3 HOH 49  1649 139  HOH HOH A . 
C 3 HOH 50  1650 60   HOH HOH A . 
C 3 HOH 51  1651 4    HOH HOH A . 
C 3 HOH 52  1652 3    HOH HOH A . 
C 3 HOH 53  1653 9    HOH HOH A . 
C 3 HOH 54  1654 152  HOH HOH A . 
C 3 HOH 55  1655 94   HOH HOH A . 
C 3 HOH 56  1656 45   HOH HOH A . 
C 3 HOH 57  1657 118  HOH HOH A . 
C 3 HOH 58  1658 84   HOH HOH A . 
C 3 HOH 59  1659 65   HOH HOH A . 
C 3 HOH 60  1660 64   HOH HOH A . 
C 3 HOH 61  1661 14   HOH HOH A . 
C 3 HOH 62  1662 5    HOH HOH A . 
C 3 HOH 63  1663 1    HOH HOH A . 
C 3 HOH 64  1664 77   HOH HOH A . 
C 3 HOH 65  1665 11   HOH HOH A . 
C 3 HOH 66  1666 158  HOH HOH A . 
C 3 HOH 67  1667 28   HOH HOH A . 
C 3 HOH 68  1668 92   HOH HOH A . 
C 3 HOH 69  1669 80   HOH HOH A . 
C 3 HOH 70  1670 59   HOH HOH A . 
C 3 HOH 71  1671 82   HOH HOH A . 
C 3 HOH 72  1672 35   HOH HOH A . 
C 3 HOH 73  1673 160  HOH HOH A . 
C 3 HOH 74  1674 44   HOH HOH A . 
C 3 HOH 75  1675 52   HOH HOH A . 
C 3 HOH 76  1676 27   HOH HOH A . 
C 3 HOH 77  1677 62   HOH HOH A . 
C 3 HOH 78  1678 6    HOH HOH A . 
C 3 HOH 79  1679 180  HOH HOH A . 
C 3 HOH 80  1680 130  HOH HOH A . 
C 3 HOH 81  1681 54   HOH HOH A . 
C 3 HOH 82  1682 69   HOH HOH A . 
C 3 HOH 83  1683 50   HOH HOH A . 
C 3 HOH 84  1684 23   HOH HOH A . 
C 3 HOH 85  1685 48   HOH HOH A . 
C 3 HOH 86  1686 29   HOH HOH A . 
C 3 HOH 87  1687 76   HOH HOH A . 
C 3 HOH 88  1688 119  HOH HOH A . 
C 3 HOH 89  1689 157  HOH HOH A . 
C 3 HOH 90  1690 138  HOH HOH A . 
C 3 HOH 91  1691 19   HOH HOH A . 
C 3 HOH 92  1692 150  HOH HOH A . 
C 3 HOH 93  1693 113  HOH HOH A . 
C 3 HOH 94  1694 122  HOH HOH A . 
C 3 HOH 95  1695 71   HOH HOH A . 
C 3 HOH 96  1696 93   HOH HOH A . 
C 3 HOH 97  1697 191  HOH HOH A . 
C 3 HOH 98  1698 143  HOH HOH A . 
C 3 HOH 99  1699 42   HOH HOH A . 
C 3 HOH 100 1700 40   HOH HOH A . 
C 3 HOH 101 1701 106  HOH HOH A . 
C 3 HOH 102 1702 178  HOH HOH A . 
C 3 HOH 103 1703 56   HOH HOH A . 
C 3 HOH 104 1704 15   HOH HOH A . 
C 3 HOH 105 1705 63   HOH HOH A . 
C 3 HOH 106 1706 37   HOH HOH A . 
C 3 HOH 107 1707 72   HOH HOH A . 
C 3 HOH 108 1708 90   HOH HOH A . 
C 3 HOH 109 1709 116  HOH HOH A . 
C 3 HOH 110 1710 81   HOH HOH A . 
C 3 HOH 111 1711 105  HOH HOH A . 
C 3 HOH 112 1712 101  HOH HOH A . 
C 3 HOH 113 1713 38   HOH HOH A . 
C 3 HOH 114 1714 134  HOH HOH A . 
C 3 HOH 115 1715 67   HOH HOH A . 
C 3 HOH 116 1716 126  HOH HOH A . 
C 3 HOH 117 1717 2    HOH HOH A . 
C 3 HOH 118 1718 22   HOH HOH A . 
C 3 HOH 119 1719 120  HOH HOH A . 
C 3 HOH 120 1720 88   HOH HOH A . 
C 3 HOH 121 1721 34   HOH HOH A . 
C 3 HOH 122 1722 57   HOH HOH A . 
C 3 HOH 123 1723 125  HOH HOH A . 
C 3 HOH 124 1724 137  HOH HOH A . 
C 3 HOH 125 1725 12   HOH HOH A . 
C 3 HOH 126 1726 49   HOH HOH A . 
C 3 HOH 127 1727 91   HOH HOH A . 
C 3 HOH 128 1728 53   HOH HOH A . 
C 3 HOH 129 1729 159  HOH HOH A . 
C 3 HOH 130 1730 181  HOH HOH A . 
C 3 HOH 131 1731 145  HOH HOH A . 
C 3 HOH 132 1732 131  HOH HOH A . 
C 3 HOH 133 1733 13   HOH HOH A . 
C 3 HOH 134 1734 117  HOH HOH A . 
C 3 HOH 135 1735 136  HOH HOH A . 
C 3 HOH 136 1736 109  HOH HOH A . 
C 3 HOH 137 1737 95   HOH HOH A . 
C 3 HOH 138 1738 176  HOH HOH A . 
C 3 HOH 139 1739 146  HOH HOH A . 
C 3 HOH 140 1740 177  HOH HOH A . 
C 3 HOH 141 1741 153  HOH HOH A . 
C 3 HOH 142 1742 127  HOH HOH A . 
C 3 HOH 143 1743 175  HOH HOH A . 
C 3 HOH 144 1744 202  HOH HOH A . 
C 3 HOH 145 1745 164  HOH HOH A . 
C 3 HOH 146 1746 132  HOH HOH A . 
C 3 HOH 147 1747 173  HOH HOH A . 
C 3 HOH 148 1748 114  HOH HOH A . 
C 3 HOH 149 1749 166  HOH HOH A . 
C 3 HOH 150 1750 30   HOH HOH A . 
C 3 HOH 151 1751 185  HOH HOH A . 
C 3 HOH 152 1752 8    HOH HOH A . 
C 3 HOH 153 1753 156  HOH HOH A . 
C 3 HOH 154 1754 186  HOH HOH A . 
C 3 HOH 155 1755 107  HOH HOH A . 
C 3 HOH 156 1756 199  HOH HOH A . 
C 3 HOH 157 1757 115  HOH HOH A . 
C 3 HOH 158 1758 61   HOH HOH A . 
C 3 HOH 159 1759 99   HOH HOH A . 
C 3 HOH 160 1760 188  HOH HOH A . 
C 3 HOH 161 1761 170  HOH HOH A . 
C 3 HOH 162 1762 190  HOH HOH A . 
C 3 HOH 163 1763 100  HOH HOH A . 
C 3 HOH 164 1764 104  HOH HOH A . 
C 3 HOH 165 1765 51   HOH HOH A . 
C 3 HOH 166 1766 193  HOH HOH A . 
C 3 HOH 167 1767 103  HOH HOH A . 
C 3 HOH 168 1768 78   HOH HOH A . 
C 3 HOH 169 1769 198  HOH HOH A . 
C 3 HOH 170 1770 68   HOH HOH A . 
C 3 HOH 171 1771 110  HOH HOH A . 
C 3 HOH 172 1772 73   HOH HOH A . 
C 3 HOH 173 1773 46   HOH HOH A . 
C 3 HOH 174 1774 102  HOH HOH A . 
C 3 HOH 175 1775 168  HOH HOH A . 
C 3 HOH 176 1776 112  HOH HOH A . 
C 3 HOH 177 1777 201  HOH HOH A . 
C 3 HOH 178 1778 196  HOH HOH A . 
C 3 HOH 179 1779 189  HOH HOH A . 
C 3 HOH 180 1780 192  HOH HOH A . 
C 3 HOH 181 1781 200  HOH HOH A . 
C 3 HOH 182 1782 111  HOH HOH A . 
C 3 HOH 183 1783 97   HOH HOH A . 
C 3 HOH 184 1784 148  HOH HOH A . 
C 3 HOH 185 1785 87   HOH HOH A . 
C 3 HOH 186 1786 203  HOH HOH A . 
C 3 HOH 187 1787 79   HOH HOH A . 
# 
loop_
_pdbx_unobs_or_zero_occ_atoms.id 
_pdbx_unobs_or_zero_occ_atoms.PDB_model_num 
_pdbx_unobs_or_zero_occ_atoms.polymer_flag 
_pdbx_unobs_or_zero_occ_atoms.occupancy_flag 
_pdbx_unobs_or_zero_occ_atoms.auth_asym_id 
_pdbx_unobs_or_zero_occ_atoms.auth_comp_id 
_pdbx_unobs_or_zero_occ_atoms.auth_seq_id 
_pdbx_unobs_or_zero_occ_atoms.PDB_ins_code 
_pdbx_unobs_or_zero_occ_atoms.auth_atom_id 
_pdbx_unobs_or_zero_occ_atoms.label_alt_id 
_pdbx_unobs_or_zero_occ_atoms.label_asym_id 
_pdbx_unobs_or_zero_occ_atoms.label_comp_id 
_pdbx_unobs_or_zero_occ_atoms.label_seq_id 
_pdbx_unobs_or_zero_occ_atoms.label_atom_id 
1 1 Y 1 A LYS 1323 ? CE ? A LYS 32 CE 
2 1 Y 1 A LYS 1323 ? NZ ? A LYS 32 NZ 
# 
loop_
_software.pdbx_ordinal 
_software.name 
_software.version 
_software.date 
_software.type 
_software.contact_author 
_software.contact_author_email 
_software.classification 
_software.location 
_software.language 
_software.citation_id 
1 REFMAC      5.8.0267 ?               program 'Garib N. Murshudov' garib@ysbl.york.ac.uk    refinement        
http://www.ccp4.ac.uk/dist/html/refmac5.html        Fortran_77 ? 
2 Aimless     0.7.4    13/12/18        program 'Phil Evans'         ?                        'data scaling'    
http://www.mrc-lmb.cam.ac.uk/harry/pre/aimless.html ?          ? 
3 PDB_EXTRACT 3.23     'SEP. 23, 2016' package PDB                  deposit@deposit.rcsb.org 'data extraction' 
http://sw-tools.pdb.org/apps/PDB_EXTRACT/           C++        ? 
4 XDS         .        ?               program ?                    ?                        'data reduction'  ? ?          ? 
5 REFMAC      .        ?               program ?                    ?                        phasing           ? ?          ? 
# 
_cell.entry_id           5S8T 
_cell.length_a           81.398 
_cell.length_b           27.172 
_cell.length_c           55.994 
_cell.angle_alpha        90.000 
_cell.angle_beta         100.200 
_cell.angle_gamma        90.000 
_cell.Z_PDB              4 
_cell.pdbx_unique_axis   ? 
# 
_symmetry.entry_id                         5S8T 
_symmetry.Int_Tables_number                5 
_symmetry.space_group_name_H-M             'C 1 2 1' 
_symmetry.pdbx_full_space_group_name_H-M   ? 
_symmetry.cell_setting                     ? 
# 
_exptl.crystals_number   1 
_exptl.entry_id          5S8T 
_exptl.method            'X-RAY DIFFRACTION' 
# 
_exptl_crystal.id                    1 
_exptl_crystal.pdbx_mosaicity        0.000 
_exptl_crystal.pdbx_mosaicity_esd    ? 
_exptl_crystal.density_Matthews      1.73 
_exptl_crystal.density_diffrn        ? 
_exptl_crystal.density_meas          ? 
_exptl_crystal.density_meas_temp     ? 
_exptl_crystal.density_percent_sol   28.84 
_exptl_crystal.size_max              ? 
_exptl_crystal.size_mid              ? 
_exptl_crystal.size_min              ? 
_exptl_crystal.size_rad              ? 
_exptl_crystal.description           ? 
_exptl_crystal.preparation           ? 
# 
_exptl_crystal_grow.crystal_id      1 
_exptl_crystal_grow.method          'VAPOR DIFFUSION, SITTING DROP' 
_exptl_crystal_grow.pH              5.6 
_exptl_crystal_grow.temp            277 
_exptl_crystal_grow.pdbx_details    '20% PEG 8000, 0.04M POTASSIUM PHOSPHATE' 
_exptl_crystal_grow.temp_details    ? 
_exptl_crystal_grow.pdbx_pH_range   ? 
# 
_diffrn.id                               1 
_diffrn.ambient_temp                     100 
_diffrn.crystal_id                       1 
_diffrn.ambient_temp_details             ? 
_diffrn.pdbx_serial_crystal_experiment   ? 
# 
_diffrn_detector.detector               PIXEL 
_diffrn_detector.type                   'DECTRIS PILATUS 6M' 
_diffrn_detector.pdbx_collection_date   2019-04-08 
_diffrn_detector.diffrn_id              1 
_diffrn_detector.details                ? 
# 
_diffrn_radiation.diffrn_id                        1 
_diffrn_radiation.wavelength_id                    1 
_diffrn_radiation.pdbx_diffrn_protocol             'SINGLE WAVELENGTH' 
_diffrn_radiation.pdbx_monochromatic_or_laue_m_l   ? 
_diffrn_radiation.monochromator                    ? 
_diffrn_radiation.pdbx_scattering_type             x-ray 
# 
_diffrn_radiation_wavelength.id           1 
_diffrn_radiation_wavelength.wavelength   0.9159 
_diffrn_radiation_wavelength.wt           1.0 
# 
_diffrn_source.diffrn_id                   1 
_diffrn_source.source                      SYNCHROTRON 
_diffrn_source.type                        'DIAMOND BEAMLINE I04-1' 
_diffrn_source.pdbx_wavelength_list        0.9159 
_diffrn_source.pdbx_synchrotron_site       Diamond 
_diffrn_source.pdbx_synchrotron_beamline   I04-1 
_diffrn_source.pdbx_wavelength             ? 
# 
_reflns.entry_id                     5S8T 
_reflns.pdbx_diffrn_id               1 
_reflns.pdbx_ordinal                 1 
_reflns.observed_criterion_sigma_I   ? 
_reflns.observed_criterion_sigma_F   ? 
_reflns.d_resolution_low             55.120 
_reflns.d_resolution_high            1.220 
_reflns.number_obs                   31603 
_reflns.number_all                   ? 
_reflns.percent_possible_obs         87.200 
_reflns.pdbx_Rmerge_I_obs            0.028 
_reflns.pdbx_Rsym_value              ? 
_reflns.pdbx_netI_over_sigmaI        15.200 
_reflns.B_iso_Wilson_estimate        ? 
_reflns.pdbx_redundancy              2.500 
_reflns.pdbx_Rrim_I_all              0.034 
_reflns.pdbx_Rpim_I_all              0.019 
_reflns.pdbx_CC_half                 0.999 
_reflns.pdbx_netI_over_av_sigmaI     ? 
_reflns.pdbx_number_measured_all     79801 
_reflns.pdbx_scaling_rejects         109 
_reflns.pdbx_chi_squared             ? 
_reflns.Rmerge_F_all                 ? 
_reflns.Rmerge_F_obs                 ? 
_reflns.observed_criterion_F_max     ? 
_reflns.observed_criterion_F_min     ? 
_reflns.observed_criterion_I_max     ? 
_reflns.observed_criterion_I_min     ? 
_reflns.pdbx_d_res_high_opt          ? 
_reflns.pdbx_d_res_low_opt           ? 
_reflns.details                      ? 
_reflns.pdbx_CC_star                 ? 
# 
loop_
_reflns_shell.pdbx_diffrn_id 
_reflns_shell.pdbx_ordinal 
_reflns_shell.d_res_high 
_reflns_shell.d_res_low 
_reflns_shell.number_measured_obs 
_reflns_shell.number_measured_all 
_reflns_shell.number_unique_obs 
_reflns_shell.pdbx_rejects 
_reflns_shell.Rmerge_I_obs 
_reflns_shell.meanI_over_sigI_obs 
_reflns_shell.pdbx_Rsym_value 
_reflns_shell.pdbx_chi_squared 
_reflns_shell.pdbx_redundancy 
_reflns_shell.percent_possible_obs 
_reflns_shell.pdbx_netI_over_sigmaI_obs 
_reflns_shell.number_possible 
_reflns_shell.number_unique_all 
_reflns_shell.Rmerge_F_all 
_reflns_shell.Rmerge_F_obs 
_reflns_shell.Rmerge_I_all 
_reflns_shell.meanI_over_sigI_all 
_reflns_shell.percent_possible_all 
_reflns_shell.pdbx_Rrim_I_all 
_reflns_shell.pdbx_Rpim_I_all 
_reflns_shell.pdbx_CC_half 
_reflns_shell.pdbx_CC_star 
1 1 1.220 1.250  ? 1014 ? ? 0.244 ? ? ? 1.100 ? 1.100  ? 954 ? ? ? ? 36.000 0.346 0.244 0.921 ? 
1 2 5.460 55.120 ? 1307 ? ? 0.017 ? ? ? 2.900 ? 43.400 ? 446 ? ? ? ? 99.600 0.021 0.012 0.999 ? 
# 
_refine.entry_id                                 5S8T 
_refine.pdbx_refine_id                           'X-RAY DIFFRACTION' 
_refine.ls_d_res_high                            1.2200 
_refine.ls_d_res_low                             55.1100 
_refine.pdbx_ls_sigma_F                          0.000 
_refine.pdbx_data_cutoff_high_absF               ? 
_refine.pdbx_data_cutoff_low_absF                ? 
_refine.ls_percent_reflns_obs                    86.9400 
_refine.ls_number_reflns_obs                     30004 
_refine.ls_number_reflns_all                     ? 
_refine.pdbx_ls_cross_valid_method               THROUGHOUT 
_refine.ls_matrix_type                           ? 
_refine.pdbx_R_Free_selection_details            RANDOM 
_refine.details                                  
'HYDROGENS HAVE BEEN ADDED IN THE RIDING POSITIONS U VALUES      : REFINED INDIVIDUALLY' 
_refine.ls_R_factor_all                          ? 
_refine.ls_R_factor_obs                          0.1788 
_refine.ls_R_factor_R_work                       0.1774 
_refine.ls_wR_factor_R_work                      ? 
_refine.ls_R_factor_R_free                       0.2049 
_refine.ls_wR_factor_R_free                      ? 
_refine.ls_percent_reflns_R_free                 5.0000 
_refine.ls_number_reflns_R_free                  1593 
_refine.ls_number_reflns_R_work                  ? 
_refine.ls_R_factor_R_free_error                 ? 
_refine.B_iso_mean                               18.0570 
_refine.solvent_model_param_bsol                 ? 
_refine.solvent_model_param_ksol                 ? 
_refine.pdbx_isotropic_thermal_model             ? 
_refine.aniso_B[1][1]                            -0.1600 
_refine.aniso_B[2][2]                            1.1800 
_refine.aniso_B[3][3]                            -1.0400 
_refine.aniso_B[1][2]                            -0.0000 
_refine.aniso_B[1][3]                            0.2500 
_refine.aniso_B[2][3]                            -0.0000 
_refine.correlation_coeff_Fo_to_Fc               0.9710 
_refine.correlation_coeff_Fo_to_Fc_free          0.9590 
_refine.overall_SU_R_Cruickshank_DPI             ? 
_refine.pdbx_overall_SU_R_free_Cruickshank_DPI   ? 
_refine.pdbx_overall_SU_R_Blow_DPI               ? 
_refine.pdbx_overall_SU_R_free_Blow_DPI          ? 
_refine.overall_SU_R_free                        ? 
_refine.pdbx_overall_ESU_R                       0.0650 
_refine.pdbx_overall_ESU_R_Free                  0.0660 
_refine.overall_SU_ML                            0.0510 
_refine.overall_SU_B                             1.2230 
_refine.solvent_model_details                    MASK 
_refine.pdbx_solvent_vdw_probe_radii             1.2000 
_refine.pdbx_solvent_ion_probe_radii             0.8000 
_refine.pdbx_solvent_shrinkage_radii             0.8000 
_refine.ls_number_parameters                     ? 
_refine.ls_number_restraints                     ? 
_refine.pdbx_starting_model                      5RJI 
_refine.pdbx_method_to_determine_struct          'FOURIER SYNTHESIS' 
_refine.pdbx_stereochemistry_target_values       'MAXIMUM LIKELIHOOD' 
_refine.pdbx_stereochem_target_val_spec_case     ? 
_refine.overall_FOM_work_R_set                   ? 
_refine.B_iso_max                                59.530 
_refine.B_iso_min                                6.040 
_refine.pdbx_overall_phase_error                 ? 
_refine.occupancy_max                            ? 
_refine.occupancy_min                            ? 
_refine.pdbx_diffrn_id                           1 
_refine.pdbx_TLS_residual_ADP_flag               ? 
_refine.pdbx_ls_sigma_I                          ? 
_refine.pdbx_data_cutoff_high_rms_absF           ? 
_refine.ls_R_factor_R_free_error_details         ? 
# 
_refine_hist.cycle_id                         final 
_refine_hist.pdbx_refine_id                   'X-RAY DIFFRACTION' 
_refine_hist.d_res_high                       1.2200 
_refine_hist.d_res_low                        55.1100 
_refine_hist.pdbx_number_atoms_ligand         25 
_refine_hist.number_atoms_solvent             187 
_refine_hist.number_atoms_total               1202 
_refine_hist.pdbx_number_residues_total       119 
_refine_hist.pdbx_B_iso_mean_ligand           29.84 
_refine_hist.pdbx_B_iso_mean_solvent          30.04 
_refine_hist.pdbx_number_atoms_protein        990 
_refine_hist.pdbx_number_atoms_nucleic_acid   0 
# 
loop_
_refine_ls_restr.pdbx_refine_id 
_refine_ls_restr.type 
_refine_ls_restr.number 
_refine_ls_restr.dev_ideal 
_refine_ls_restr.dev_ideal_target 
_refine_ls_restr.weight 
_refine_ls_restr.pdbx_restraint_function 
'X-RAY DIFFRACTION' r_bond_refined_d       2155 0.011  0.015  ? ? 
'X-RAY DIFFRACTION' r_bond_other_d         1473 0.001  0.017  ? ? 
'X-RAY DIFFRACTION' r_angle_refined_deg    2325 1.715  1.698  ? ? 
'X-RAY DIFFRACTION' r_angle_other_deg      3469 1.568  1.608  ? ? 
'X-RAY DIFFRACTION' r_dihedral_angle_1_deg 226  5.688  5.000  ? ? 
'X-RAY DIFFRACTION' r_dihedral_angle_2_deg 89   31.838 22.022 ? ? 
'X-RAY DIFFRACTION' r_dihedral_angle_3_deg 288  13.554 15.000 ? ? 
'X-RAY DIFFRACTION' r_dihedral_angle_4_deg 12   17.920 15.000 ? ? 
'X-RAY DIFFRACTION' r_chiral_restr         210  0.096  0.200  ? ? 
'X-RAY DIFFRACTION' r_gen_planes_refined   2248 0.008  0.020  ? ? 
'X-RAY DIFFRACTION' r_gen_planes_other     405  0.002  0.020  ? ? 
'X-RAY DIFFRACTION' r_mcbond_it            1030 1.096  1.638  ? ? 
'X-RAY DIFFRACTION' r_mcbond_other         1010 1.107  1.611  ? ? 
'X-RAY DIFFRACTION' r_mcangle_it           1056 1.864  2.397  ? ? 
# 
_refine_ls_shell.d_res_high                       1.2200 
_refine_ls_shell.d_res_low                        1.2520 
_refine_ls_shell.pdbx_total_number_of_bins_used   20 
_refine_ls_shell.percent_reflns_obs               35.2800 
_refine_ls_shell.number_reflns_R_work             908 
_refine_ls_shell.R_factor_all                     ? 
_refine_ls_shell.R_factor_R_work                  0.3520 
_refine_ls_shell.R_factor_R_free                  0.3900 
_refine_ls_shell.percent_reflns_R_free            ? 
_refine_ls_shell.number_reflns_R_free             34 
_refine_ls_shell.R_factor_R_free_error            ? 
_refine_ls_shell.number_reflns_all                942 
_refine_ls_shell.number_reflns_obs                ? 
_refine_ls_shell.pdbx_refine_id                   'X-RAY DIFFRACTION' 
_refine_ls_shell.R_factor_obs                     ? 
# 
_struct.entry_id                  5S8T 
_struct.title                     
'PanDDA analysis group deposition -- Crystal Structure of PHIP in complex with Z198194396 synthetic derivative' 
_struct.pdbx_model_details        ? 
_struct.pdbx_CASP_flag            ? 
_struct.pdbx_model_type_details   ? 
# 
_struct_keywords.entry_id        5S8T 
_struct_keywords.text            
;SGC - Diamond I04-1 fragment screening, PanDDA, XChemExplorer, Robotic chemistry, Crystal soaking, Reaction crudes, SIGNALING PROTEIN
;
_struct_keywords.pdbx_keywords   'SIGNALING PROTEIN' 
# 
loop_
_struct_asym.id 
_struct_asym.pdbx_blank_PDB_chainid_flag 
_struct_asym.pdbx_modified 
_struct_asym.entity_id 
_struct_asym.details 
A N N 1 ? 
B N N 2 ? 
C N N 3 ? 
# 
_struct_ref.id                         1 
_struct_ref.db_name                    UNP 
_struct_ref.db_code                    PHIP_HUMAN 
_struct_ref.pdbx_db_accession          Q8WWQ0 
_struct_ref.pdbx_db_isoform            ? 
_struct_ref.entity_id                  1 
_struct_ref.pdbx_seq_one_letter_code   
;SYDIQAWKKQCEELLNLIFQCEDSEPFRQPVDLLEYPDYRDIIDTPMDFATVRETLEAGNYESPMELCKDVRLIFSNSKA
YTPSKRSRIYSMSLRLSAFFEEHISSVLSDYKSALRFHKRNTITKR
;
_struct_ref.pdbx_align_begin           1315 
# 
_struct_ref_seq.align_id                      1 
_struct_ref_seq.ref_id                        1 
_struct_ref_seq.pdbx_PDB_id_code              5S8T 
_struct_ref_seq.pdbx_strand_id                A 
_struct_ref_seq.seq_align_beg                 24 
_struct_ref_seq.pdbx_seq_align_beg_ins_code   ? 
_struct_ref_seq.seq_align_end                 149 
_struct_ref_seq.pdbx_seq_align_end_ins_code   ? 
_struct_ref_seq.pdbx_db_accession             Q8WWQ0 
_struct_ref_seq.db_align_beg                  1315 
_struct_ref_seq.pdbx_db_align_beg_ins_code    ? 
_struct_ref_seq.db_align_end                  1440 
_struct_ref_seq.pdbx_db_align_end_ins_code    ? 
_struct_ref_seq.pdbx_auth_seq_align_beg       1315 
_struct_ref_seq.pdbx_auth_seq_align_end       1440 
# 
loop_
_struct_ref_seq_dif.align_id 
_struct_ref_seq_dif.pdbx_pdb_id_code 
_struct_ref_seq_dif.mon_id 
_struct_ref_seq_dif.pdbx_pdb_strand_id 
_struct_ref_seq_dif.seq_num 
_struct_ref_seq_dif.pdbx_pdb_ins_code 
_struct_ref_seq_dif.pdbx_seq_db_name 
_struct_ref_seq_dif.pdbx_seq_db_accession_code 
_struct_ref_seq_dif.db_mon_id 
_struct_ref_seq_dif.pdbx_seq_db_seq_num 
_struct_ref_seq_dif.details 
_struct_ref_seq_dif.pdbx_auth_seq_num 
_struct_ref_seq_dif.pdbx_ordinal 
1 5S8T MET A 1  ? UNP Q8WWQ0 ? ? 'initiating methionine' 1292 1  
1 5S8T HIS A 2  ? UNP Q8WWQ0 ? ? 'expression tag'        1293 2  
1 5S8T HIS A 3  ? UNP Q8WWQ0 ? ? 'expression tag'        1294 3  
1 5S8T HIS A 4  ? UNP Q8WWQ0 ? ? 'expression tag'        1295 4  
1 5S8T HIS A 5  ? UNP Q8WWQ0 ? ? 'expression tag'        1296 5  
1 5S8T HIS A 6  ? UNP Q8WWQ0 ? ? 'expression tag'        1297 6  
1 5S8T HIS A 7  ? UNP Q8WWQ0 ? ? 'expression tag'        1298 7  
1 5S8T SER A 8  ? UNP Q8WWQ0 ? ? 'expression tag'        1299 8  
1 5S8T SER A 9  ? UNP Q8WWQ0 ? ? 'expression tag'        1300 9  
1 5S8T GLY A 10 ? UNP Q8WWQ0 ? ? 'expression tag'        1301 10 
1 5S8T VAL A 11 ? UNP Q8WWQ0 ? ? 'expression tag'        1302 11 
1 5S8T ASP A 12 ? UNP Q8WWQ0 ? ? 'expression tag'        1303 12 
1 5S8T LEU A 13 ? UNP Q8WWQ0 ? ? 'expression tag'        1304 13 
1 5S8T GLY A 14 ? UNP Q8WWQ0 ? ? 'expression tag'        1305 14 
1 5S8T THR A 15 ? UNP Q8WWQ0 ? ? 'expression tag'        1306 15 
1 5S8T GLU A 16 ? UNP Q8WWQ0 ? ? 'expression tag'        1307 16 
1 5S8T ASN A 17 ? UNP Q8WWQ0 ? ? 'expression tag'        1308 17 
1 5S8T LEU A 18 ? UNP Q8WWQ0 ? ? 'expression tag'        1309 18 
1 5S8T TYR A 19 ? UNP Q8WWQ0 ? ? 'expression tag'        1310 19 
1 5S8T PHE A 20 ? UNP Q8WWQ0 ? ? 'expression tag'        1311 20 
1 5S8T GLN A 21 ? UNP Q8WWQ0 ? ? 'expression tag'        1312 21 
1 5S8T SER A 22 ? UNP Q8WWQ0 ? ? 'expression tag'        1313 22 
1 5S8T MET A 23 ? UNP Q8WWQ0 ? ? 'expression tag'        1314 23 
# 
_pdbx_struct_assembly.id                   1 
_pdbx_struct_assembly.details              author_and_software_defined_assembly 
_pdbx_struct_assembly.method_details       PISA 
_pdbx_struct_assembly.oligomeric_details   monomeric 
_pdbx_struct_assembly.oligomeric_count     1 
# 
_pdbx_struct_assembly_gen.assembly_id       1 
_pdbx_struct_assembly_gen.oper_expression   1 
_pdbx_struct_assembly_gen.asym_id_list      A,B,C 
# 
_pdbx_struct_oper_list.id                   1 
_pdbx_struct_oper_list.type                 'identity operation' 
_pdbx_struct_oper_list.name                 1_555 
_pdbx_struct_oper_list.symmetry_operation   x,y,z 
_pdbx_struct_oper_list.matrix[1][1]         1.0000000000 
_pdbx_struct_oper_list.matrix[1][2]         0.0000000000 
_pdbx_struct_oper_list.matrix[1][3]         0.0000000000 
_pdbx_struct_oper_list.vector[1]            0.0000000000 
_pdbx_struct_oper_list.matrix[2][1]         0.0000000000 
_pdbx_struct_oper_list.matrix[2][2]         1.0000000000 
_pdbx_struct_oper_list.matrix[2][3]         0.0000000000 
_pdbx_struct_oper_list.vector[2]            0.0000000000 
_pdbx_struct_oper_list.matrix[3][1]         0.0000000000 
_pdbx_struct_oper_list.matrix[3][2]         0.0000000000 
_pdbx_struct_oper_list.matrix[3][3]         1.0000000000 
_pdbx_struct_oper_list.vector[3]            0.0000000000 
# 
loop_
_struct_conf.conf_type_id 
_struct_conf.id 
_struct_conf.pdbx_PDB_helix_id 
_struct_conf.beg_label_comp_id 
_struct_conf.beg_label_asym_id 
_struct_conf.beg_label_seq_id 
_struct_conf.pdbx_beg_PDB_ins_code 
_struct_conf.end_label_comp_id 
_struct_conf.end_label_asym_id 
_struct_conf.end_label_seq_id 
_struct_conf.pdbx_end_PDB_ins_code 
_struct_conf.beg_auth_comp_id 
_struct_conf.beg_auth_asym_id 
_struct_conf.beg_auth_seq_id 
_struct_conf.end_auth_comp_id 
_struct_conf.end_auth_asym_id 
_struct_conf.end_auth_seq_id 
_struct_conf.pdbx_PDB_helix_class 
_struct_conf.details 
_struct_conf.pdbx_PDB_helix_length 
HELX_P HELX_P1 AA1 ALA A 29  ? CYS A 44  ? ALA A 1320 CYS A 1335 1 ? 16 
HELX_P HELX_P2 AA2 GLU A 45  ? ARG A 51  ? GLU A 1336 ARG A 1342 5 ? 7  
HELX_P HELX_P3 AA3 ASP A 61  ? ILE A 66  ? ASP A 1352 ILE A 1357 1 ? 6  
HELX_P HELX_P4 AA4 ASP A 71  ? ALA A 81  ? ASP A 1362 ALA A 1372 1 ? 11 
HELX_P HELX_P5 AA5 SER A 86  ? THR A 105 ? SER A 1377 THR A 1396 1 ? 20 
HELX_P HELX_P6 AA6 SER A 110 ? LYS A 142 ? SER A 1401 LYS A 1433 1 ? 33 
# 
_struct_conf_type.id          HELX_P 
_struct_conf_type.criteria    ? 
_struct_conf_type.reference   ? 
# 
_struct_site.id                   AC1 
_struct_site.pdbx_evidence_code   Software 
_struct_site.pdbx_auth_asym_id    A 
_struct_site.pdbx_auth_comp_id    Y0J 
_struct_site.pdbx_auth_seq_id     1501 
_struct_site.pdbx_auth_ins_code   ? 
_struct_site.pdbx_num_residues    13 
_struct_site.details              'binding site for residue Y0J A 1501' 
# 
loop_
_struct_site_gen.id 
_struct_site_gen.site_id 
_struct_site_gen.pdbx_num_res 
_struct_site_gen.label_comp_id 
_struct_site_gen.label_asym_id 
_struct_site_gen.label_seq_id 
_struct_site_gen.pdbx_auth_ins_code 
_struct_site_gen.auth_comp_id 
_struct_site_gen.auth_asym_id 
_struct_site_gen.auth_seq_id 
_struct_site_gen.label_atom_id 
_struct_site_gen.label_alt_id 
_struct_site_gen.symmetry 
_struct_site_gen.details 
1  AC1 13 PRO A 49  ? PRO A 1340 . ? 1_555 ? 
2  AC1 13 PHE A 50  ? PHE A 1341 . ? 1_555 ? 
3  AC1 13 VAL A 54  ? VAL A 1345 . ? 1_555 ? 
4  AC1 13 ASP A 55  ? ASP A 1346 . ? 1_555 ? 
5  AC1 13 GLU A 58  ? GLU A 1349 . ? 1_555 ? 
6  AC1 13 TYR A 59  ? TYR A 1350 . ? 1_555 ? 
7  AC1 13 SER A 101 ? SER A 1392 . ? 1_555 ? 
8  AC1 13 THR A 105 ? THR A 1396 . ? 1_555 ? 
9  AC1 13 SER A 110 ? SER A 1401 . ? 1_555 ? 
10 AC1 13 ILE A 112 ? ILE A 1403 . ? 1_555 ? 
11 AC1 13 HOH C .   ? HOH A 1607 . ? 1_555 ? 
12 AC1 13 HOH C .   ? HOH A 1623 . ? 1_555 ? 
13 AC1 13 HOH C .   ? HOH A 1696 . ? 1_555 ? 
# 
loop_
_pdbx_validate_close_contact.id 
_pdbx_validate_close_contact.PDB_model_num 
_pdbx_validate_close_contact.auth_atom_id_1 
_pdbx_validate_close_contact.auth_asym_id_1 
_pdbx_validate_close_contact.auth_comp_id_1 
_pdbx_validate_close_contact.auth_seq_id_1 
_pdbx_validate_close_contact.PDB_ins_code_1 
_pdbx_validate_close_contact.label_alt_id_1 
_pdbx_validate_close_contact.auth_atom_id_2 
_pdbx_validate_close_contact.auth_asym_id_2 
_pdbx_validate_close_contact.auth_comp_id_2 
_pdbx_validate_close_contact.auth_seq_id_2 
_pdbx_validate_close_contact.PDB_ins_code_2 
_pdbx_validate_close_contact.label_alt_id_2 
_pdbx_validate_close_contact.dist 
1 1 O A HOH 1690 ? ? O A HOH 1697 ? ? 1.79 
2 1 O A HOH 1635 ? ? O A HOH 1698 ? ? 1.83 
# 
loop_
_pdbx_struct_special_symmetry.id 
_pdbx_struct_special_symmetry.PDB_model_num 
_pdbx_struct_special_symmetry.auth_asym_id 
_pdbx_struct_special_symmetry.auth_comp_id 
_pdbx_struct_special_symmetry.auth_seq_id 
_pdbx_struct_special_symmetry.PDB_ins_code 
_pdbx_struct_special_symmetry.label_asym_id 
_pdbx_struct_special_symmetry.label_comp_id 
_pdbx_struct_special_symmetry.label_seq_id 
1 1 A HOH 1701 ? C HOH . 
2 1 A HOH 1782 ? C HOH . 
# 
_phasing.method   MR 
# 
loop_
_pdbx_unobs_or_zero_occ_residues.id 
_pdbx_unobs_or_zero_occ_residues.PDB_model_num 
_pdbx_unobs_or_zero_occ_residues.polymer_flag 
_pdbx_unobs_or_zero_occ_residues.occupancy_flag 
_pdbx_unobs_or_zero_occ_residues.auth_asym_id 
_pdbx_unobs_or_zero_occ_residues.auth_comp_id 
_pdbx_unobs_or_zero_occ_residues.auth_seq_id 
_pdbx_unobs_or_zero_occ_residues.PDB_ins_code 
_pdbx_unobs_or_zero_occ_residues.label_asym_id 
_pdbx_unobs_or_zero_occ_residues.label_comp_id 
_pdbx_unobs_or_zero_occ_residues.label_seq_id 
1  1 Y 1 A MET 1292 ? A MET 1   
2  1 Y 1 A HIS 1293 ? A HIS 2   
3  1 Y 1 A HIS 1294 ? A HIS 3   
4  1 Y 1 A HIS 1295 ? A HIS 4   
5  1 Y 1 A HIS 1296 ? A HIS 5   
6  1 Y 1 A HIS 1297 ? A HIS 6   
7  1 Y 1 A HIS 1298 ? A HIS 7   
8  1 Y 1 A SER 1299 ? A SER 8   
9  1 Y 1 A SER 1300 ? A SER 9   
10 1 Y 1 A GLY 1301 ? A GLY 10  
11 1 Y 1 A VAL 1302 ? A VAL 11  
12 1 Y 1 A ASP 1303 ? A ASP 12  
13 1 Y 1 A LEU 1304 ? A LEU 13  
14 1 Y 1 A GLY 1305 ? A GLY 14  
15 1 Y 1 A THR 1306 ? A THR 15  
16 1 Y 1 A GLU 1307 ? A GLU 16  
17 1 Y 1 A ASN 1308 ? A ASN 17  
18 1 Y 1 A LEU 1309 ? A LEU 18  
19 1 Y 1 A TYR 1310 ? A TYR 19  
20 1 Y 1 A PHE 1311 ? A PHE 20  
21 1 Y 1 A GLN 1312 ? A GLN 21  
22 1 Y 1 A SER 1313 ? A SER 22  
23 1 Y 1 A MET 1314 ? A MET 23  
24 1 Y 1 A SER 1315 ? A SER 24  
25 1 Y 1 A ASN 1435 ? A ASN 144 
26 1 Y 1 A THR 1436 ? A THR 145 
27 1 Y 1 A ILE 1437 ? A ILE 146 
28 1 Y 1 A THR 1438 ? A THR 147 
29 1 Y 1 A LYS 1439 ? A LYS 148 
30 1 Y 1 A ARG 1440 ? A ARG 149 
# 
loop_
_chem_comp_atom.comp_id 
_chem_comp_atom.atom_id 
_chem_comp_atom.type_symbol 
_chem_comp_atom.pdbx_aromatic_flag 
_chem_comp_atom.pdbx_stereo_config 
_chem_comp_atom.pdbx_ordinal 
ALA N    N N N 1   
ALA CA   C N S 2   
ALA C    C N N 3   
ALA O    O N N 4   
ALA CB   C N N 5   
ALA OXT  O N N 6   
ALA H    H N N 7   
ALA H2   H N N 8   
ALA HA   H N N 9   
ALA HB1  H N N 10  
ALA HB2  H N N 11  
ALA HB3  H N N 12  
ALA HXT  H N N 13  
ARG N    N N N 14  
ARG CA   C N S 15  
ARG C    C N N 16  
ARG O    O N N 17  
ARG CB   C N N 18  
ARG CG   C N N 19  
ARG CD   C N N 20  
ARG NE   N N N 21  
ARG CZ   C N N 22  
ARG NH1  N N N 23  
ARG NH2  N N N 24  
ARG OXT  O N N 25  
ARG H    H N N 26  
ARG H2   H N N 27  
ARG HA   H N N 28  
ARG HB2  H N N 29  
ARG HB3  H N N 30  
ARG HG2  H N N 31  
ARG HG3  H N N 32  
ARG HD2  H N N 33  
ARG HD3  H N N 34  
ARG HE   H N N 35  
ARG HH11 H N N 36  
ARG HH12 H N N 37  
ARG HH21 H N N 38  
ARG HH22 H N N 39  
ARG HXT  H N N 40  
ASN N    N N N 41  
ASN CA   C N S 42  
ASN C    C N N 43  
ASN O    O N N 44  
ASN CB   C N N 45  
ASN CG   C N N 46  
ASN OD1  O N N 47  
ASN ND2  N N N 48  
ASN OXT  O N N 49  
ASN H    H N N 50  
ASN H2   H N N 51  
ASN HA   H N N 52  
ASN HB2  H N N 53  
ASN HB3  H N N 54  
ASN HD21 H N N 55  
ASN HD22 H N N 56  
ASN HXT  H N N 57  
ASP N    N N N 58  
ASP CA   C N S 59  
ASP C    C N N 60  
ASP O    O N N 61  
ASP CB   C N N 62  
ASP CG   C N N 63  
ASP OD1  O N N 64  
ASP OD2  O N N 65  
ASP OXT  O N N 66  
ASP H    H N N 67  
ASP H2   H N N 68  
ASP HA   H N N 69  
ASP HB2  H N N 70  
ASP HB3  H N N 71  
ASP HD2  H N N 72  
ASP HXT  H N N 73  
CYS N    N N N 74  
CYS CA   C N R 75  
CYS C    C N N 76  
CYS O    O N N 77  
CYS CB   C N N 78  
CYS SG   S N N 79  
CYS OXT  O N N 80  
CYS H    H N N 81  
CYS H2   H N N 82  
CYS HA   H N N 83  
CYS HB2  H N N 84  
CYS HB3  H N N 85  
CYS HG   H N N 86  
CYS HXT  H N N 87  
GLN N    N N N 88  
GLN CA   C N S 89  
GLN C    C N N 90  
GLN O    O N N 91  
GLN CB   C N N 92  
GLN CG   C N N 93  
GLN CD   C N N 94  
GLN OE1  O N N 95  
GLN NE2  N N N 96  
GLN OXT  O N N 97  
GLN H    H N N 98  
GLN H2   H N N 99  
GLN HA   H N N 100 
GLN HB2  H N N 101 
GLN HB3  H N N 102 
GLN HG2  H N N 103 
GLN HG3  H N N 104 
GLN HE21 H N N 105 
GLN HE22 H N N 106 
GLN HXT  H N N 107 
GLU N    N N N 108 
GLU CA   C N S 109 
GLU C    C N N 110 
GLU O    O N N 111 
GLU CB   C N N 112 
GLU CG   C N N 113 
GLU CD   C N N 114 
GLU OE1  O N N 115 
GLU OE2  O N N 116 
GLU OXT  O N N 117 
GLU H    H N N 118 
GLU H2   H N N 119 
GLU HA   H N N 120 
GLU HB2  H N N 121 
GLU HB3  H N N 122 
GLU HG2  H N N 123 
GLU HG3  H N N 124 
GLU HE2  H N N 125 
GLU HXT  H N N 126 
GLY N    N N N 127 
GLY CA   C N N 128 
GLY C    C N N 129 
GLY O    O N N 130 
GLY OXT  O N N 131 
GLY H    H N N 132 
GLY H2   H N N 133 
GLY HA2  H N N 134 
GLY HA3  H N N 135 
GLY HXT  H N N 136 
HIS N    N N N 137 
HIS CA   C N S 138 
HIS C    C N N 139 
HIS O    O N N 140 
HIS CB   C N N 141 
HIS CG   C Y N 142 
HIS ND1  N Y N 143 
HIS CD2  C Y N 144 
HIS CE1  C Y N 145 
HIS NE2  N Y N 146 
HIS OXT  O N N 147 
HIS H    H N N 148 
HIS H2   H N N 149 
HIS HA   H N N 150 
HIS HB2  H N N 151 
HIS HB3  H N N 152 
HIS HD1  H N N 153 
HIS HD2  H N N 154 
HIS HE1  H N N 155 
HIS HE2  H N N 156 
HIS HXT  H N N 157 
HOH O    O N N 158 
HOH H1   H N N 159 
HOH H2   H N N 160 
ILE N    N N N 161 
ILE CA   C N S 162 
ILE C    C N N 163 
ILE O    O N N 164 
ILE CB   C N S 165 
ILE CG1  C N N 166 
ILE CG2  C N N 167 
ILE CD1  C N N 168 
ILE OXT  O N N 169 
ILE H    H N N 170 
ILE H2   H N N 171 
ILE HA   H N N 172 
ILE HB   H N N 173 
ILE HG12 H N N 174 
ILE HG13 H N N 175 
ILE HG21 H N N 176 
ILE HG22 H N N 177 
ILE HG23 H N N 178 
ILE HD11 H N N 179 
ILE HD12 H N N 180 
ILE HD13 H N N 181 
ILE HXT  H N N 182 
LEU N    N N N 183 
LEU CA   C N S 184 
LEU C    C N N 185 
LEU O    O N N 186 
LEU CB   C N N 187 
LEU CG   C N N 188 
LEU CD1  C N N 189 
LEU CD2  C N N 190 
LEU OXT  O N N 191 
LEU H    H N N 192 
LEU H2   H N N 193 
LEU HA   H N N 194 
LEU HB2  H N N 195 
LEU HB3  H N N 196 
LEU HG   H N N 197 
LEU HD11 H N N 198 
LEU HD12 H N N 199 
LEU HD13 H N N 200 
LEU HD21 H N N 201 
LEU HD22 H N N 202 
LEU HD23 H N N 203 
LEU HXT  H N N 204 
LYS N    N N N 205 
LYS CA   C N S 206 
LYS C    C N N 207 
LYS O    O N N 208 
LYS CB   C N N 209 
LYS CG   C N N 210 
LYS CD   C N N 211 
LYS CE   C N N 212 
LYS NZ   N N N 213 
LYS OXT  O N N 214 
LYS H    H N N 215 
LYS H2   H N N 216 
LYS HA   H N N 217 
LYS HB2  H N N 218 
LYS HB3  H N N 219 
LYS HG2  H N N 220 
LYS HG3  H N N 221 
LYS HD2  H N N 222 
LYS HD3  H N N 223 
LYS HE2  H N N 224 
LYS HE3  H N N 225 
LYS HZ1  H N N 226 
LYS HZ2  H N N 227 
LYS HZ3  H N N 228 
LYS HXT  H N N 229 
MET N    N N N 230 
MET CA   C N S 231 
MET C    C N N 232 
MET O    O N N 233 
MET CB   C N N 234 
MET CG   C N N 235 
MET SD   S N N 236 
MET CE   C N N 237 
MET OXT  O N N 238 
MET H    H N N 239 
MET H2   H N N 240 
MET HA   H N N 241 
MET HB2  H N N 242 
MET HB3  H N N 243 
MET HG2  H N N 244 
MET HG3  H N N 245 
MET HE1  H N N 246 
MET HE2  H N N 247 
MET HE3  H N N 248 
MET HXT  H N N 249 
PHE N    N N N 250 
PHE CA   C N S 251 
PHE C    C N N 252 
PHE O    O N N 253 
PHE CB   C N N 254 
PHE CG   C Y N 255 
PHE CD1  C Y N 256 
PHE CD2  C Y N 257 
PHE CE1  C Y N 258 
PHE CE2  C Y N 259 
PHE CZ   C Y N 260 
PHE OXT  O N N 261 
PHE H    H N N 262 
PHE H2   H N N 263 
PHE HA   H N N 264 
PHE HB2  H N N 265 
PHE HB3  H N N 266 
PHE HD1  H N N 267 
PHE HD2  H N N 268 
PHE HE1  H N N 269 
PHE HE2  H N N 270 
PHE HZ   H N N 271 
PHE HXT  H N N 272 
PRO N    N N N 273 
PRO CA   C N S 274 
PRO C    C N N 275 
PRO O    O N N 276 
PRO CB   C N N 277 
PRO CG   C N N 278 
PRO CD   C N N 279 
PRO OXT  O N N 280 
PRO H    H N N 281 
PRO HA   H N N 282 
PRO HB2  H N N 283 
PRO HB3  H N N 284 
PRO HG2  H N N 285 
PRO HG3  H N N 286 
PRO HD2  H N N 287 
PRO HD3  H N N 288 
PRO HXT  H N N 289 
SER N    N N N 290 
SER CA   C N S 291 
SER C    C N N 292 
SER O    O N N 293 
SER CB   C N N 294 
SER OG   O N N 295 
SER OXT  O N N 296 
SER H    H N N 297 
SER H2   H N N 298 
SER HA   H N N 299 
SER HB2  H N N 300 
SER HB3  H N N 301 
SER HG   H N N 302 
SER HXT  H N N 303 
THR N    N N N 304 
THR CA   C N S 305 
THR C    C N N 306 
THR O    O N N 307 
THR CB   C N R 308 
THR OG1  O N N 309 
THR CG2  C N N 310 
THR OXT  O N N 311 
THR H    H N N 312 
THR H2   H N N 313 
THR HA   H N N 314 
THR HB   H N N 315 
THR HG1  H N N 316 
THR HG21 H N N 317 
THR HG22 H N N 318 
THR HG23 H N N 319 
THR HXT  H N N 320 
TRP N    N N N 321 
TRP CA   C N S 322 
TRP C    C N N 323 
TRP O    O N N 324 
TRP CB   C N N 325 
TRP CG   C Y N 326 
TRP CD1  C Y N 327 
TRP CD2  C Y N 328 
TRP NE1  N Y N 329 
TRP CE2  C Y N 330 
TRP CE3  C Y N 331 
TRP CZ2  C Y N 332 
TRP CZ3  C Y N 333 
TRP CH2  C Y N 334 
TRP OXT  O N N 335 
TRP H    H N N 336 
TRP H2   H N N 337 
TRP HA   H N N 338 
TRP HB2  H N N 339 
TRP HB3  H N N 340 
TRP HD1  H N N 341 
TRP HE1  H N N 342 
TRP HE3  H N N 343 
TRP HZ2  H N N 344 
TRP HZ3  H N N 345 
TRP HH2  H N N 346 
TRP HXT  H N N 347 
TYR N    N N N 348 
TYR CA   C N S 349 
TYR C    C N N 350 
TYR O    O N N 351 
TYR CB   C N N 352 
TYR CG   C Y N 353 
TYR CD1  C Y N 354 
TYR CD2  C Y N 355 
TYR CE1  C Y N 356 
TYR CE2  C Y N 357 
TYR CZ   C Y N 358 
TYR OH   O N N 359 
TYR OXT  O N N 360 
TYR H    H N N 361 
TYR H2   H N N 362 
TYR HA   H N N 363 
TYR HB2  H N N 364 
TYR HB3  H N N 365 
TYR HD1  H N N 366 
TYR HD2  H N N 367 
TYR HE1  H N N 368 
TYR HE2  H N N 369 
TYR HH   H N N 370 
TYR HXT  H N N 371 
VAL N    N N N 372 
VAL CA   C N S 373 
VAL C    C N N 374 
VAL O    O N N 375 
VAL CB   C N N 376 
VAL CG1  C N N 377 
VAL CG2  C N N 378 
VAL OXT  O N N 379 
VAL H    H N N 380 
VAL H2   H N N 381 
VAL HA   H N N 382 
VAL HB   H N N 383 
VAL HG11 H N N 384 
VAL HG12 H N N 385 
VAL HG13 H N N 386 
VAL HG21 H N N 387 
VAL HG22 H N N 388 
VAL HG23 H N N 389 
VAL HXT  H N N 390 
Y0J N1   N Y N 391 
Y0J N3   N N N 392 
Y0J C4   C Y N 393 
Y0J C5   C Y N 394 
Y0J C6   C Y N 395 
Y0J C7   C Y N 396 
Y0J C8   C N N 397 
Y0J C10  C N N 398 
Y0J C13  C Y N 399 
Y0J C15  C N N 400 
Y0J N    N N N 401 
Y0J C    C N N 402 
Y0J O    O N N 403 
Y0J C1   C Y N 404 
Y0J C11  C Y N 405 
Y0J C12  C Y N 406 
Y0J C14  C Y N 407 
Y0J C16  C N N 408 
Y0J C2   C Y N 409 
Y0J C3   C Y N 410 
Y0J C9   C N N 411 
Y0J N2   N N N 412 
Y0J O1   O Y N 413 
Y0J O2   O N N 414 
Y0J O3   O Y N 415 
Y0J H2   H N N 416 
Y0J H3   H N N 417 
Y0J H4   H N N 418 
Y0J H5   H N N 419 
Y0J H6   H N N 420 
Y0J H10  H N N 421 
Y0J H12  H N N 422 
Y0J H13  H N N 423 
Y0J H    H N N 424 
Y0J H9   H N N 425 
Y0J H11  H N N 426 
Y0J H14  H N N 427 
Y0J H15  H N N 428 
Y0J H1   H N N 429 
Y0J H7   H N N 430 
Y0J H8   H N N 431 
# 
loop_
_chem_comp_bond.comp_id 
_chem_comp_bond.atom_id_1 
_chem_comp_bond.atom_id_2 
_chem_comp_bond.value_order 
_chem_comp_bond.pdbx_aromatic_flag 
_chem_comp_bond.pdbx_stereo_config 
_chem_comp_bond.pdbx_ordinal 
ALA N   CA   sing N N 1   
ALA N   H    sing N N 2   
ALA N   H2   sing N N 3   
ALA CA  C    sing N N 4   
ALA CA  CB   sing N N 5   
ALA CA  HA   sing N N 6   
ALA C   O    doub N N 7   
ALA C   OXT  sing N N 8   
ALA CB  HB1  sing N N 9   
ALA CB  HB2  sing N N 10  
ALA CB  HB3  sing N N 11  
ALA OXT HXT  sing N N 12  
ARG N   CA   sing N N 13  
ARG N   H    sing N N 14  
ARG N   H2   sing N N 15  
ARG CA  C    sing N N 16  
ARG CA  CB   sing N N 17  
ARG CA  HA   sing N N 18  
ARG C   O    doub N N 19  
ARG C   OXT  sing N N 20  
ARG CB  CG   sing N N 21  
ARG CB  HB2  sing N N 22  
ARG CB  HB3  sing N N 23  
ARG CG  CD   sing N N 24  
ARG CG  HG2  sing N N 25  
ARG CG  HG3  sing N N 26  
ARG CD  NE   sing N N 27  
ARG CD  HD2  sing N N 28  
ARG CD  HD3  sing N N 29  
ARG NE  CZ   sing N N 30  
ARG NE  HE   sing N N 31  
ARG CZ  NH1  sing N N 32  
ARG CZ  NH2  doub N N 33  
ARG NH1 HH11 sing N N 34  
ARG NH1 HH12 sing N N 35  
ARG NH2 HH21 sing N N 36  
ARG NH2 HH22 sing N N 37  
ARG OXT HXT  sing N N 38  
ASN N   CA   sing N N 39  
ASN N   H    sing N N 40  
ASN N   H2   sing N N 41  
ASN CA  C    sing N N 42  
ASN CA  CB   sing N N 43  
ASN CA  HA   sing N N 44  
ASN C   O    doub N N 45  
ASN C   OXT  sing N N 46  
ASN CB  CG   sing N N 47  
ASN CB  HB2  sing N N 48  
ASN CB  HB3  sing N N 49  
ASN CG  OD1  doub N N 50  
ASN CG  ND2  sing N N 51  
ASN ND2 HD21 sing N N 52  
ASN ND2 HD22 sing N N 53  
ASN OXT HXT  sing N N 54  
ASP N   CA   sing N N 55  
ASP N   H    sing N N 56  
ASP N   H2   sing N N 57  
ASP CA  C    sing N N 58  
ASP CA  CB   sing N N 59  
ASP CA  HA   sing N N 60  
ASP C   O    doub N N 61  
ASP C   OXT  sing N N 62  
ASP CB  CG   sing N N 63  
ASP CB  HB2  sing N N 64  
ASP CB  HB3  sing N N 65  
ASP CG  OD1  doub N N 66  
ASP CG  OD2  sing N N 67  
ASP OD2 HD2  sing N N 68  
ASP OXT HXT  sing N N 69  
CYS N   CA   sing N N 70  
CYS N   H    sing N N 71  
CYS N   H2   sing N N 72  
CYS CA  C    sing N N 73  
CYS CA  CB   sing N N 74  
CYS CA  HA   sing N N 75  
CYS C   O    doub N N 76  
CYS C   OXT  sing N N 77  
CYS CB  SG   sing N N 78  
CYS CB  HB2  sing N N 79  
CYS CB  HB3  sing N N 80  
CYS SG  HG   sing N N 81  
CYS OXT HXT  sing N N 82  
GLN N   CA   sing N N 83  
GLN N   H    sing N N 84  
GLN N   H2   sing N N 85  
GLN CA  C    sing N N 86  
GLN CA  CB   sing N N 87  
GLN CA  HA   sing N N 88  
GLN C   O    doub N N 89  
GLN C   OXT  sing N N 90  
GLN CB  CG   sing N N 91  
GLN CB  HB2  sing N N 92  
GLN CB  HB3  sing N N 93  
GLN CG  CD   sing N N 94  
GLN CG  HG2  sing N N 95  
GLN CG  HG3  sing N N 96  
GLN CD  OE1  doub N N 97  
GLN CD  NE2  sing N N 98  
GLN NE2 HE21 sing N N 99  
GLN NE2 HE22 sing N N 100 
GLN OXT HXT  sing N N 101 
GLU N   CA   sing N N 102 
GLU N   H    sing N N 103 
GLU N   H2   sing N N 104 
GLU CA  C    sing N N 105 
GLU CA  CB   sing N N 106 
GLU CA  HA   sing N N 107 
GLU C   O    doub N N 108 
GLU C   OXT  sing N N 109 
GLU CB  CG   sing N N 110 
GLU CB  HB2  sing N N 111 
GLU CB  HB3  sing N N 112 
GLU CG  CD   sing N N 113 
GLU CG  HG2  sing N N 114 
GLU CG  HG3  sing N N 115 
GLU CD  OE1  doub N N 116 
GLU CD  OE2  sing N N 117 
GLU OE2 HE2  sing N N 118 
GLU OXT HXT  sing N N 119 
GLY N   CA   sing N N 120 
GLY N   H    sing N N 121 
GLY N   H2   sing N N 122 
GLY CA  C    sing N N 123 
GLY CA  HA2  sing N N 124 
GLY CA  HA3  sing N N 125 
GLY C   O    doub N N 126 
GLY C   OXT  sing N N 127 
GLY OXT HXT  sing N N 128 
HIS N   CA   sing N N 129 
HIS N   H    sing N N 130 
HIS N   H2   sing N N 131 
HIS CA  C    sing N N 132 
HIS CA  CB   sing N N 133 
HIS CA  HA   sing N N 134 
HIS C   O    doub N N 135 
HIS C   OXT  sing N N 136 
HIS CB  CG   sing N N 137 
HIS CB  HB2  sing N N 138 
HIS CB  HB3  sing N N 139 
HIS CG  ND1  sing Y N 140 
HIS CG  CD2  doub Y N 141 
HIS ND1 CE1  doub Y N 142 
HIS ND1 HD1  sing N N 143 
HIS CD2 NE2  sing Y N 144 
HIS CD2 HD2  sing N N 145 
HIS CE1 NE2  sing Y N 146 
HIS CE1 HE1  sing N N 147 
HIS NE2 HE2  sing N N 148 
HIS OXT HXT  sing N N 149 
HOH O   H1   sing N N 150 
HOH O   H2   sing N N 151 
ILE N   CA   sing N N 152 
ILE N   H    sing N N 153 
ILE N   H2   sing N N 154 
ILE CA  C    sing N N 155 
ILE CA  CB   sing N N 156 
ILE CA  HA   sing N N 157 
ILE C   O    doub N N 158 
ILE C   OXT  sing N N 159 
ILE CB  CG1  sing N N 160 
ILE CB  CG2  sing N N 161 
ILE CB  HB   sing N N 162 
ILE CG1 CD1  sing N N 163 
ILE CG1 HG12 sing N N 164 
ILE CG1 HG13 sing N N 165 
ILE CG2 HG21 sing N N 166 
ILE CG2 HG22 sing N N 167 
ILE CG2 HG23 sing N N 168 
ILE CD1 HD11 sing N N 169 
ILE CD1 HD12 sing N N 170 
ILE CD1 HD13 sing N N 171 
ILE OXT HXT  sing N N 172 
LEU N   CA   sing N N 173 
LEU N   H    sing N N 174 
LEU N   H2   sing N N 175 
LEU CA  C    sing N N 176 
LEU CA  CB   sing N N 177 
LEU CA  HA   sing N N 178 
LEU C   O    doub N N 179 
LEU C   OXT  sing N N 180 
LEU CB  CG   sing N N 181 
LEU CB  HB2  sing N N 182 
LEU CB  HB3  sing N N 183 
LEU CG  CD1  sing N N 184 
LEU CG  CD2  sing N N 185 
LEU CG  HG   sing N N 186 
LEU CD1 HD11 sing N N 187 
LEU CD1 HD12 sing N N 188 
LEU CD1 HD13 sing N N 189 
LEU CD2 HD21 sing N N 190 
LEU CD2 HD22 sing N N 191 
LEU CD2 HD23 sing N N 192 
LEU OXT HXT  sing N N 193 
LYS N   CA   sing N N 194 
LYS N   H    sing N N 195 
LYS N   H2   sing N N 196 
LYS CA  C    sing N N 197 
LYS CA  CB   sing N N 198 
LYS CA  HA   sing N N 199 
LYS C   O    doub N N 200 
LYS C   OXT  sing N N 201 
LYS CB  CG   sing N N 202 
LYS CB  HB2  sing N N 203 
LYS CB  HB3  sing N N 204 
LYS CG  CD   sing N N 205 
LYS CG  HG2  sing N N 206 
LYS CG  HG3  sing N N 207 
LYS CD  CE   sing N N 208 
LYS CD  HD2  sing N N 209 
LYS CD  HD3  sing N N 210 
LYS CE  NZ   sing N N 211 
LYS CE  HE2  sing N N 212 
LYS CE  HE3  sing N N 213 
LYS NZ  HZ1  sing N N 214 
LYS NZ  HZ2  sing N N 215 
LYS NZ  HZ3  sing N N 216 
LYS OXT HXT  sing N N 217 
MET N   CA   sing N N 218 
MET N   H    sing N N 219 
MET N   H2   sing N N 220 
MET CA  C    sing N N 221 
MET CA  CB   sing N N 222 
MET CA  HA   sing N N 223 
MET C   O    doub N N 224 
MET C   OXT  sing N N 225 
MET CB  CG   sing N N 226 
MET CB  HB2  sing N N 227 
MET CB  HB3  sing N N 228 
MET CG  SD   sing N N 229 
MET CG  HG2  sing N N 230 
MET CG  HG3  sing N N 231 
MET SD  CE   sing N N 232 
MET CE  HE1  sing N N 233 
MET CE  HE2  sing N N 234 
MET CE  HE3  sing N N 235 
MET OXT HXT  sing N N 236 
PHE N   CA   sing N N 237 
PHE N   H    sing N N 238 
PHE N   H2   sing N N 239 
PHE CA  C    sing N N 240 
PHE CA  CB   sing N N 241 
PHE CA  HA   sing N N 242 
PHE C   O    doub N N 243 
PHE C   OXT  sing N N 244 
PHE CB  CG   sing N N 245 
PHE CB  HB2  sing N N 246 
PHE CB  HB3  sing N N 247 
PHE CG  CD1  doub Y N 248 
PHE CG  CD2  sing Y N 249 
PHE CD1 CE1  sing Y N 250 
PHE CD1 HD1  sing N N 251 
PHE CD2 CE2  doub Y N 252 
PHE CD2 HD2  sing N N 253 
PHE CE1 CZ   doub Y N 254 
PHE CE1 HE1  sing N N 255 
PHE CE2 CZ   sing Y N 256 
PHE CE2 HE2  sing N N 257 
PHE CZ  HZ   sing N N 258 
PHE OXT HXT  sing N N 259 
PRO N   CA   sing N N 260 
PRO N   CD   sing N N 261 
PRO N   H    sing N N 262 
PRO CA  C    sing N N 263 
PRO CA  CB   sing N N 264 
PRO CA  HA   sing N N 265 
PRO C   O    doub N N 266 
PRO C   OXT  sing N N 267 
PRO CB  CG   sing N N 268 
PRO CB  HB2  sing N N 269 
PRO CB  HB3  sing N N 270 
PRO CG  CD   sing N N 271 
PRO CG  HG2  sing N N 272 
PRO CG  HG3  sing N N 273 
PRO CD  HD2  sing N N 274 
PRO CD  HD3  sing N N 275 
PRO OXT HXT  sing N N 276 
SER N   CA   sing N N 277 
SER N   H    sing N N 278 
SER N   H2   sing N N 279 
SER CA  C    sing N N 280 
SER CA  CB   sing N N 281 
SER CA  HA   sing N N 282 
SER C   O    doub N N 283 
SER C   OXT  sing N N 284 
SER CB  OG   sing N N 285 
SER CB  HB2  sing N N 286 
SER CB  HB3  sing N N 287 
SER OG  HG   sing N N 288 
SER OXT HXT  sing N N 289 
THR N   CA   sing N N 290 
THR N   H    sing N N 291 
THR N   H2   sing N N 292 
THR CA  C    sing N N 293 
THR CA  CB   sing N N 294 
THR CA  HA   sing N N 295 
THR C   O    doub N N 296 
THR C   OXT  sing N N 297 
THR CB  OG1  sing N N 298 
THR CB  CG2  sing N N 299 
THR CB  HB   sing N N 300 
THR OG1 HG1  sing N N 301 
THR CG2 HG21 sing N N 302 
THR CG2 HG22 sing N N 303 
THR CG2 HG23 sing N N 304 
THR OXT HXT  sing N N 305 
TRP N   CA   sing N N 306 
TRP N   H    sing N N 307 
TRP N   H2   sing N N 308 
TRP CA  C    sing N N 309 
TRP CA  CB   sing N N 310 
TRP CA  HA   sing N N 311 
TRP C   O    doub N N 312 
TRP C   OXT  sing N N 313 
TRP CB  CG   sing N N 314 
TRP CB  HB2  sing N N 315 
TRP CB  HB3  sing N N 316 
TRP CG  CD1  doub Y N 317 
TRP CG  CD2  sing Y N 318 
TRP CD1 NE1  sing Y N 319 
TRP CD1 HD1  sing N N 320 
TRP CD2 CE2  doub Y N 321 
TRP CD2 CE3  sing Y N 322 
TRP NE1 CE2  sing Y N 323 
TRP NE1 HE1  sing N N 324 
TRP CE2 CZ2  sing Y N 325 
TRP CE3 CZ3  doub Y N 326 
TRP CE3 HE3  sing N N 327 
TRP CZ2 CH2  doub Y N 328 
TRP CZ2 HZ2  sing N N 329 
TRP CZ3 CH2  sing Y N 330 
TRP CZ3 HZ3  sing N N 331 
TRP CH2 HH2  sing N N 332 
TRP OXT HXT  sing N N 333 
TYR N   CA   sing N N 334 
TYR N   H    sing N N 335 
TYR N   H2   sing N N 336 
TYR CA  C    sing N N 337 
TYR CA  CB   sing N N 338 
TYR CA  HA   sing N N 339 
TYR C   O    doub N N 340 
TYR C   OXT  sing N N 341 
TYR CB  CG   sing N N 342 
TYR CB  HB2  sing N N 343 
TYR CB  HB3  sing N N 344 
TYR CG  CD1  doub Y N 345 
TYR CG  CD2  sing Y N 346 
TYR CD1 CE1  sing Y N 347 
TYR CD1 HD1  sing N N 348 
TYR CD2 CE2  doub Y N 349 
TYR CD2 HD2  sing N N 350 
TYR CE1 CZ   doub Y N 351 
TYR CE1 HE1  sing N N 352 
TYR CE2 CZ   sing Y N 353 
TYR CE2 HE2  sing N N 354 
TYR CZ  OH   sing N N 355 
TYR OH  HH   sing N N 356 
TYR OXT HXT  sing N N 357 
VAL N   CA   sing N N 358 
VAL N   H    sing N N 359 
VAL N   H2   sing N N 360 
VAL CA  C    sing N N 361 
VAL CA  CB   sing N N 362 
VAL CA  HA   sing N N 363 
VAL C   O    doub N N 364 
VAL C   OXT  sing N N 365 
VAL CB  CG1  sing N N 366 
VAL CB  CG2  sing N N 367 
VAL CB  HB   sing N N 368 
VAL CG1 HG11 sing N N 369 
VAL CG1 HG12 sing N N 370 
VAL CG1 HG13 sing N N 371 
VAL CG2 HG21 sing N N 372 
VAL CG2 HG22 sing N N 373 
VAL CG2 HG23 sing N N 374 
VAL OXT HXT  sing N N 375 
Y0J O   C    doub N N 376 
Y0J N   C    sing N N 377 
Y0J C1  N    sing N N 378 
Y0J C1  N1   doub Y N 379 
Y0J N1  C2   sing Y N 380 
Y0J C2  C3   doub Y N 381 
Y0J C3  C4   sing Y N 382 
Y0J C4  C5   doub Y N 383 
Y0J C5  C6   sing Y N 384 
Y0J C6  C7   doub Y N 385 
Y0J C2  C7   sing Y N 386 
Y0J C7  O1   sing Y N 387 
Y0J O1  C1   sing Y N 388 
Y0J C   N2   sing N N 389 
Y0J N2  C8   sing N N 390 
Y0J C8  C9   sing N N 391 
Y0J C9  N3   sing N N 392 
Y0J N3  C10  sing N N 393 
Y0J C10 O2   doub N N 394 
Y0J C11 C10  sing N N 395 
Y0J C11 C12  doub Y N 396 
Y0J C12 C13  sing Y N 397 
Y0J C13 C14  doub Y N 398 
Y0J C14 O3   sing Y N 399 
Y0J O3  C11  sing Y N 400 
Y0J C15 N3   sing N N 401 
Y0J C16 C15  sing N N 402 
Y0J N2  C16  sing N N 403 
Y0J C4  H2   sing N N 404 
Y0J C5  H3   sing N N 405 
Y0J C6  H4   sing N N 406 
Y0J C8  H5   sing N N 407 
Y0J C8  H6   sing N N 408 
Y0J C13 H10  sing N N 409 
Y0J C15 H12  sing N N 410 
Y0J C15 H13  sing N N 411 
Y0J N   H    sing N N 412 
Y0J C12 H9   sing N N 413 
Y0J C14 H11  sing N N 414 
Y0J C16 H14  sing N N 415 
Y0J C16 H15  sing N N 416 
Y0J C3  H1   sing N N 417 
Y0J C9  H7   sing N N 418 
Y0J C9  H8   sing N N 419 
# 
_pdbx_deposit_group.group_id            G_1002190 
_pdbx_deposit_group.group_description   
;XDomainX of XOrganismX PHIP screened against crude reaction mixtures by X-ray Crystallography at the XChem facility of Diamond Light Source beamline I04-1
;
_pdbx_deposit_group.group_title         'PanDDA analysis group deposition' 
_pdbx_deposit_group.group_type          'changed state' 
# 
_atom_sites.entry_id                    5S8T 
_atom_sites.fract_transf_matrix[1][1]   0.00132563 
_atom_sites.fract_transf_matrix[1][2]   -0.00646109 
_atom_sites.fract_transf_matrix[1][3]   0.01059749 
_atom_sites.fract_transf_matrix[2][1]   -0.00450853 
_atom_sites.fract_transf_matrix[2][2]   -0.03143458 
_atom_sites.fract_transf_matrix[2][3]   -0.01860111 
_atom_sites.fract_transf_matrix[3][1]   0.01796413 
_atom_sites.fract_transf_matrix[3][2]   -0.00256256 
_atom_sites.fract_transf_matrix[3][3]   -0.00002359 
_atom_sites.fract_transf_vector[1]      -0.146117 
_atom_sites.fract_transf_vector[2]      0.457360 
_atom_sites.fract_transf_vector[3]      0.234745 
# 
loop_
_atom_type.symbol 
C 
N 
O 
S 
# 
loop_
_atom_site.group_PDB 
_atom_site.id 
_atom_site.type_symbol 
_atom_site.label_atom_id 
_atom_site.label_alt_id 
_atom_site.label_comp_id 
_atom_site.label_asym_id 
_atom_site.label_entity_id 
_atom_site.label_seq_id 
_atom_site.pdbx_PDB_ins_code 
_atom_site.Cartn_x 
_atom_site.Cartn_y 
_atom_site.Cartn_z 
_atom_site.occupancy 
_atom_site.B_iso_or_equiv 
_atom_site.pdbx_formal_charge 
_atom_site.auth_seq_id 
_atom_site.auth_comp_id 
_atom_site.auth_asym_id 
_atom_site.auth_atom_id 
_atom_site.pdbx_PDB_model_num 
ATOM   1    N N   . TYR A 1 25  ? -23.879 0.375   5.412   1.00 21.91 ? 1316 TYR A N   1 
ATOM   2    C CA  . TYR A 1 25  ? -23.336 0.970   6.676   1.00 18.24 ? 1316 TYR A CA  1 
ATOM   3    C C   . TYR A 1 25  ? -22.587 -0.109  7.470   1.00 15.11 ? 1316 TYR A C   1 
ATOM   4    O O   . TYR A 1 25  ? -22.506 -0.019  8.678   1.00 14.85 ? 1316 TYR A O   1 
ATOM   5    C CB  . TYR A 1 25  ? -24.382 1.679   7.520   1.00 21.16 ? 1316 TYR A CB  1 
ATOM   6    C CG  . TYR A 1 25  ? -25.140 2.770   6.804   1.00 19.10 ? 1316 TYR A CG  1 
ATOM   7    C CD1 . TYR A 1 25  ? -24.502 3.905   6.324   1.00 18.50 ? 1316 TYR A CD1 1 
ATOM   8    C CD2 . TYR A 1 25  ? -26.521 2.728   6.784   1.00 20.05 ? 1316 TYR A CD2 1 
ATOM   9    C CE1 . TYR A 1 25  ? -25.209 4.903   5.684   1.00 18.32 ? 1316 TYR A CE1 1 
ATOM   10   C CE2 . TYR A 1 25  ? -27.252 3.734   6.174   1.00 20.83 ? 1316 TYR A CE2 1 
ATOM   11   C CZ  . TYR A 1 25  ? -26.587 4.831   5.671   1.00 20.12 ? 1316 TYR A CZ  1 
ATOM   12   O OH  . TYR A 1 25  ? -27.293 5.864   5.088   1.00 22.23 ? 1316 TYR A OH  1 
ATOM   13   N N   . ASP A 1 26  ? -22.000 -1.064  6.773   1.00 14.10 ? 1317 ASP A N   1 
ATOM   14   C CA  . ASP A 1 26  ? -21.243 -2.183  7.403   1.00 14.27 ? 1317 ASP A CA  1 
ATOM   15   C C   . ASP A 1 26  ? -19.863 -1.667  7.787   1.00 13.60 ? 1317 ASP A C   1 
ATOM   16   O O   . ASP A 1 26  ? -19.019 -1.419  6.910   1.00 14.12 ? 1317 ASP A O   1 
ATOM   17   C CB  . ASP A 1 26  ? -21.194 -3.385  6.493   1.00 14.87 ? 1317 ASP A CB  1 
ATOM   18   C CG  . ASP A 1 26  ? -20.452 -4.591  7.033   1.00 14.94 ? 1317 ASP A CG  1 
ATOM   19   O OD1 . ASP A 1 26  ? -19.674 -4.435  7.996   1.00 14.96 ? 1317 ASP A OD1 1 
ATOM   20   O OD2 . ASP A 1 26  ? -20.751 -5.723  6.528   1.00 19.12 ? 1317 ASP A OD2 1 
ATOM   21   N N   . ILE A 1 27  ? -19.598 -1.514  9.075   1.00 12.07 ? 1318 ILE A N   1 
ATOM   22   C CA  . ILE A 1 27  ? -18.360 -0.924  9.660   1.00 12.68 ? 1318 ILE A CA  1 
ATOM   23   C C   . ILE A 1 27  ? -17.205 -1.897  9.442   1.00 12.98 ? 1318 ILE A C   1 
ATOM   24   O O   . ILE A 1 27  ? -16.077 -1.427  9.473   1.00 14.16 ? 1318 ILE A O   1 
ATOM   25   C CB  . ILE A 1 27  ? -18.572 -0.659  11.170  1.00 15.95 ? 1318 ILE A CB  1 
ATOM   26   C CG1 . ILE A 1 27  ? -19.672 0.364   11.476  1.00 17.34 ? 1318 ILE A CG1 1 
ATOM   27   C CG2 . ILE A 1 27  ? -17.274 -0.291  11.869  1.00 18.48 ? 1318 ILE A CG2 1 
ATOM   28   C CD1 . ILE A 1 27  ? -20.155 0.310   12.915  1.00 18.43 ? 1318 ILE A CD1 1 
ATOM   29   N N   . GLN A 1 28  ? -17.465 -3.168  9.176   1.00 11.52 ? 1319 GLN A N   1 
ATOM   30   C CA  . GLN A 1 28  ? -16.379 -4.169  9.004   1.00 12.52 ? 1319 GLN A CA  1 
ATOM   31   C C   . GLN A 1 28  ? -16.040 -4.466  7.550   1.00 12.78 ? 1319 GLN A C   1 
ATOM   32   O O   . GLN A 1 28  ? -15.046 -5.185  7.289   1.00 12.57 ? 1319 GLN A O   1 
ATOM   33   C CB  . GLN A 1 28  ? -16.709 -5.510  9.696   1.00 12.69 ? 1319 GLN A CB  1 
ATOM   34   C CG  . GLN A 1 28  ? -16.542 -5.433  11.225  1.00 13.64 ? 1319 GLN A CG  1 
ATOM   35   C CD  . GLN A 1 28  ? -17.801 -5.040  11.974  1.00 13.32 ? 1319 GLN A CD  1 
ATOM   36   O OE1 . GLN A 1 28  ? -18.895 -5.580  11.765  1.00 13.77 ? 1319 GLN A OE1 1 
ATOM   37   N NE2 . GLN A 1 28  ? -17.660 -4.119  12.880  1.00 13.15 ? 1319 GLN A NE2 1 
ATOM   38   N N   . ALA A 1 29  ? -16.843 -3.969  6.570   1.00 13.64 ? 1320 ALA A N   1 
ATOM   39   C CA  . ALA A 1 29  ? -16.744 -4.422  5.173   1.00 12.76 ? 1320 ALA A CA  1 
ATOM   40   C C   . ALA A 1 29  ? -15.376 -4.065  4.547   1.00 11.97 ? 1320 ALA A C   1 
ATOM   41   O O   . ALA A 1 29  ? -14.948 -4.754  3.654   1.00 12.79 ? 1320 ALA A O   1 
ATOM   42   C CB  . ALA A 1 29  ? -17.863 -3.820  4.351   1.00 13.42 ? 1320 ALA A CB  1 
ATOM   43   N N   . TRP A 1 30  ? -14.746 -3.026  5.059   1.00 11.52 ? 1321 TRP A N   1 
ATOM   44   C CA  . TRP A 1 30  ? -13.460 -2.577  4.502   1.00 11.72 ? 1321 TRP A CA  1 
ATOM   45   C C   . TRP A 1 30  ? -12.409 -3.677  4.497   1.00 11.96 ? 1321 TRP A C   1 
ATOM   46   O O   . TRP A 1 30  ? -11.564 -3.685  3.638   1.00 12.55 ? 1321 TRP A O   1 
ATOM   47   C CB  . TRP A 1 30  ? -12.937 -1.373  5.276   1.00 11.98 ? 1321 TRP A CB  1 
ATOM   48   C CG  . TRP A 1 30  ? -12.584 -1.722  6.688   1.00 11.89 ? 1321 TRP A CG  1 
ATOM   49   C CD1 . TRP A 1 30  ? -13.430 -1.760  7.742   1.00 12.38 ? 1321 TRP A CD1 1 
ATOM   50   C CD2 . TRP A 1 30  ? -11.297 -2.145  7.186   1.00 11.92 ? 1321 TRP A CD2 1 
ATOM   51   N NE1 . TRP A 1 30  ? -12.772 -2.170  8.873   1.00 13.17 ? 1321 TRP A NE1 1 
ATOM   52   C CE2 . TRP A 1 30  ? -11.475 -2.400  8.558   1.00 12.24 ? 1321 TRP A CE2 1 
ATOM   53   C CE3 . TRP A 1 30  ? -10.021 -2.284  6.663   1.00 12.98 ? 1321 TRP A CE3 1 
ATOM   54   C CZ2 . TRP A 1 30  ? -10.433 -2.800  9.400   1.00 13.95 ? 1321 TRP A CZ2 1 
ATOM   55   C CZ3 . TRP A 1 30  ? -9.002  -2.703  7.491   1.00 13.74 ? 1321 TRP A CZ3 1 
ATOM   56   C CH2 . TRP A 1 30  ? -9.219  -2.979  8.827   1.00 14.28 ? 1321 TRP A CH2 1 
ATOM   57   N N   . LYS A 1 31  ? -12.468 -4.622  5.459   1.00 12.00 ? 1322 LYS A N   1 
ATOM   58   C CA  . LYS A 1 31  ? -11.357 -5.585  5.565   1.00 11.63 ? 1322 LYS A CA  1 
ATOM   59   C C   . LYS A 1 31  ? -11.337 -6.530  4.360   1.00 12.00 ? 1322 LYS A C   1 
ATOM   60   O O   . LYS A 1 31  ? -10.289 -6.667  3.712   1.00 12.90 ? 1322 LYS A O   1 
ATOM   61   C CB  . LYS A 1 31  ? -11.441 -6.267  6.922   1.00 11.99 ? 1322 LYS A CB  1 
ATOM   62   C CG  . LYS A 1 31  ? -10.339 -7.309  7.110   1.00 12.84 ? 1322 LYS A CG  1 
ATOM   63   C CD  . LYS A 1 31  ? -10.367 -7.893  8.486   1.00 13.46 ? 1322 LYS A CD  1 
ATOM   64   C CE  . LYS A 1 31  ? -9.180  -8.800  8.796   1.00 14.28 ? 1322 LYS A CE  1 
ATOM   65   N NZ  . LYS A 1 31  ? -9.338  -9.254  10.199  1.00 15.45 ? 1322 LYS A NZ  1 
ATOM   66   N N   . LYS A 1 32  ? -12.465 -7.121  4.022   1.00 13.61 ? 1323 LYS A N   1 
ATOM   67   C CA  . LYS A 1 32  ? -12.492 -7.981  2.837   1.00 13.40 ? 1323 LYS A CA  1 
ATOM   68   C C   . LYS A 1 32  ? -12.269 -7.150  1.572   1.00 12.35 ? 1323 LYS A C   1 
ATOM   69   O O   . LYS A 1 32  ? -11.627 -7.645  0.658   1.00 13.85 ? 1323 LYS A O   1 
ATOM   70   C CB  . LYS A 1 32  ? -13.823 -8.731  2.741   1.00 16.63 ? 1323 LYS A CB  1 
ATOM   71   C CG  . LYS A 1 32  ? -13.860 -9.800  1.677   1.00 23.06 ? 1323 LYS A CG  1 
ATOM   72   C CD  . LYS A 1 32  ? -15.104 -10.707 1.753   1.00 27.16 ? 1323 LYS A CD  1 
ATOM   73   N N   . GLN A 1 33  ? -12.784 -5.920  1.529   1.00 12.76 ? 1324 GLN A N   1 
ATOM   74   C CA  . GLN A 1 33  ? -12.535 -5.067  0.339   1.00 12.95 ? 1324 GLN A CA  1 
ATOM   75   C C   . GLN A 1 33  ? -11.016 -4.835  0.182   1.00 13.53 ? 1324 GLN A C   1 
ATOM   76   O O   . GLN A 1 33  ? -10.490 -4.887  -0.926  1.00 13.07 ? 1324 GLN A O   1 
ATOM   77   C CB  . GLN A 1 33  ? -13.245 -3.730  0.471   1.00 13.39 ? 1324 GLN A CB  1 
ATOM   78   C CG  . GLN A 1 33  ? -14.753 -3.902  0.371   1.00 13.60 ? 1324 GLN A CG  1 
ATOM   79   C CD  . GLN A 1 33  ? -15.546 -2.759  0.911   1.00 15.06 ? 1324 GLN A CD  1 
ATOM   80   O OE1 . GLN A 1 33  ? -15.026 -1.797  1.432   1.00 16.17 ? 1324 GLN A OE1 1 
ATOM   81   N NE2 . GLN A 1 33  ? -16.869 -2.882  0.867   1.00 16.81 ? 1324 GLN A NE2 1 
ATOM   82   N N   . CYS A 1 34  ? -10.306 -4.615  1.289   1.00 12.67 ? 1325 CYS A N   1 
ATOM   83   C CA  . CYS A 1 34  ? -8.853  -4.447  1.236   1.00 12.10 ? 1325 CYS A CA  1 
ATOM   84   C C   . CYS A 1 34  ? -8.175  -5.742  0.881   1.00 11.75 ? 1325 CYS A C   1 
ATOM   85   O O   . CYS A 1 34  ? -7.177  -5.722  0.148   1.00 12.35 ? 1325 CYS A O   1 
ATOM   86   C CB  . CYS A 1 34  ? -8.290  -3.876  2.516   1.00 12.41 ? 1325 CYS A CB  1 
ATOM   87   S SG  . CYS A 1 34  ? -8.712  -2.140  2.782   1.00 13.17 ? 1325 CYS A SG  1 
ATOM   88   N N   . GLU A 1 35  ? -8.635  -6.881  1.388   1.00 12.64 ? 1326 GLU A N   1 
ATOM   89   C CA  . GLU A 1 35  ? -8.036  -8.164  0.979   1.00 13.82 ? 1326 GLU A CA  1 
ATOM   90   C C   . GLU A 1 35  ? -8.149  -8.347  -0.536  1.00 14.51 ? 1326 GLU A C   1 
ATOM   91   O O   . GLU A 1 35  ? -7.196  -8.781  -1.167  1.00 15.72 ? 1326 GLU A O   1 
ATOM   92   C CB  . GLU A 1 35  ? -8.746  -9.331  1.683   1.00 16.13 ? 1326 GLU A CB  1 
ATOM   93   C CG  . GLU A 1 35  ? -8.531  -9.401  3.158   1.00 19.93 ? 1326 GLU A CG  1 
ATOM   94   C CD  . GLU A 1 35  ? -9.431  -10.337 3.956   1.00 23.60 ? 1326 GLU A CD  1 
ATOM   95   O OE1 . GLU A 1 35  ? -10.450 -10.806 3.431   1.00 26.34 ? 1326 GLU A OE1 1 
ATOM   96   O OE2 . GLU A 1 35  ? -9.110  -10.544 5.150   1.00 28.21 ? 1326 GLU A OE2 1 
ATOM   97   N N   . GLU A 1 36  ? -9.321  -8.058  -1.095  0.50 15.71 ? 1327 GLU A N   1 
ATOM   98   C CA  . GLU A 1 36  ? -9.572  -8.232  -2.546  0.50 17.01 ? 1327 GLU A CA  1 
ATOM   99   C C   . GLU A 1 36  ? -8.659  -7.271  -3.313  0.50 15.46 ? 1327 GLU A C   1 
ATOM   100  O O   . GLU A 1 36  ? -8.054  -7.693  -4.306  0.50 15.51 ? 1327 GLU A O   1 
ATOM   101  C CB  . GLU A 1 36  ? -11.066 -8.058  -2.832  0.50 20.31 ? 1327 GLU A CB  1 
ATOM   102  C CG  . GLU A 1 36  ? -11.889 -9.219  -2.287  0.50 25.50 ? 1327 GLU A CG  1 
ATOM   103  C CD  . GLU A 1 36  ? -11.401 -10.595 -2.707  0.50 29.91 ? 1327 GLU A CD  1 
ATOM   104  O OE1 . GLU A 1 36  ? -10.949 -10.737 -3.870  0.50 35.84 ? 1327 GLU A OE1 1 
ATOM   105  O OE2 . GLU A 1 36  ? -11.453 -11.525 -1.874  0.50 34.90 ? 1327 GLU A OE2 1 
ATOM   106  N N   . LEU A 1 37  ? -8.525  -6.026  -2.854  1.00 15.15 ? 1328 LEU A N   1 
ATOM   107  C CA  . LEU A 1 37  ? -7.664  -5.071  -3.568  1.00 13.66 ? 1328 LEU A CA  1 
ATOM   108  C C   . LEU A 1 37  ? -6.205  -5.522  -3.490  1.00 13.49 ? 1328 LEU A C   1 
ATOM   109  O O   . LEU A 1 37  ? -5.473  -5.416  -4.483  1.00 13.81 ? 1328 LEU A O   1 
ATOM   110  C CB  . LEU A 1 37  ? -7.885  -3.695  -2.996  1.00 14.10 ? 1328 LEU A CB  1 
ATOM   111  C CG  . LEU A 1 37  ? -7.001  -2.595  -3.547  1.00 13.96 ? 1328 LEU A CG  1 
ATOM   112  C CD1 . LEU A 1 37  ? -7.086  -2.515  -5.065  1.00 15.42 ? 1328 LEU A CD1 1 
ATOM   113  C CD2 . LEU A 1 37  ? -7.389  -1.278  -2.968  1.00 14.90 ? 1328 LEU A CD2 1 
ATOM   114  N N   . LEU A 1 38  ? -5.754  -6.038  -2.358  1.00 13.85 ? 1329 LEU A N   1 
ATOM   115  C CA  . LEU A 1 38  ? -4.385  -6.577  -2.303  1.00 13.75 ? 1329 LEU A CA  1 
ATOM   116  C C   . LEU A 1 38  ? -4.226  -7.742  -3.247  1.00 14.92 ? 1329 LEU A C   1 
ATOM   117  O O   . LEU A 1 38  ? -3.177  -7.838  -3.881  1.00 16.51 ? 1329 LEU A O   1 
ATOM   118  C CB  . LEU A 1 38  ? -4.052  -6.962  -0.865  1.00 13.60 ? 1329 LEU A CB  1 
ATOM   119  C CG  . LEU A 1 38  ? -3.859  -5.805  0.097   1.00 13.93 ? 1329 LEU A CG  1 
ATOM   120  C CD1 . LEU A 1 38  ? -3.829  -6.313  1.527   1.00 15.89 ? 1329 LEU A CD1 1 
ATOM   121  C CD2 . LEU A 1 38  ? -2.600  -4.994  -0.169  1.00 15.55 ? 1329 LEU A CD2 1 
ATOM   122  N N   . ASN A 1 39  ? -5.213  -8.605  -3.364  1.00 16.27 ? 1330 ASN A N   1 
ATOM   123  C CA  . ASN A 1 39  ? -5.173  -9.699  -4.363  1.00 17.89 ? 1330 ASN A CA  1 
ATOM   124  C C   . ASN A 1 39  ? -4.993  -9.087  -5.759  1.00 16.10 ? 1330 ASN A C   1 
ATOM   125  O O   . ASN A 1 39  ? -4.095  -9.612  -6.512  1.00 18.73 ? 1330 ASN A O   1 
ATOM   126  C CB  . ASN A 1 39  ? -6.382  -10.627 -4.271  1.00 20.51 ? 1330 ASN A CB  1 
ATOM   127  C CG  . ASN A 1 39  ? -6.416  -11.503 -3.041  1.00 25.07 ? 1330 ASN A CG  1 
ATOM   128  O OD1 . ASN A 1 39  ? -5.425  -11.668 -2.359  1.00 27.60 ? 1330 ASN A OD1 1 
ATOM   129  N ND2 . ASN A 1 39  ? -7.580  -12.070 -2.759  1.00 27.11 ? 1330 ASN A ND2 1 
ATOM   130  N N   . LEU A 1 40  ? -5.730  -8.063  -6.126  1.00 15.86 ? 1331 LEU A N   1 
ATOM   131  C CA  . LEU A 1 40  ? -5.576  -7.425  -7.457  1.00 16.86 ? 1331 LEU A CA  1 
ATOM   132  C C   . LEU A 1 40  ? -4.176  -6.835  -7.583  1.00 16.73 ? 1331 LEU A C   1 
ATOM   133  O O   . LEU A 1 40  ? -3.515  -7.066  -8.625  1.00 18.00 ? 1331 LEU A O   1 
ATOM   134  C CB  . LEU A 1 40  ? -6.612  -6.342  -7.641  1.00 17.72 ? 1331 LEU A CB  1 
ATOM   135  C CG  . LEU A 1 40  ? -8.059  -6.817  -7.759  1.00 17.24 ? 1331 LEU A CG  1 
ATOM   136  C CD1 . LEU A 1 40  ? -9.002  -5.631  -7.796  1.00 21.41 ? 1331 LEU A CD1 1 
ATOM   137  C CD2 . LEU A 1 40  ? -8.252  -7.739  -8.974  1.00 20.65 ? 1331 LEU A CD2 1 
ATOM   138  N N   . ILE A 1 41  ? -3.648  -6.221  -6.526  1.00 15.63 ? 1332 ILE A N   1 
ATOM   139  C CA  . ILE A 1 41  ? -2.309  -5.615  -6.583  1.00 14.69 ? 1332 ILE A CA  1 
ATOM   140  C C   . ILE A 1 41  ? -1.270  -6.709  -6.814  1.00 15.37 ? 1332 ILE A C   1 
ATOM   141  O O   . ILE A 1 41  ? -0.381  -6.516  -7.651  1.00 14.71 ? 1332 ILE A O   1 
ATOM   142  C CB  . ILE A 1 41  ? -2.051  -4.780  -5.313  1.00 14.21 ? 1332 ILE A CB  1 
ATOM   143  C CG1 . ILE A 1 41  ? -2.904  -3.519  -5.430  1.00 14.76 ? 1332 ILE A CG1 1 
ATOM   144  C CG2 . ILE A 1 41  ? -0.564  -4.481  -5.127  1.00 13.90 ? 1332 ILE A CG2 1 
ATOM   145  C CD1 . ILE A 1 41  ? -2.930  -2.690  -4.214  1.00 16.46 ? 1332 ILE A CD1 1 
ATOM   146  N N   . PHE A 1 42  ? -1.377  -7.822  -6.108  1.00 16.51 ? 1333 PHE A N   1 
ATOM   147  C CA  . PHE A 1 42  ? -0.431  -8.951  -6.303  1.00 18.31 ? 1333 PHE A CA  1 
ATOM   148  C C   . PHE A 1 42  ? -0.533  -9.530  -7.726  1.00 19.69 ? 1333 PHE A C   1 
ATOM   149  O O   . PHE A 1 42  ? 0.530   -9.957  -8.229  1.00 26.19 ? 1333 PHE A O   1 
ATOM   150  C CB  . PHE A 1 42  ? -0.654  -9.990  -5.199  1.00 17.64 ? 1333 PHE A CB  1 
ATOM   151  C CG  . PHE A 1 42  ? 0.139   -9.751  -3.932  1.00 17.20 ? 1333 PHE A CG  1 
ATOM   152  C CD1 . PHE A 1 42  ? -0.325  -8.942  -2.898  1.00 19.39 ? 1333 PHE A CD1 1 
ATOM   153  C CD2 . PHE A 1 42  ? 1.404   -10.305 -3.798  1.00 19.70 ? 1333 PHE A CD2 1 
ATOM   154  C CE1 . PHE A 1 42  ? 0.437   -8.760  -1.744  1.00 19.04 ? 1333 PHE A CE1 1 
ATOM   155  C CE2 . PHE A 1 42  ? 2.160   -10.113 -2.642  1.00 21.07 ? 1333 PHE A CE2 1 
ATOM   156  C CZ  . PHE A 1 42  ? 1.682   -9.312  -1.633  1.00 20.00 ? 1333 PHE A CZ  1 
ATOM   157  N N   . GLN A 1 43  ? -1.670  -9.418  -8.417  1.00 19.80 ? 1334 GLN A N   1 
ATOM   158  C CA  . GLN A 1 43  ? -1.776  -9.898  -9.843  1.00 21.47 ? 1334 GLN A CA  1 
ATOM   159  C C   . GLN A 1 43  ? -1.153  -8.912  -10.841 1.00 21.16 ? 1334 GLN A C   1 
ATOM   160  O O   . GLN A 1 43  ? -0.793  -9.307  -11.944 1.00 22.56 ? 1334 GLN A O   1 
ATOM   161  C CB  . GLN A 1 43  ? -3.237  -10.144 -10.226 1.00 21.91 ? 1334 GLN A CB  1 
ATOM   162  C CG  . GLN A 1 43  ? -3.776  -11.438 -9.605  1.00 26.34 ? 1334 GLN A CG  1 
ATOM   163  C CD  . GLN A 1 43  ? -3.091  -12.719 -10.074 1.00 29.56 ? 1334 GLN A CD  1 
ATOM   164  O OE1 . GLN A 1 43  ? -2.907  -12.994 -11.291 1.00 26.48 ? 1334 GLN A OE1 1 
ATOM   165  N NE2 . GLN A 1 43  ? -2.712  -13.569 -9.116  1.00 30.04 ? 1334 GLN A NE2 1 
ATOM   166  N N   A CYS A 1 44  ? -1.034  -7.641  -10.454 0.19 19.34 ? 1335 CYS A N   1 
ATOM   167  N N   B CYS A 1 44  ? -1.054  -7.637  -10.464 0.19 20.25 ? 1335 CYS A N   1 
ATOM   168  C CA  A CYS A 1 44  ? -0.406  -6.578  -11.278 0.19 18.38 ? 1335 CYS A CA  1 
ATOM   169  C CA  B CYS A 1 44  ? -0.479  -6.561  -11.309 0.19 19.72 ? 1335 CYS A CA  1 
ATOM   170  C C   A CYS A 1 44  ? 1.093   -6.846  -11.391 0.19 17.78 ? 1335 CYS A C   1 
ATOM   171  C C   B CYS A 1 44  ? 1.040   -6.765  -11.401 0.19 18.53 ? 1335 CYS A C   1 
ATOM   172  O O   A CYS A 1 44  ? 1.772   -7.011  -10.357 0.19 16.30 ? 1335 CYS A O   1 
ATOM   173  O O   B CYS A 1 44  ? 1.703   -6.844  -10.355 0.19 17.13 ? 1335 CYS A O   1 
ATOM   174  C CB  A CYS A 1 44  ? -0.627  -5.194  -10.683 0.19 17.96 ? 1335 CYS A CB  1 
ATOM   175  C CB  B CYS A 1 44  ? -0.817  -5.188  -10.736 0.19 20.19 ? 1335 CYS A CB  1 
ATOM   176  S SG  A CYS A 1 44  ? -2.363  -4.695  -10.735 0.19 18.79 ? 1335 CYS A SG  1 
ATOM   177  S SG  B CYS A 1 44  ? -0.508  -3.834  -11.897 0.19 23.24 ? 1335 CYS A SG  1 
ATOM   178  N N   . GLU A 1 45  ? 1.617   -6.855  -12.613 0.38 17.70 ? 1336 GLU A N   1 
ATOM   179  C CA  . GLU A 1 45  ? 3.076   -6.999  -12.826 0.38 17.75 ? 1336 GLU A CA  1 
ATOM   180  C C   . GLU A 1 45  ? 3.806   -5.823  -12.165 0.38 16.44 ? 1336 GLU A C   1 
ATOM   181  O O   . GLU A 1 45  ? 4.920   -6.020  -11.650 0.38 16.79 ? 1336 GLU A O   1 
ATOM   182  C CB  . GLU A 1 45  ? 3.379   -7.073  -14.319 0.38 18.75 ? 1336 GLU A CB  1 
ATOM   183  C CG  . GLU A 1 45  ? 2.847   -8.347  -14.948 0.38 20.80 ? 1336 GLU A CG  1 
ATOM   184  C CD  . GLU A 1 45  ? 3.126   -8.526  -16.428 0.38 23.46 ? 1336 GLU A CD  1 
ATOM   185  O OE1 . GLU A 1 45  ? 3.771   -7.641  -17.030 0.38 25.01 ? 1336 GLU A OE1 1 
ATOM   186  O OE2 . GLU A 1 45  ? 2.698   -9.565  -16.970 0.38 25.39 ? 1336 GLU A OE2 1 
ATOM   187  N N   . ASP A 1 46  ? 3.172   -4.651  -12.142 1.00 15.88 ? 1337 ASP A N   1 
ATOM   188  C CA  . ASP A 1 46  ? 3.786   -3.451  -11.552 1.00 15.52 ? 1337 ASP A CA  1 
ATOM   189  C C   . ASP A 1 46  ? 4.038   -3.627  -10.050 1.00 15.10 ? 1337 ASP A C   1 
ATOM   190  O O   . ASP A 1 46  ? 4.795   -2.822  -9.526  1.00 14.32 ? 1337 ASP A O   1 
ATOM   191  C CB  . ASP A 1 46  ? 2.949   -2.217  -11.788 1.00 14.87 ? 1337 ASP A CB  1 
ATOM   192  C CG  . ASP A 1 46  ? 3.043   -1.706  -13.233 1.00 16.18 ? 1337 ASP A CG  1 
ATOM   193  O OD1 . ASP A 1 46  ? 4.066   -2.036  -13.898 1.00 18.43 ? 1337 ASP A OD1 1 
ATOM   194  O OD2 . ASP A 1 46  ? 2.176   -0.946  -13.640 1.00 16.02 ? 1337 ASP A OD2 1 
ATOM   195  N N   . SER A 1 47  ? 3.417   -4.573  -9.363  1.00 15.35 ? 1338 SER A N   1 
ATOM   196  C CA  . SER A 1 47  ? 3.706   -4.738  -7.927  1.00 14.29 ? 1338 SER A CA  1 
ATOM   197  C C   . SER A 1 47  ? 4.956   -5.542  -7.598  1.00 14.40 ? 1338 SER A C   1 
ATOM   198  O O   . SER A 1 47  ? 5.364   -5.574  -6.455  1.00 15.00 ? 1338 SER A O   1 
ATOM   199  C CB  . SER A 1 47  ? 2.553   -5.305  -7.184  1.00 13.84 ? 1338 SER A CB  1 
ATOM   200  O OG  . SER A 1 47  ? 2.321   -6.699  -7.501  1.00 15.36 ? 1338 SER A OG  1 
ATOM   201  N N   . GLU A 1 48  ? 5.548   -6.197  -8.608  0.38 15.44 ? 1339 GLU A N   1 
ATOM   202  C CA  . GLU A 1 48  ? 6.631   -7.203  -8.418  0.38 16.72 ? 1339 GLU A CA  1 
ATOM   203  C C   . GLU A 1 48  ? 7.659   -6.725  -7.389  0.38 14.91 ? 1339 GLU A C   1 
ATOM   204  O O   . GLU A 1 48  ? 7.889   -7.405  -6.390  0.38 14.86 ? 1339 GLU A O   1 
ATOM   205  C CB  . GLU A 1 48  ? 7.300   -7.569  -9.749  0.38 18.76 ? 1339 GLU A CB  1 
ATOM   206  C CG  . GLU A 1 48  ? 8.177   -8.806  -9.636  0.38 20.87 ? 1339 GLU A CG  1 
ATOM   207  C CD  . GLU A 1 48  ? 9.671   -8.568  -9.730  0.38 23.60 ? 1339 GLU A CD  1 
ATOM   208  O OE1 . GLU A 1 48  ? 10.337  -8.592  -8.671  0.38 24.23 ? 1339 GLU A OE1 1 
ATOM   209  O OE2 . GLU A 1 48  ? 10.165  -8.388  -10.866 0.38 26.39 ? 1339 GLU A OE2 1 
ATOM   210  N N   . PRO A 1 49  ? 8.292   -5.542  -7.569  0.38 13.95 ? 1340 PRO A N   1 
ATOM   211  C CA  . PRO A 1 49  ? 9.371   -5.093  -6.684  0.38 13.47 ? 1340 PRO A CA  1 
ATOM   212  C C   . PRO A 1 49  ? 8.931   -4.751  -5.256  0.38 13.38 ? 1340 PRO A C   1 
ATOM   213  O O   . PRO A 1 49  ? 9.772   -4.726  -4.366  0.38 13.17 ? 1340 PRO A O   1 
ATOM   214  C CB  . PRO A 1 49  ? 9.882   -3.811  -7.356  0.38 13.29 ? 1340 PRO A CB  1 
ATOM   215  C CG  . PRO A 1 49  ? 9.413   -3.930  -8.775  0.38 13.40 ? 1340 PRO A CG  1 
ATOM   216  C CD  . PRO A 1 49  ? 8.050   -4.569  -8.645  0.38 13.78 ? 1340 PRO A CD  1 
ATOM   217  N N   . PHE A 1 50  ? 7.634   -4.512  -5.089  0.38 13.62 ? 1341 PHE A N   1 
ATOM   218  C CA  . PHE A 1 50  ? 7.021   -4.000  -3.841  0.38 14.01 ? 1341 PHE A CA  1 
ATOM   219  C C   . PHE A 1 50  ? 6.338   -5.131  -3.064  0.38 15.11 ? 1341 PHE A C   1 
ATOM   220  O O   . PHE A 1 50  ? 5.667   -4.827  -2.074  0.38 15.93 ? 1341 PHE A O   1 
ATOM   221  C CB  . PHE A 1 50  ? 6.052   -2.876  -4.211  0.38 13.96 ? 1341 PHE A CB  1 
ATOM   222  C CG  . PHE A 1 50  ? 6.691   -1.812  -5.069  0.38 13.10 ? 1341 PHE A CG  1 
ATOM   223  C CD1 . PHE A 1 50  ? 7.741   -1.061  -4.563  0.38 13.84 ? 1341 PHE A CD1 1 
ATOM   224  C CD2 . PHE A 1 50  ? 6.311   -1.609  -6.389  0.38 13.53 ? 1341 PHE A CD2 1 
ATOM   225  C CE1 . PHE A 1 50  ? 8.369   -0.109  -5.342  0.38 14.07 ? 1341 PHE A CE1 1 
ATOM   226  C CE2 . PHE A 1 50  ? 6.941   -0.650  -7.164  0.38 13.67 ? 1341 PHE A CE2 1 
ATOM   227  C CZ  . PHE A 1 50  ? 7.969   0.098   -6.635  0.38 13.87 ? 1341 PHE A CZ  1 
ATOM   228  N N   . ARG A 1 51  ? 6.518   -6.388  -3.471  0.38 15.49 ? 1342 ARG A N   1 
ATOM   229  C CA  . ARG A 1 51  ? 5.751   -7.545  -2.939  0.38 15.89 ? 1342 ARG A CA  1 
ATOM   230  C C   . ARG A 1 51  ? 6.436   -8.151  -1.716  0.38 16.01 ? 1342 ARG A C   1 
ATOM   231  O O   . ARG A 1 51  ? 5.768   -8.995  -1.051  0.38 16.59 ? 1342 ARG A O   1 
ATOM   232  C CB  . ARG A 1 51  ? 5.621   -8.648  -3.993  0.38 16.66 ? 1342 ARG A CB  1 
ATOM   233  C CG  . ARG A 1 51  ? 4.388   -8.516  -4.868  0.38 16.97 ? 1342 ARG A CG  1 
ATOM   234  C CD  . ARG A 1 51  ? 4.285   -9.670  -5.837  0.38 17.59 ? 1342 ARG A CD  1 
ATOM   235  N NE  . ARG A 1 51  ? 3.812   -9.232  -7.139  0.38 18.54 ? 1342 ARG A NE  1 
ATOM   236  C CZ  . ARG A 1 51  ? 4.195   -9.734  -8.313  0.38 19.67 ? 1342 ARG A CZ  1 
ATOM   237  N NH1 . ARG A 1 51  ? 5.081   -10.720 -8.382  0.38 20.94 ? 1342 ARG A NH1 1 
ATOM   238  N NH2 . ARG A 1 51  ? 3.698   -9.232  -9.429  0.38 19.21 ? 1342 ARG A NH2 1 
ATOM   239  N N   . GLN A 1 52  ? 7.721   -7.832  -1.504  1.00 16.70 ? 1343 GLN A N   1 
ATOM   240  C CA  . GLN A 1 52  ? 8.498   -8.276  -0.350  1.00 18.21 ? 1343 GLN A CA  1 
ATOM   241  C C   . GLN A 1 52  ? 9.400   -7.118  0.052   1.00 17.66 ? 1343 GLN A C   1 
ATOM   242  O O   . GLN A 1 52  ? 9.631   -6.216  -0.766  1.00 18.64 ? 1343 GLN A O   1 
ATOM   243  C CB  . GLN A 1 52  ? 9.294   -9.547  -0.704  1.00 21.89 ? 1343 GLN A CB  1 
ATOM   244  C CG  . GLN A 1 52  ? 8.437   -10.711 -1.185  1.00 31.20 ? 1343 GLN A CG  1 
ATOM   245  C CD  . GLN A 1 52  ? 7.539   -11.328 -0.137  1.00 35.25 ? 1343 GLN A CD  1 
ATOM   246  O OE1 . GLN A 1 52  ? 7.887   -11.415 1.041   1.00 41.54 ? 1343 GLN A OE1 1 
ATOM   247  N NE2 . GLN A 1 52  ? 6.371   -11.788 -0.564  1.00 37.25 ? 1343 GLN A NE2 1 
ATOM   248  N N   . PRO A 1 53  ? 9.919   -7.115  1.303   1.00 20.74 ? 1344 PRO A N   1 
ATOM   249  C CA  . PRO A 1 53  ? 10.830  -6.064  1.734   1.00 23.49 ? 1344 PRO A CA  1 
ATOM   250  C C   . PRO A 1 53  ? 11.988  -5.927  0.740   1.00 24.32 ? 1344 PRO A C   1 
ATOM   251  O O   . PRO A 1 53  ? 12.453  -6.939  0.139   1.00 24.57 ? 1344 PRO A O   1 
ATOM   252  C CB  . PRO A 1 53  ? 11.293  -6.514  3.122   1.00 22.79 ? 1344 PRO A CB  1 
ATOM   253  C CG  . PRO A 1 53  ? 10.206  -7.385  3.609   1.00 22.79 ? 1344 PRO A CG  1 
ATOM   254  C CD  . PRO A 1 53  ? 9.646   -8.075  2.388   1.00 22.07 ? 1344 PRO A CD  1 
ATOM   255  N N   . VAL A 1 54  ? 12.393  -4.687  0.494   1.00 24.97 ? 1345 VAL A N   1 
ATOM   256  C CA  . VAL A 1 54  ? 13.598  -4.379  -0.314  1.00 25.70 ? 1345 VAL A CA  1 
ATOM   257  C C   . VAL A 1 54  ? 14.770  -5.171  0.260   1.00 27.00 ? 1345 VAL A C   1 
ATOM   258  O O   . VAL A 1 54  ? 14.908  -5.273  1.503   1.00 27.28 ? 1345 VAL A O   1 
ATOM   259  C CB  . VAL A 1 54  ? 13.912  -2.879  -0.364  1.00 26.20 ? 1345 VAL A CB  1 
ATOM   260  C CG1 . VAL A 1 54  ? 15.276  -2.665  -1.010  1.00 28.45 ? 1345 VAL A CG1 1 
ATOM   261  C CG2 . VAL A 1 54  ? 12.831  -2.112  -1.109  1.00 26.52 ? 1345 VAL A CG2 1 
ATOM   262  N N   . ASP A 1 55  ? 15.530  -5.767  -0.664  1.00 28.64 ? 1346 ASP A N   1 
ATOM   263  C CA  . ASP A 1 55  ? 16.748  -6.557  -0.396  1.00 31.39 ? 1346 ASP A CA  1 
ATOM   264  C C   . ASP A 1 55  ? 17.935  -5.607  -0.242  1.00 28.41 ? 1346 ASP A C   1 
ATOM   265  O O   . ASP A 1 55  ? 18.353  -4.942  -1.215  1.00 29.55 ? 1346 ASP A O   1 
ATOM   266  C CB  . ASP A 1 55  ? 17.010  -7.554  -1.517  1.00 33.73 ? 1346 ASP A CB  1 
ATOM   267  C CG  . ASP A 1 55  ? 18.023  -8.623  -1.150  1.00 37.55 ? 1346 ASP A CG  1 
ATOM   268  O OD1 . ASP A 1 55  ? 18.760  -8.457  -0.138  1.00 38.49 ? 1346 ASP A OD1 1 
ATOM   269  O OD2 . ASP A 1 55  ? 18.051  -9.624  -1.868  1.00 39.29 ? 1346 ASP A OD2 1 
ATOM   270  N N   . LEU A 1 56  ? 18.503  -5.634  0.932   1.00 28.94 ? 1347 LEU A N   1 
ATOM   271  C CA  . LEU A 1 56  ? 19.615  -4.757  1.345   1.00 32.07 ? 1347 LEU A CA  1 
ATOM   272  C C   . LEU A 1 56  ? 20.929  -5.232  0.702   1.00 30.62 ? 1347 LEU A C   1 
ATOM   273  O O   . LEU A 1 56  ? 21.824  -4.402  0.558   1.00 33.46 ? 1347 LEU A O   1 
ATOM   274  C CB  . LEU A 1 56  ? 19.637  -4.764  2.874   1.00 34.34 ? 1347 LEU A CB  1 
ATOM   275  C CG  . LEU A 1 56  ? 18.314  -4.323  3.508   1.00 39.74 ? 1347 LEU A CG  1 
ATOM   276  C CD1 . LEU A 1 56  ? 18.266  -4.663  4.989   1.00 38.47 ? 1347 LEU A CD1 1 
ATOM   277  C CD2 . LEU A 1 56  ? 18.055  -2.833  3.296   1.00 41.17 ? 1347 LEU A CD2 1 
ATOM   278  N N   . LEU A 1 57  ? 21.019  -6.481  0.224   1.00 33.38 ? 1348 LEU A N   1 
ATOM   279  C CA  . LEU A 1 57  ? 22.252  -6.943  -0.457  1.00 36.00 ? 1348 LEU A CA  1 
ATOM   280  C C   . LEU A 1 57  ? 22.256  -6.388  -1.892  1.00 37.19 ? 1348 LEU A C   1 
ATOM   281  O O   . LEU A 1 57  ? 23.360  -6.066  -2.422  1.00 37.33 ? 1348 LEU A O   1 
ATOM   282  C CB  . LEU A 1 57  ? 22.300  -8.473  -0.414  1.00 40.06 ? 1348 LEU A CB  1 
ATOM   283  C CG  . LEU A 1 57  ? 22.166  -9.074  0.986   1.00 43.43 ? 1348 LEU A CG  1 
ATOM   284  C CD1 . LEU A 1 57  ? 21.994  -10.585 0.934   1.00 48.73 ? 1348 LEU A CD1 1 
ATOM   285  C CD2 . LEU A 1 57  ? 23.354  -8.696  1.844   1.00 45.12 ? 1348 LEU A CD2 1 
ATOM   286  N N   . GLU A 1 58  ? 21.068  -6.267  -2.487  1.00 31.90 ? 1349 GLU A N   1 
ATOM   287  C CA  . GLU A 1 58  ? 20.869  -5.649  -3.830  1.00 32.54 ? 1349 GLU A CA  1 
ATOM   288  C C   . GLU A 1 58  ? 21.061  -4.122  -3.717  1.00 30.26 ? 1349 GLU A C   1 
ATOM   289  O O   . GLU A 1 58  ? 21.592  -3.503  -4.663  1.00 32.56 ? 1349 GLU A O   1 
ATOM   290  C CB  . GLU A 1 58  ? 19.466  -5.933  -4.378  1.00 36.73 ? 1349 GLU A CB  1 
ATOM   291  C CG  . GLU A 1 58  ? 19.144  -7.408  -4.648  1.00 41.11 ? 1349 GLU A CG  1 
ATOM   292  C CD  . GLU A 1 58  ? 17.729  -7.706  -5.145  1.00 50.01 ? 1349 GLU A CD  1 
ATOM   293  O OE1 . GLU A 1 58  ? 16.953  -6.741  -5.400  1.00 48.40 ? 1349 GLU A OE1 1 
ATOM   294  O OE2 . GLU A 1 58  ? 17.393  -8.917  -5.297  1.00 55.40 ? 1349 GLU A OE2 1 
ATOM   295  N N   . TYR A 1 59  ? 20.570  -3.517  -2.623  1.00 28.32 ? 1350 TYR A N   1 
ATOM   296  C CA  . TYR A 1 59  ? 20.518  -2.039  -2.432  1.00 26.52 ? 1350 TYR A CA  1 
ATOM   297  C C   . TYR A 1 59  ? 21.145  -1.694  -1.080  1.00 27.10 ? 1350 TYR A C   1 
ATOM   298  O O   . TYR A 1 59  ? 20.444  -1.355  -0.132  1.00 22.67 ? 1350 TYR A O   1 
ATOM   299  C CB  . TYR A 1 59  ? 19.046  -1.609  -2.580  1.00 24.65 ? 1350 TYR A CB  1 
ATOM   300  C CG  . TYR A 1 59  ? 18.448  -1.951  -3.929  1.00 24.27 ? 1350 TYR A CG  1 
ATOM   301  C CD1 . TYR A 1 59  ? 18.679  -1.173  -5.045  1.00 25.14 ? 1350 TYR A CD1 1 
ATOM   302  C CD2 . TYR A 1 59  ? 17.618  -3.049  -4.085  1.00 28.31 ? 1350 TYR A CD2 1 
ATOM   303  C CE1 . TYR A 1 59  ? 18.141  -1.491  -6.290  1.00 25.94 ? 1350 TYR A CE1 1 
ATOM   304  C CE2 . TYR A 1 59  ? 17.084  -3.392  -5.325  1.00 27.00 ? 1350 TYR A CE2 1 
ATOM   305  C CZ  . TYR A 1 59  ? 17.325  -2.597  -6.432  1.00 28.15 ? 1350 TYR A CZ  1 
ATOM   306  O OH  . TYR A 1 59  ? 16.757  -2.902  -7.651  1.00 27.34 ? 1350 TYR A OH  1 
ATOM   307  N N   . PRO A 1 60  ? 22.487  -1.815  -0.908  1.00 27.43 ? 1351 PRO A N   1 
ATOM   308  C CA  . PRO A 1 60  ? 23.050  -1.750  0.443   1.00 26.50 ? 1351 PRO A CA  1 
ATOM   309  C C   . PRO A 1 60  ? 22.940  -0.383  1.158   1.00 25.55 ? 1351 PRO A C   1 
ATOM   310  O O   . PRO A 1 60  ? 23.063  -0.324  2.337   1.00 25.01 ? 1351 PRO A O   1 
ATOM   311  C CB  . PRO A 1 60  ? 24.519  -2.189  0.209   1.00 29.51 ? 1351 PRO A CB  1 
ATOM   312  C CG  . PRO A 1 60  ? 24.797  -1.858  -1.224  1.00 27.89 ? 1351 PRO A CG  1 
ATOM   313  C CD  . PRO A 1 60  ? 23.486  -2.099  -1.954  1.00 31.88 ? 1351 PRO A CD  1 
ATOM   314  N N   . ASP A 1 61  ? 22.601  0.681   0.452   1.00 24.98 ? 1352 ASP A N   1 
ATOM   315  C CA  . ASP A 1 61  ? 22.424  2.015   1.093   1.00 23.14 ? 1352 ASP A CA  1 
ATOM   316  C C   . ASP A 1 61  ? 20.950  2.295   1.453   1.00 21.56 ? 1352 ASP A C   1 
ATOM   317  O O   . ASP A 1 61  ? 20.627  3.377   1.934   1.00 19.49 ? 1352 ASP A O   1 
ATOM   318  C CB  . ASP A 1 61  ? 22.949  3.111   0.168   1.00 24.63 ? 1352 ASP A CB  1 
ATOM   319  C CG  . ASP A 1 61  ? 22.191  3.231   -1.128  1.00 24.56 ? 1352 ASP A CG  1 
ATOM   320  O OD1 . ASP A 1 61  ? 21.585  2.209   -1.541  1.00 29.74 ? 1352 ASP A OD1 1 
ATOM   321  O OD2 . ASP A 1 61  ? 22.237  4.311   -1.739  1.00 34.29 ? 1352 ASP A OD2 1 
ATOM   322  N N   . TYR A 1 62  ? 20.067  1.314   1.265   0.38 20.50 ? 1353 TYR A N   1 
ATOM   323  C CA  . TYR A 1 62  ? 18.597  1.535   1.324   0.38 19.39 ? 1353 TYR A CA  1 
ATOM   324  C C   . TYR A 1 62  ? 18.193  2.165   2.664   0.38 19.59 ? 1353 TYR A C   1 
ATOM   325  O O   . TYR A 1 62  ? 17.381  3.124   2.641   0.38 18.81 ? 1353 TYR A O   1 
ATOM   326  C CB  . TYR A 1 62  ? 17.848  0.230   1.056   0.38 18.92 ? 1353 TYR A CB  1 
ATOM   327  C CG  . TYR A 1 62  ? 16.372  0.427   0.832   0.38 18.11 ? 1353 TYR A CG  1 
ATOM   328  C CD1 . TYR A 1 62  ? 15.923  1.094   -0.292  0.38 17.43 ? 1353 TYR A CD1 1 
ATOM   329  C CD2 . TYR A 1 62  ? 15.437  -0.008  1.759   0.38 17.63 ? 1353 TYR A CD2 1 
ATOM   330  C CE1 . TYR A 1 62  ? 14.572  1.294   -0.515  0.38 16.99 ? 1353 TYR A CE1 1 
ATOM   331  C CE2 . TYR A 1 62  ? 14.076  0.169   1.545   0.38 17.01 ? 1353 TYR A CE2 1 
ATOM   332  C CZ  . TYR A 1 62  ? 13.652  0.841   0.412   0.38 17.20 ? 1353 TYR A CZ  1 
ATOM   333  O OH  . TYR A 1 62  ? 12.321  1.048   0.194   0.38 16.96 ? 1353 TYR A OH  1 
ATOM   334  N N   . ARG A 1 63  ? 18.699  1.645   3.789   1.00 19.33 ? 1354 ARG A N   1 
ATOM   335  C CA  . ARG A 1 63  ? 18.325  2.120   5.129   1.00 20.59 ? 1354 ARG A CA  1 
ATOM   336  C C   . ARG A 1 63  ? 19.043  3.423   5.515   1.00 18.67 ? 1354 ARG A C   1 
ATOM   337  O O   . ARG A 1 63  ? 18.627  4.043   6.490   1.00 21.95 ? 1354 ARG A O   1 
ATOM   338  C CB  . ARG A 1 63  ? 18.579  1.077   6.215   1.00 22.60 ? 1354 ARG A CB  1 
ATOM   339  C CG  . ARG A 1 63  ? 17.652  -0.116  6.152   1.00 25.81 ? 1354 ARG A CG  1 
ATOM   340  C CD  . ARG A 1 63  ? 16.165  0.257   6.192   1.00 27.96 ? 1354 ARG A CD  1 
ATOM   341  N NE  . ARG A 1 63  ? 15.832  0.932   7.435   1.00 32.42 ? 1354 ARG A NE  1 
ATOM   342  C CZ  . ARG A 1 63  ? 15.539  0.305   8.572   1.00 33.99 ? 1354 ARG A CZ  1 
ATOM   343  N NH1 . ARG A 1 63  ? 15.527  -1.017  8.618   1.00 37.89 ? 1354 ARG A NH1 1 
ATOM   344  N NH2 . ARG A 1 63  ? 15.264  0.999   9.656   1.00 40.60 ? 1354 ARG A NH2 1 
ATOM   345  N N   . ASP A 1 64  ? 19.975  3.917   4.693   1.00 20.43 ? 1355 ASP A N   1 
ATOM   346  C CA  . ASP A 1 64  ? 20.546  5.279   4.876   1.00 21.67 ? 1355 ASP A CA  1 
ATOM   347  C C   . ASP A 1 64  ? 19.560  6.344   4.376   1.00 22.96 ? 1355 ASP A C   1 
ATOM   348  O O   . ASP A 1 64  ? 19.636  7.520   4.803   1.00 27.02 ? 1355 ASP A O   1 
ATOM   349  C CB  . ASP A 1 64  ? 21.831  5.437   4.070   1.00 22.40 ? 1355 ASP A CB  1 
ATOM   350  C CG  . ASP A 1 64  ? 22.956  4.486   4.435   1.00 24.42 ? 1355 ASP A CG  1 
ATOM   351  O OD1 . ASP A 1 64  ? 22.961  3.938   5.568   1.00 28.36 ? 1355 ASP A OD1 1 
ATOM   352  O OD2 . ASP A 1 64  ? 23.807  4.303   3.569   1.00 29.04 ? 1355 ASP A OD2 1 
ATOM   353  N N   A ILE A 1 65  ? 18.647  5.967   3.485   0.19 21.43 ? 1356 ILE A N   1 
ATOM   354  N N   B ILE A 1 65  ? 18.685  5.931   3.449   0.19 20.25 ? 1356 ILE A N   1 
ATOM   355  C CA  A ILE A 1 65  ? 17.667  6.918   2.883   0.19 20.25 ? 1356 ILE A CA  1 
ATOM   356  C CA  B ILE A 1 65  ? 17.740  6.803   2.690   0.19 18.52 ? 1356 ILE A CA  1 
ATOM   357  C C   A ILE A 1 65  ? 16.292  6.665   3.500   0.19 19.69 ? 1356 ILE A C   1 
ATOM   358  C C   B ILE A 1 65  ? 16.322  6.661   3.263   0.19 18.40 ? 1356 ILE A C   1 
ATOM   359  O O   A ILE A 1 65  ? 15.632  7.625   3.930   0.19 19.08 ? 1356 ILE A O   1 
ATOM   360  O O   B ILE A 1 65  ? 15.641  7.700   3.391   0.19 18.24 ? 1356 ILE A O   1 
ATOM   361  C CB  A ILE A 1 65  ? 17.673  6.774   1.353   0.19 20.70 ? 1356 ILE A CB  1 
ATOM   362  C CB  B ILE A 1 65  ? 17.791  6.458   1.186   0.19 18.17 ? 1356 ILE A CB  1 
ATOM   363  C CG1 A ILE A 1 65  ? 19.081  6.994   0.785   0.19 21.49 ? 1356 ILE A CG1 1 
ATOM   364  C CG1 B ILE A 1 65  ? 19.225  6.452   0.643   0.19 17.68 ? 1356 ILE A CG1 1 
ATOM   365  C CG2 A ILE A 1 65  ? 16.648  7.697   0.715   0.19 20.84 ? 1356 ILE A CG2 1 
ATOM   366  C CG2 B ILE A 1 65  ? 16.887  7.379   0.378   0.19 18.01 ? 1356 ILE A CG2 1 
ATOM   367  C CD1 A ILE A 1 65  ? 19.425  6.097   -0.370  0.19 22.72 ? 1356 ILE A CD1 1 
ATOM   368  C CD1 B ILE A 1 65  ? 19.924  7.789   0.701   0.19 18.12 ? 1356 ILE A CD1 1 
ATOM   369  N N   . ILE A 1 66  ? 15.877  5.410   3.555   0.38 18.77 ? 1357 ILE A N   1 
ATOM   370  C CA  . ILE A 1 66  ? 14.488  5.049   3.942   0.38 18.68 ? 1357 ILE A CA  1 
ATOM   371  C C   . ILE A 1 66  ? 14.452  4.726   5.440   0.38 18.54 ? 1357 ILE A C   1 
ATOM   372  O O   . ILE A 1 66  ? 15.265  3.900   5.885   0.38 19.43 ? 1357 ILE A O   1 
ATOM   373  C CB  . ILE A 1 66  ? 13.992  3.896   3.050   0.38 18.00 ? 1357 ILE A CB  1 
ATOM   374  C CG1 . ILE A 1 66  ? 14.092  4.253   1.562   0.38 18.96 ? 1357 ILE A CG1 1 
ATOM   375  C CG2 . ILE A 1 66  ? 12.583  3.495   3.442   0.38 18.47 ? 1357 ILE A CG2 1 
ATOM   376  C CD1 . ILE A 1 66  ? 13.390  5.533   1.171   0.38 18.91 ? 1357 ILE A CD1 1 
ATOM   377  N N   . ASP A 1 67  ? 13.542  5.374   6.177   0.38 20.42 ? 1358 ASP A N   1 
ATOM   378  C CA  . ASP A 1 67  ? 13.304  5.164   7.633   0.38 20.92 ? 1358 ASP A CA  1 
ATOM   379  C C   . ASP A 1 67  ? 12.630  3.811   7.891   0.38 19.81 ? 1358 ASP A C   1 
ATOM   380  O O   . ASP A 1 67  ? 13.171  3.005   8.666   0.38 21.16 ? 1358 ASP A O   1 
ATOM   381  C CB  . ASP A 1 67  ? 12.364  6.222   8.218   0.38 22.47 ? 1358 ASP A CB  1 
ATOM   382  C CG  . ASP A 1 67  ? 13.000  7.568   8.497   0.38 23.31 ? 1358 ASP A CG  1 
ATOM   383  O OD1 . ASP A 1 67  ? 13.830  7.640   9.427   0.38 24.94 ? 1358 ASP A OD1 1 
ATOM   384  O OD2 . ASP A 1 67  ? 12.637  8.537   7.798   0.38 25.41 ? 1358 ASP A OD2 1 
ATOM   385  N N   . THR A 1 68  ? 11.437  3.616   7.309   0.38 17.88 ? 1359 THR A N   1 
ATOM   386  C CA  . THR A 1 68  ? 10.465  2.546   7.660   0.38 16.69 ? 1359 THR A CA  1 
ATOM   387  C C   . THR A 1 68  ? 10.139  1.728   6.413   0.38 15.08 ? 1359 THR A C   1 
ATOM   388  O O   . THR A 1 68  ? 9.249   2.091   5.630   0.38 14.49 ? 1359 THR A O   1 
ATOM   389  C CB  . THR A 1 68  ? 9.163   3.109   8.241   0.38 16.22 ? 1359 THR A CB  1 
ATOM   390  O OG1 . THR A 1 68  ? 9.467   3.933   9.372   0.38 16.86 ? 1359 THR A OG1 1 
ATOM   391  C CG2 . THR A 1 68  ? 8.199   2.006   8.624   0.38 16.30 ? 1359 THR A CG2 1 
ATOM   392  N N   . PRO A 1 69  ? 10.821  0.586   6.201   0.38 14.89 ? 1360 PRO A N   1 
ATOM   393  C CA  . PRO A 1 69  ? 10.534  -0.271  5.060   0.38 15.28 ? 1360 PRO A CA  1 
ATOM   394  C C   . PRO A 1 69  ? 9.066   -0.701  5.145   0.38 14.27 ? 1360 PRO A C   1 
ATOM   395  O O   . PRO A 1 69  ? 8.614   -1.055  6.210   0.38 14.19 ? 1360 PRO A O   1 
ATOM   396  C CB  . PRO A 1 69  ? 11.475  -1.482  5.180   0.38 15.64 ? 1360 PRO A CB  1 
ATOM   397  C CG  . PRO A 1 69  ? 12.364  -1.209  6.381   0.38 15.75 ? 1360 PRO A CG  1 
ATOM   398  C CD  . PRO A 1 69  ? 11.871  0.040   7.073   0.38 15.06 ? 1360 PRO A CD  1 
ATOM   399  N N   . MET A 1 70  ? 8.348   -0.608  4.028   0.38 14.83 ? 1361 MET A N   1 
ATOM   400  C CA  . MET A 1 70  ? 7.022   -1.247  3.899   0.38 14.62 ? 1361 MET A CA  1 
ATOM   401  C C   . MET A 1 70  ? 6.946   -1.911  2.528   0.38 14.26 ? 1361 MET A C   1 
ATOM   402  O O   . MET A 1 70  ? 7.506   -1.374  1.561   0.38 14.53 ? 1361 MET A O   1 
ATOM   403  C CB  . MET A 1 70  ? 5.882   -0.239  4.067   0.38 14.43 ? 1361 MET A CB  1 
ATOM   404  C CG  . MET A 1 70  ? 4.502   -0.876  4.153   0.38 14.23 ? 1361 MET A CG  1 
ATOM   405  S SD  . MET A 1 70  ? 4.294   -2.252  5.325   0.38 14.17 ? 1361 MET A SD  1 
ATOM   406  C CE  . MET A 1 70  ? 4.941   -1.513  6.827   0.38 14.30 ? 1361 MET A CE  1 
ATOM   407  N N   . ASP A 1 71  ? 6.265   -3.048  2.477   0.38 13.78 ? 1362 ASP A N   1 
ATOM   408  C CA  . ASP A 1 71  ? 5.961   -3.763  1.217   0.38 14.02 ? 1362 ASP A CA  1 
ATOM   409  C C   . ASP A 1 71  ? 4.550   -4.329  1.336   0.38 13.28 ? 1362 ASP A C   1 
ATOM   410  O O   . ASP A 1 71  ? 3.965   -4.270  2.435   0.38 13.83 ? 1362 ASP A O   1 
ATOM   411  C CB  . ASP A 1 71  ? 6.978   -4.871  0.977   0.38 15.09 ? 1362 ASP A CB  1 
ATOM   412  C CG  . ASP A 1 71  ? 6.852   -5.980  2.001   0.38 15.65 ? 1362 ASP A CG  1 
ATOM   413  O OD1 . ASP A 1 71  ? 7.567   -5.915  3.022   0.38 18.26 ? 1362 ASP A OD1 1 
ATOM   414  O OD2 . ASP A 1 71  ? 6.007   -6.867  1.794   0.38 15.74 ? 1362 ASP A OD2 1 
ATOM   415  N N   . PHE A 1 72  ? 4.041   -4.917  0.260   1.00 12.38 ? 1363 PHE A N   1 
ATOM   416  C CA  . PHE A 1 72  ? 2.654   -5.394  0.238   1.00 12.68 ? 1363 PHE A CA  1 
ATOM   417  C C   . PHE A 1 72  ? 2.449   -6.663  1.029   1.00 13.94 ? 1363 PHE A C   1 
ATOM   418  O O   . PHE A 1 72  ? 1.355   -6.884  1.510   1.00 13.09 ? 1363 PHE A O   1 
ATOM   419  C CB  . PHE A 1 72  ? 2.147   -5.550  -1.186  1.00 12.57 ? 1363 PHE A CB  1 
ATOM   420  C CG  . PHE A 1 72  ? 1.833   -4.227  -1.814  1.00 11.89 ? 1363 PHE A CG  1 
ATOM   421  C CD1 . PHE A 1 72  ? 0.700   -3.537  -1.472  1.00 12.67 ? 1363 PHE A CD1 1 
ATOM   422  C CD2 . PHE A 1 72  ? 2.650   -3.701  -2.793  1.00 12.67 ? 1363 PHE A CD2 1 
ATOM   423  C CE1 . PHE A 1 72  ? 0.423   -2.319  -2.033  1.00 13.43 ? 1363 PHE A CE1 1 
ATOM   424  C CE2 . PHE A 1 72  ? 2.331   -2.507  -3.395  1.00 12.57 ? 1363 PHE A CE2 1 
ATOM   425  C CZ  . PHE A 1 72  ? 1.242   -1.799  -2.981  1.00 12.22 ? 1363 PHE A CZ  1 
ATOM   426  N N   . ALA A 1 73  ? 3.480   -7.501  1.139   1.00 13.27 ? 1364 ALA A N   1 
ATOM   427  C CA  . ALA A 1 73  ? 3.336   -8.703  2.000   1.00 13.90 ? 1364 ALA A CA  1 
ATOM   428  C C   . ALA A 1 73  ? 3.189   -8.283  3.460   1.00 13.43 ? 1364 ALA A C   1 
ATOM   429  O O   . ALA A 1 73  ? 2.344   -8.843  4.177   1.00 13.77 ? 1364 ALA A O   1 
ATOM   430  C CB  . ALA A 1 73  ? 4.520   -9.636  1.838   1.00 15.16 ? 1364 ALA A CB  1 
ATOM   431  N N   . THR A 1 74  ? 3.940   -7.299  3.896   1.00 13.51 ? 1365 THR A N   1 
ATOM   432  C CA  . THR A 1 74  ? 3.795   -6.796  5.280   1.00 13.41 ? 1365 THR A CA  1 
ATOM   433  C C   . THR A 1 74  ? 2.399   -6.179  5.475   1.00 11.44 ? 1365 THR A C   1 
ATOM   434  O O   . THR A 1 74  ? 1.753   -6.467  6.482   1.00 12.54 ? 1365 THR A O   1 
ATOM   435  C CB  . THR A 1 74  ? 4.862   -5.783  5.615   1.00 14.75 ? 1365 THR A CB  1 
ATOM   436  O OG1 . THR A 1 74  ? 6.143   -6.436  5.515   1.00 16.47 ? 1365 THR A OG1 1 
ATOM   437  C CG2 . THR A 1 74  ? 4.700   -5.135  6.971   1.00 13.99 ? 1365 THR A CG2 1 
ATOM   438  N N   . VAL A 1 75  ? 1.899   -5.452  4.500   1.00 12.17 ? 1366 VAL A N   1 
ATOM   439  C CA  . VAL A 1 75  ? 0.530   -4.882  4.617   1.00 11.52 ? 1366 VAL A CA  1 
ATOM   440  C C   . VAL A 1 75  ? -0.487  -6.008  4.708   1.00 12.09 ? 1366 VAL A C   1 
ATOM   441  O O   . VAL A 1 75  ? -1.373  -6.002  5.595   1.00 12.27 ? 1366 VAL A O   1 
ATOM   442  C CB  . VAL A 1 75  ? 0.254   -3.929  3.451   1.00 12.41 ? 1366 VAL A CB  1 
ATOM   443  C CG1 . VAL A 1 75  ? -1.174  -3.478  3.494   1.00 11.80 ? 1366 VAL A CG1 1 
ATOM   444  C CG2 . VAL A 1 75  ? 1.154   -2.747  3.473   1.00 12.94 ? 1366 VAL A CG2 1 
ATOM   445  N N   . ARG A 1 76  ? -0.400  -7.013  3.850   1.00 11.82 ? 1367 ARG A N   1 
ATOM   446  C CA  . ARG A 1 76  ? -1.355  -8.134  3.880   1.00 14.12 ? 1367 ARG A CA  1 
ATOM   447  C C   . ARG A 1 76  ? -1.281  -8.879  5.211   1.00 13.79 ? 1367 ARG A C   1 
ATOM   448  O O   . ARG A 1 76  ? -2.342  -9.247  5.740   1.00 14.27 ? 1367 ARG A O   1 
ATOM   449  C CB  . ARG A 1 76  ? -1.038  -9.093  2.734   1.00 14.59 ? 1367 ARG A CB  1 
ATOM   450  C CG  . ARG A 1 76  ? -2.007  -10.255 2.643   1.00 18.43 ? 1367 ARG A CG  1 
ATOM   451  C CD  . ARG A 1 76  ? -1.507  -11.186 1.561   1.00 23.31 ? 1367 ARG A CD  1 
ATOM   452  N NE  . ARG A 1 76  ? -2.270  -10.938 0.384   1.00 24.84 ? 1367 ARG A NE  1 
ATOM   453  C CZ  . ARG A 1 76  ? -1.958  -11.367 -0.838  1.00 25.55 ? 1367 ARG A CZ  1 
ATOM   454  N NH1 . ARG A 1 76  ? -0.799  -11.955 -1.059  1.00 23.61 ? 1367 ARG A NH1 1 
ATOM   455  N NH2 . ARG A 1 76  ? -2.817  -11.160 -1.806  1.00 26.89 ? 1367 ARG A NH2 1 
ATOM   456  N N   . GLU A 1 77  ? -0.069  -9.146  5.695   1.00 13.81 ? 1368 GLU A N   1 
ATOM   457  C CA  . GLU A 1 77  ? 0.071   -9.889  6.948   1.00 15.04 ? 1368 GLU A CA  1 
ATOM   458  C C   . GLU A 1 77  ? -0.493  -9.061  8.099   1.00 13.97 ? 1368 GLU A C   1 
ATOM   459  O O   . GLU A 1 77  ? -1.112  -9.629  9.012   1.00 14.16 ? 1368 GLU A O   1 
ATOM   460  C CB  . GLU A 1 77  ? 1.529   -10.210 7.130   1.00 17.94 ? 1368 GLU A CB  1 
ATOM   461  C CG  . GLU A 1 77  ? 2.064   -11.280 6.214   1.00 22.72 ? 1368 GLU A CG  1 
ATOM   462  C CD  . GLU A 1 77  ? 3.552   -11.206 5.898   1.00 29.92 ? 1368 GLU A CD  1 
ATOM   463  O OE1 . GLU A 1 77  ? 4.279   -10.467 6.606   1.00 33.60 ? 1368 GLU A OE1 1 
ATOM   464  O OE2 . GLU A 1 77  ? 3.975   -11.910 4.929   1.00 40.82 ? 1368 GLU A OE2 1 
ATOM   465  N N   . THR A 1 78  ? -0.277  -7.760  8.093   1.00 13.43 ? 1369 THR A N   1 
ATOM   466  C CA  . THR A 1 78  ? -0.801  -6.870  9.170   1.00 12.40 ? 1369 THR A CA  1 
ATOM   467  C C   . THR A 1 78  ? -2.335  -6.922  9.141   1.00 13.57 ? 1369 THR A C   1 
ATOM   468  O O   . THR A 1 78  ? -2.994  -7.073  10.216  1.00 13.72 ? 1369 THR A O   1 
ATOM   469  C CB  . THR A 1 78  ? -0.293  -5.433  9.000   1.00 13.25 ? 1369 THR A CB  1 
ATOM   470  O OG1 . THR A 1 78  ? 1.126   -5.429  9.014   1.00 14.05 ? 1369 THR A OG1 1 
ATOM   471  C CG2 . THR A 1 78  ? -0.796  -4.489  10.065  1.00 13.38 ? 1369 THR A CG2 1 
ATOM   472  N N   . LEU A 1 79  ? -2.941  -6.877  7.948   1.00 12.38 ? 1370 LEU A N   1 
ATOM   473  C CA  . LEU A 1 79  ? -4.400  -6.960  7.812   1.00 12.60 ? 1370 LEU A CA  1 
ATOM   474  C C   . LEU A 1 79  ? -4.876  -8.300  8.337   1.00 13.03 ? 1370 LEU A C   1 
ATOM   475  O O   . LEU A 1 79  ? -5.865  -8.354  9.145   1.00 13.08 ? 1370 LEU A O   1 
ATOM   476  C CB  . LEU A 1 79  ? -4.709  -6.746  6.324   1.00 11.97 ? 1370 LEU A CB  1 
ATOM   477  C CG  . LEU A 1 79  ? -6.198  -6.727  5.997   1.00 12.73 ? 1370 LEU A CG  1 
ATOM   478  C CD1 . LEU A 1 79  ? -6.878  -5.515  6.596   1.00 13.42 ? 1370 LEU A CD1 1 
ATOM   479  C CD2 . LEU A 1 79  ? -6.376  -6.741  4.482   1.00 13.74 ? 1370 LEU A CD2 1 
ATOM   480  N N   . GLU A 1 80  ? -4.250  -9.361  7.862   1.00 13.56 ? 1371 GLU A N   1 
ATOM   481  C CA  . GLU A 1 80  ? -4.715  -10.727 8.195   1.00 15.86 ? 1371 GLU A CA  1 
ATOM   482  C C   . GLU A 1 80  ? -4.471  -11.062 9.669   1.00 15.12 ? 1371 GLU A C   1 
ATOM   483  O O   . GLU A 1 80  ? -5.242  -11.866 10.183  1.00 16.48 ? 1371 GLU A O   1 
ATOM   484  C CB  . GLU A 1 80  ? -4.066  -11.768 7.273   1.00 15.36 ? 1371 GLU A CB  1 
ATOM   485  C CG  . GLU A 1 80  ? -4.470  -11.630 5.797   1.00 19.41 ? 1371 GLU A CG  1 
ATOM   486  C CD  . GLU A 1 80  ? -5.979  -11.585 5.565   1.00 29.08 ? 1371 GLU A CD  1 
ATOM   487  O OE1 . GLU A 1 80  ? -6.527  -12.673 5.331   1.00 37.80 ? 1371 GLU A OE1 1 
ATOM   488  O OE2 . GLU A 1 80  ? -6.639  -10.492 5.723   1.00 27.76 ? 1371 GLU A OE2 1 
ATOM   489  N N   . ALA A 1 81  ? -3.535  -10.435 10.330  1.00 14.50 ? 1372 ALA A N   1 
ATOM   490  C CA  . ALA A 1 81  ? -3.309  -10.589 11.793  1.00 15.27 ? 1372 ALA A CA  1 
ATOM   491  C C   . ALA A 1 81  ? -4.363  -9.838  12.603  1.00 15.58 ? 1372 ALA A C   1 
ATOM   492  O O   . ALA A 1 81  ? -4.445  -9.959  13.830  1.00 16.57 ? 1372 ALA A O   1 
ATOM   493  C CB  . ALA A 1 81  ? -1.951  -10.113 12.139  1.00 16.58 ? 1372 ALA A CB  1 
ATOM   494  N N   . GLY A 1 82  ? -5.203  -9.019  11.962  1.00 14.28 ? 1373 GLY A N   1 
ATOM   495  C CA  . GLY A 1 82  ? -6.118  -8.179  12.711  1.00 13.55 ? 1373 GLY A CA  1 
ATOM   496  C C   . GLY A 1 82  ? -5.409  -7.055  13.380  1.00 13.12 ? 1373 GLY A C   1 
ATOM   497  O O   . GLY A 1 82  ? -5.770  -6.676  14.472  1.00 14.58 ? 1373 GLY A O   1 
ATOM   498  N N   . ASN A 1 83  ? -4.373  -6.472  12.756  1.00 12.43 ? 1374 ASN A N   1 
ATOM   499  C CA  . ASN A 1 83  ? -3.593  -5.366  13.360  1.00 12.61 ? 1374 ASN A CA  1 
ATOM   500  C C   . ASN A 1 83  ? -3.779  -4.022  12.624  1.00 12.56 ? 1374 ASN A C   1 
ATOM   501  O O   . ASN A 1 83  ? -3.052  -3.100  12.884  1.00 13.40 ? 1374 ASN A O   1 
ATOM   502  C CB  . ASN A 1 83  ? -2.125  -5.740  13.447  1.00 13.80 ? 1374 ASN A CB  1 
ATOM   503  C CG  . ASN A 1 83  ? -1.858  -6.766  14.526  1.00 16.26 ? 1374 ASN A CG  1 
ATOM   504  O OD1 . ASN A 1 83  ? -2.726  -7.228  15.287  1.00 17.10 ? 1374 ASN A OD1 1 
ATOM   505  N ND2 . ASN A 1 83  ? -0.620  -7.178  14.527  1.00 16.79 ? 1374 ASN A ND2 1 
ATOM   506  N N   . TYR A 1 84  ? -4.776  -3.979  11.728  1.00 13.32 ? 1375 TYR A N   1 
ATOM   507  C CA  . TYR A 1 84  ? -5.314  -2.671  11.293  1.00 12.59 ? 1375 TYR A CA  1 
ATOM   508  C C   . TYR A 1 84  ? -6.688  -2.465  11.949  1.00 12.44 ? 1375 TYR A C   1 
ATOM   509  O O   . TYR A 1 84  ? -7.510  -3.377  11.878  1.00 13.57 ? 1375 TYR A O   1 
ATOM   510  C CB  . TYR A 1 84  ? -5.432  -2.549  9.762   1.00 12.35 ? 1375 TYR A CB  1 
ATOM   511  C CG  . TYR A 1 84  ? -4.141  -2.476  9.003   1.00 11.36 ? 1375 TYR A CG  1 
ATOM   512  C CD1 . TYR A 1 84  ? -3.195  -1.515  9.314   1.00 11.88 ? 1375 TYR A CD1 1 
ATOM   513  C CD2 . TYR A 1 84  ? -3.842  -3.354  8.009   1.00 11.55 ? 1375 TYR A CD2 1 
ATOM   514  C CE1 . TYR A 1 84  ? -2.020  -1.408  8.616   1.00 11.40 ? 1375 TYR A CE1 1 
ATOM   515  C CE2 . TYR A 1 84  ? -2.682  -3.256  7.285   1.00 11.71 ? 1375 TYR A CE2 1 
ATOM   516  C CZ  . TYR A 1 84  ? -1.755  -2.305  7.611   1.00 11.16 ? 1375 TYR A CZ  1 
ATOM   517  O OH  . TYR A 1 84  ? -0.594  -2.270  6.897   1.00 12.78 ? 1375 TYR A OH  1 
ATOM   518  N N   . GLU A 1 85  ? -6.887  -1.271  12.501  1.00 14.43 ? 1376 GLU A N   1 
ATOM   519  C CA  . GLU A 1 85  ? -8.250  -0.943  12.996  1.00 15.67 ? 1376 GLU A CA  1 
ATOM   520  C C   . GLU A 1 85  ? -9.137  -0.320  11.914  1.00 15.56 ? 1376 GLU A C   1 
ATOM   521  O O   . GLU A 1 85  ? -10.392 -0.452  11.973  1.00 19.23 ? 1376 GLU A O   1 
ATOM   522  C CB  . GLU A 1 85  ? -8.141  0.018   14.148  1.00 17.50 ? 1376 GLU A CB  1 
ATOM   523  C CG  . GLU A 1 85  ? -9.501  0.221   14.798  1.00 21.23 ? 1376 GLU A CG  1 
ATOM   524  C CD  . GLU A 1 85  ? -9.437  1.087   16.033  1.00 24.31 ? 1376 GLU A CD  1 
ATOM   525  O OE1 . GLU A 1 85  ? -8.342  1.627   16.331  1.00 30.14 ? 1376 GLU A OE1 1 
ATOM   526  O OE2 . GLU A 1 85  ? -10.496 1.168   16.732  1.00 30.23 ? 1376 GLU A OE2 1 
ATOM   527  N N   . SER A 1 86  ? -8.566  0.262   10.874  1.00 14.75 ? 1377 SER A N   1 
ATOM   528  C CA  . SER A 1 86  ? -9.350  1.022   9.876   1.00 14.38 ? 1377 SER A CA  1 
ATOM   529  C C   . SER A 1 86  ? -8.635  0.926   8.556   1.00 12.82 ? 1377 SER A C   1 
ATOM   530  O O   . SER A 1 86  ? -7.417  0.697   8.501   1.00 12.52 ? 1377 SER A O   1 
ATOM   531  C CB  . SER A 1 86  ? -9.472  2.445   10.241  1.00 14.22 ? 1377 SER A CB  1 
ATOM   532  O OG  . SER A 1 86  ? -8.224  3.108   10.118  1.00 15.07 ? 1377 SER A OG  1 
ATOM   533  N N   . PRO A 1 87  ? -9.361  1.168   7.459   1.00 12.17 ? 1378 PRO A N   1 
ATOM   534  C CA  . PRO A 1 87  ? -8.685  1.194   6.162   1.00 11.94 ? 1378 PRO A CA  1 
ATOM   535  C C   . PRO A 1 87  ? -7.765  2.411   6.007   1.00 11.64 ? 1378 PRO A C   1 
ATOM   536  O O   . PRO A 1 87  ? -6.867  2.375   5.188   1.00 11.90 ? 1378 PRO A O   1 
ATOM   537  C CB  . PRO A 1 87  ? -9.838  1.265   5.141   1.00 12.56 ? 1378 PRO A CB  1 
ATOM   538  C CG  . PRO A 1 87  ? -10.979 1.896   5.945   1.00 12.51 ? 1378 PRO A CG  1 
ATOM   539  C CD  . PRO A 1 87  ? -10.832 1.343   7.352   1.00 13.19 ? 1378 PRO A CD  1 
ATOM   540  N N   . MET A 1 88  ? -7.963  3.472   6.777   1.00 10.72 ? 1379 MET A N   1 
ATOM   541  C CA  . MET A 1 88  ? -7.033  4.616   6.771   1.00 11.21 ? 1379 MET A CA  1 
ATOM   542  C C   . MET A 1 88  ? -5.622  4.172   7.176   1.00 10.95 ? 1379 MET A C   1 
ATOM   543  O O   . MET A 1 88  ? -4.654  4.606   6.609   1.00 11.57 ? 1379 MET A O   1 
ATOM   544  C CB  . MET A 1 88  ? -7.506  5.771   7.663   1.00 12.23 ? 1379 MET A CB  1 
ATOM   545  C CG  . MET A 1 88  ? -8.823  6.383   7.212   1.00 12.75 ? 1379 MET A CG  1 
ATOM   546  S SD  . MET A 1 88  ? -10.330 5.509   7.733   1.00 15.29 ? 1379 MET A SD  1 
ATOM   547  C CE  . MET A 1 88  ? -10.408 6.170   9.397   1.00 16.64 ? 1379 MET A CE  1 
ATOM   548  N N   . GLU A 1 89  ? -5.542  3.280   8.161   1.00 10.91 ? 1380 GLU A N   1 
ATOM   549  C CA  . GLU A 1 89  ? -4.216  2.831   8.596   1.00 11.98 ? 1380 GLU A CA  1 
ATOM   550  C C   . GLU A 1 89  ? -3.580  1.994   7.490   1.00 11.16 ? 1380 GLU A C   1 
ATOM   551  O O   . GLU A 1 89  ? -2.348  2.109   7.263   1.00 12.14 ? 1380 GLU A O   1 
ATOM   552  C CB  . GLU A 1 89  ? -4.314  1.982   9.857   1.00 13.43 ? 1380 GLU A CB  1 
ATOM   553  C CG  . GLU A 1 89  ? -4.772  2.697   11.087  1.00 14.33 ? 1380 GLU A CG  1 
ATOM   554  C CD  . GLU A 1 89  ? -4.942  1.774   12.267  1.00 15.00 ? 1380 GLU A CD  1 
ATOM   555  O OE1 . GLU A 1 89  ? -4.906  0.584   12.094  1.00 15.62 ? 1380 GLU A OE1 1 
ATOM   556  O OE2 . GLU A 1 89  ? -5.145  2.355   13.358  1.00 20.66 ? 1380 GLU A OE2 1 
ATOM   557  N N   . LEU A 1 90  ? -4.321  1.104   6.832   1.00 11.18 ? 1381 LEU A N   1 
ATOM   558  C CA  . LEU A 1 90  ? -3.778  0.332   5.704   1.00 11.30 ? 1381 LEU A CA  1 
ATOM   559  C C   . LEU A 1 90  ? -3.311  1.254   4.595   1.00 11.55 ? 1381 LEU A C   1 
ATOM   560  O O   . LEU A 1 90  ? -2.247  1.058   4.000   1.00 10.79 ? 1381 LEU A O   1 
ATOM   561  C CB  . LEU A 1 90  ? -4.830  -0.662  5.222   1.00 11.86 ? 1381 LEU A CB  1 
ATOM   562  C CG  . LEU A 1 90  ? -4.443  -1.515  4.022   1.00 12.04 ? 1381 LEU A CG  1 
ATOM   563  C CD1 . LEU A 1 90  ? -5.022  -2.905  4.127   1.00 12.01 ? 1381 LEU A CD1 1 
ATOM   564  C CD2 . LEU A 1 90  ? -4.807  -0.866  2.713   1.00 12.58 ? 1381 LEU A CD2 1 
ATOM   565  N N   . CYS A 1 91  ? -4.111  2.278   4.310   0.50 11.55 ? 1382 CYS A N   1 
ATOM   566  C CA  . CYS A 1 91  ? -3.823  3.244   3.237   0.50 11.66 ? 1382 CYS A CA  1 
ATOM   567  C C   . CYS A 1 91  ? -2.524  3.996   3.564   0.50 11.86 ? 1382 CYS A C   1 
ATOM   568  O O   . CYS A 1 91  ? -1.725  4.223   2.647   0.50 12.52 ? 1382 CYS A O   1 
ATOM   569  C CB  . CYS A 1 91  ? -5.045  4.134   3.058   0.50 11.62 ? 1382 CYS A CB  1 
ATOM   570  S SG  . CYS A 1 91  ? -4.884  5.255   1.654   0.50 13.60 ? 1382 CYS A SG  1 
ATOM   571  N N   . LYS A 1 92  ? -2.277  4.331   4.835   1.00 12.15 ? 1383 LYS A N   1 
ATOM   572  C CA  . LYS A 1 92  ? -1.047  5.020   5.206   1.00 12.70 ? 1383 LYS A CA  1 
ATOM   573  C C   . LYS A 1 92  ? 0.152   4.110   4.908   1.00 12.22 ? 1383 LYS A C   1 
ATOM   574  O O   . LYS A 1 92  ? 1.163   4.597   4.373   1.00 12.82 ? 1383 LYS A O   1 
ATOM   575  C CB  . LYS A 1 92  ? -1.166  5.415   6.673   1.00 14.26 ? 1383 LYS A CB  1 
ATOM   576  C CG  . LYS A 1 92  ? 0.055   6.118   7.219   1.00 15.92 ? 1383 LYS A CG  1 
ATOM   577  C CD  . LYS A 1 92  ? -0.159  6.710   8.616   1.00 21.49 ? 1383 LYS A CD  1 
ATOM   578  C CE  . LYS A 1 92  ? 1.181   7.021   9.269   1.00 29.58 ? 1383 LYS A CE  1 
ATOM   579  N NZ  . LYS A 1 92  ? 1.092   7.636   10.628  1.00 33.40 ? 1383 LYS A NZ  1 
ATOM   580  N N   . ASP A 1 93  ? 0.061   2.835   5.249   1.00 11.89 ? 1384 ASP A N   1 
ATOM   581  C CA  . ASP A 1 93  ? 1.186   1.935   4.976   1.00 11.87 ? 1384 ASP A CA  1 
ATOM   582  C C   . ASP A 1 93  ? 1.384   1.725   3.463   1.00 10.73 ? 1384 ASP A C   1 
ATOM   583  O O   . ASP A 1 93  ? 2.512   1.706   2.996   1.00 10.71 ? 1384 ASP A O   1 
ATOM   584  C CB  . ASP A 1 93  ? 1.031   0.596   5.668   1.00 12.60 ? 1384 ASP A CB  1 
ATOM   585  C CG  . ASP A 1 93  ? 1.334   0.574   7.140   1.00 14.16 ? 1384 ASP A CG  1 
ATOM   586  O OD1 . ASP A 1 93  ? 1.863   1.625   7.609   1.00 18.03 ? 1384 ASP A OD1 1 
ATOM   587  O OD2 . ASP A 1 93  ? 1.022   -0.431  7.785   1.00 14.64 ? 1384 ASP A OD2 1 
ATOM   588  N N   . VAL A 1 94  ? 0.302   1.583   2.687   1.00 10.69 ? 1385 VAL A N   1 
ATOM   589  C CA  . VAL A 1 94  ? 0.492   1.444   1.221   1.00 10.58 ? 1385 VAL A CA  1 
ATOM   590  C C   . VAL A 1 94  ? 1.123   2.704   0.647   1.00 10.77 ? 1385 VAL A C   1 
ATOM   591  O O   . VAL A 1 94  ? 2.031   2.636   -0.175  1.00 10.61 ? 1385 VAL A O   1 
ATOM   592  C CB  . VAL A 1 94  ? -0.844  1.149   0.555   1.00 11.41 ? 1385 VAL A CB  1 
ATOM   593  C CG1 . VAL A 1 94  ? -0.712  1.203   -0.955  1.00 11.72 ? 1385 VAL A CG1 1 
ATOM   594  C CG2 . VAL A 1 94  ? -1.321  -0.233  0.970   1.00 11.05 ? 1385 VAL A CG2 1 
ATOM   595  N N   . ARG A 1 95  ? 0.678   3.877   1.111   1.00 10.36 ? 1386 ARG A N   1 
ATOM   596  C CA  . ARG A 1 95  ? 1.258   5.129   0.617   1.00 10.40 ? 1386 ARG A CA  1 
ATOM   597  C C   . ARG A 1 95  ? 2.730   5.198   0.992   1.00 10.96 ? 1386 ARG A C   1 
ATOM   598  O O   . ARG A 1 95  ? 3.495   5.789   0.222   1.00 11.99 ? 1386 ARG A O   1 
ATOM   599  C CB  . ARG A 1 95  ? 0.459   6.338   1.090   1.00 11.21 ? 1386 ARG A CB  1 
ATOM   600  C CG  . ARG A 1 95  ? -0.880  6.430   0.375   1.00 12.42 ? 1386 ARG A CG  1 
ATOM   601  C CD  . ARG A 1 95  ? -1.814  7.424   1.014   1.00 13.93 ? 1386 ARG A CD  1 
ATOM   602  N NE  . ARG A 1 95  ? -3.023  7.593   0.269   1.00 14.73 ? 1386 ARG A NE  1 
ATOM   603  C CZ  . ARG A 1 95  ? -4.054  8.346   0.651   1.00 18.26 ? 1386 ARG A CZ  1 
ATOM   604  N NH1 . ARG A 1 95  ? -4.035  8.962   1.827   1.00 19.36 ? 1386 ARG A NH1 1 
ATOM   605  N NH2 . ARG A 1 95  ? -5.106  8.464   -0.129  1.00 19.52 ? 1386 ARG A NH2 1 
ATOM   606  N N   . LEU A 1 96  ? 3.140   4.661   2.116   1.00 11.94 ? 1387 LEU A N   1 
ATOM   607  C CA  . LEU A 1 96  ? 4.578   4.592   2.499   1.00 11.86 ? 1387 LEU A CA  1 
ATOM   608  C C   . LEU A 1 96  ? 5.365   3.755   1.501   1.00 11.68 ? 1387 LEU A C   1 
ATOM   609  O O   . LEU A 1 96  ? 6.502   4.106   1.197   1.00 11.85 ? 1387 LEU A O   1 
ATOM   610  C CB  . LEU A 1 96  ? 4.659   3.992   3.897   1.00 13.76 ? 1387 LEU A CB  1 
ATOM   611  C CG  . LEU A 1 96  ? 6.038   3.864   4.519   1.00 13.98 ? 1387 LEU A CG  1 
ATOM   612  C CD1 . LEU A 1 96  ? 6.725   5.190   4.583   1.00 15.39 ? 1387 LEU A CD1 1 
ATOM   613  C CD2 . LEU A 1 96  ? 5.910   3.249   5.904   1.00 14.30 ? 1387 LEU A CD2 1 
ATOM   614  N N   . ILE A 1 97  ? 4.803   2.666   0.984   1.00 12.10 ? 1388 ILE A N   1 
ATOM   615  C CA  . ILE A 1 97  ? 5.522   1.892   -0.081  1.00 11.02 ? 1388 ILE A CA  1 
ATOM   616  C C   . ILE A 1 97  ? 5.866   2.850   -1.209  1.00 11.01 ? 1388 ILE A C   1 
ATOM   617  O O   . ILE A 1 97  ? 6.993   2.843   -1.729  1.00 12.58 ? 1388 ILE A O   1 
ATOM   618  C CB  . ILE A 1 97  ? 4.652   0.728   -0.578  1.00 11.90 ? 1388 ILE A CB  1 
ATOM   619  C CG1 . ILE A 1 97  ? 4.318   -0.235  0.561   1.00 10.68 ? 1388 ILE A CG1 1 
ATOM   620  C CG2 . ILE A 1 97  ? 5.301   0.031   -1.749  1.00 12.07 ? 1388 ILE A CG2 1 
ATOM   621  C CD1 . ILE A 1 97  ? 3.280   -1.307  0.186   1.00 10.85 ? 1388 ILE A CD1 1 
ATOM   622  N N   . PHE A 1 98  ? 4.916   3.659   -1.619  1.00 10.54 ? 1389 PHE A N   1 
ATOM   623  C CA  . PHE A 1 98  ? 5.128   4.528   -2.786  1.00 11.36 ? 1389 PHE A CA  1 
ATOM   624  C C   . PHE A 1 98  ? 6.045   5.688   -2.413  1.00 12.37 ? 1389 PHE A C   1 
ATOM   625  O O   . PHE A 1 98  ? 6.898   6.055   -3.235  1.00 12.41 ? 1389 PHE A O   1 
ATOM   626  C CB  . PHE A 1 98  ? 3.796   4.999   -3.380  1.00 12.31 ? 1389 PHE A CB  1 
ATOM   627  C CG  . PHE A 1 98  ? 2.900   3.852   -3.787  1.00 12.35 ? 1389 PHE A CG  1 
ATOM   628  C CD1 . PHE A 1 98  ? 3.359   2.826   -4.597  1.00 14.38 ? 1389 PHE A CD1 1 
ATOM   629  C CD2 . PHE A 1 98  ? 1.575   3.808   -3.395  1.00 12.88 ? 1389 PHE A CD2 1 
ATOM   630  C CE1 . PHE A 1 98  ? 2.530   1.764   -4.964  1.00 15.67 ? 1389 PHE A CE1 1 
ATOM   631  C CE2 . PHE A 1 98  ? 0.754   2.759   -3.812  1.00 13.48 ? 1389 PHE A CE2 1 
ATOM   632  C CZ  . PHE A 1 98  ? 1.245   1.769   -4.575  1.00 15.20 ? 1389 PHE A CZ  1 
ATOM   633  N N   . SER A 1 99  ? 5.909   6.282   -1.232  1.00 12.48 ? 1390 SER A N   1 
ATOM   634  C CA  . SER A 1 99  ? 6.825   7.396   -0.906  1.00 13.30 ? 1390 SER A CA  1 
ATOM   635  C C   . SER A 1 99  ? 8.241   6.866   -0.733  1.00 12.80 ? 1390 SER A C   1 
ATOM   636  O O   . SER A 1 99  ? 9.193   7.593   -1.100  1.00 13.27 ? 1390 SER A O   1 
ATOM   637  C CB  . SER A 1 99  ? 6.340   8.143   0.295   1.00 13.37 ? 1390 SER A CB  1 
ATOM   638  O OG  . SER A 1 99  ? 6.268   7.376   1.431   1.00 15.82 ? 1390 SER A OG  1 
ATOM   639  N N   . ASN A 1 100 ? 8.428   5.672   -0.222  1.00 11.83 ? 1391 ASN A N   1 
ATOM   640  C CA  . ASN A 1 100 ? 9.774   5.082   -0.130  1.00 13.23 ? 1391 ASN A CA  1 
ATOM   641  C C   . ASN A 1 100 ? 10.372  4.962   -1.525  1.00 13.74 ? 1391 ASN A C   1 
ATOM   642  O O   . ASN A 1 100 ? 11.551  5.291   -1.741  1.00 14.11 ? 1391 ASN A O   1 
ATOM   643  C CB  . ASN A 1 100 ? 9.749   3.763   0.585   1.00 13.41 ? 1391 ASN A CB  1 
ATOM   644  C CG  . ASN A 1 100 ? 9.553   3.857   2.071   1.00 13.40 ? 1391 ASN A CG  1 
ATOM   645  O OD1 . ASN A 1 100 ? 9.634   4.950   2.638   1.00 13.91 ? 1391 ASN A OD1 1 
ATOM   646  N ND2 . ASN A 1 100 ? 9.303   2.728   2.676   1.00 14.63 ? 1391 ASN A ND2 1 
ATOM   647  N N   . SER A 1 101 ? 9.587   4.503   -2.496  0.38 13.54 ? 1392 SER A N   1 
ATOM   648  C CA  . SER A 1 101 ? 10.098  4.328   -3.881  0.38 13.48 ? 1392 SER A CA  1 
ATOM   649  C C   . SER A 1 101 ? 10.482  5.696   -4.460  0.38 13.70 ? 1392 SER A C   1 
ATOM   650  O O   . SER A 1 101 ? 11.539  5.804   -5.110  0.38 13.75 ? 1392 SER A O   1 
ATOM   651  C CB  . SER A 1 101 ? 9.117   3.578   -4.746  0.38 13.29 ? 1392 SER A CB  1 
ATOM   652  O OG  . SER A 1 101 ? 9.762   3.117   -5.925  0.38 14.00 ? 1392 SER A OG  1 
ATOM   653  N N   . LYS A 1 102 ? 9.679   6.729   -4.224  1.00 13.17 ? 1393 LYS A N   1 
ATOM   654  C CA  . LYS A 1 102 ? 10.002  8.079   -4.722  1.00 14.21 ? 1393 LYS A CA  1 
ATOM   655  C C   . LYS A 1 102 ? 11.251  8.610   -4.021  1.00 15.88 ? 1393 LYS A C   1 
ATOM   656  O O   . LYS A 1 102 ? 12.049  9.304   -4.717  1.00 17.23 ? 1393 LYS A O   1 
ATOM   657  C CB  . LYS A 1 102 ? 8.822   8.985   -4.446  1.00 14.92 ? 1393 LYS A CB  1 
ATOM   658  C CG  . LYS A 1 102 ? 8.931   10.358  -5.107  1.00 16.12 ? 1393 LYS A CG  1 
ATOM   659  C CD  . LYS A 1 102 ? 7.652   11.099  -5.026  1.00 18.17 ? 1393 LYS A CD  1 
ATOM   660  C CE  . LYS A 1 102 ? 7.718   12.421  -5.774  1.00 19.45 ? 1393 LYS A CE  1 
ATOM   661  N NZ  . LYS A 1 102 ? 6.421   13.122  -5.746  1.00 22.05 ? 1393 LYS A NZ  1 
ATOM   662  N N   . ALA A 1 103 ? 11.441  8.322   -2.752  1.00 14.81 ? 1394 ALA A N   1 
ATOM   663  C CA  . ALA A 1 103 ? 12.604  8.852   -2.019  1.00 16.56 ? 1394 ALA A CA  1 
ATOM   664  C C   . ALA A 1 103 ? 13.841  8.100   -2.481  1.00 16.77 ? 1394 ALA A C   1 
ATOM   665  O O   . ALA A 1 103 ? 14.952  8.720   -2.518  1.00 17.73 ? 1394 ALA A O   1 
ATOM   666  C CB  . ALA A 1 103 ? 12.384  8.721   -0.538  1.00 16.11 ? 1394 ALA A CB  1 
ATOM   667  N N   . TYR A 1 104 ? 13.763  6.804   -2.768  1.00 14.88 ? 1395 TYR A N   1 
ATOM   668  C CA  . TYR A 1 104 ? 14.961  6.000   -3.096  1.00 15.92 ? 1395 TYR A CA  1 
ATOM   669  C C   . TYR A 1 104 ? 15.353  6.133   -4.558  1.00 16.04 ? 1395 TYR A C   1 
ATOM   670  O O   . TYR A 1 104 ? 16.509  5.824   -4.909  1.00 16.49 ? 1395 TYR A O   1 
ATOM   671  C CB  . TYR A 1 104 ? 14.793  4.558   -2.664  1.00 17.41 ? 1395 TYR A CB  1 
ATOM   672  C CG  . TYR A 1 104 ? 16.090  3.800   -2.735  1.00 17.94 ? 1395 TYR A CG  1 
ATOM   673  C CD1 . TYR A 1 104 ? 17.136  4.021   -1.856  1.00 18.41 ? 1395 TYR A CD1 1 
ATOM   674  C CD2 . TYR A 1 104 ? 16.236  2.858   -3.728  1.00 21.18 ? 1395 TYR A CD2 1 
ATOM   675  C CE1 . TYR A 1 104 ? 18.352  3.360   -2.007  1.00 19.94 ? 1395 TYR A CE1 1 
ATOM   676  C CE2 . TYR A 1 104 ? 17.431  2.183   -3.884  1.00 21.58 ? 1395 TYR A CE2 1 
ATOM   677  C CZ  . TYR A 1 104 ? 18.477  2.420   -3.016  1.00 20.41 ? 1395 TYR A CZ  1 
ATOM   678  O OH  . TYR A 1 104 ? 19.652  1.725   -3.187  1.00 24.42 ? 1395 TYR A OH  1 
ATOM   679  N N   . THR A 1 105 ? 14.433  6.491   -5.418  1.00 16.20 ? 1396 THR A N   1 
ATOM   680  C CA  . THR A 1 105 ? 14.727  6.490   -6.850  1.00 15.39 ? 1396 THR A CA  1 
ATOM   681  C C   . THR A 1 105 ? 15.848  7.485   -7.152  1.00 18.60 ? 1396 THR A C   1 
ATOM   682  O O   . THR A 1 105 ? 15.794  8.647   -6.712  1.00 18.70 ? 1396 THR A O   1 
ATOM   683  C CB  . THR A 1 105 ? 13.484  6.731   -7.711  1.00 15.99 ? 1396 THR A CB  1 
ATOM   684  O OG1 . THR A 1 105 ? 13.862  6.382   -9.037  1.00 16.56 ? 1396 THR A OG1 1 
ATOM   685  C CG2 . THR A 1 105 ? 12.957  8.140   -7.721  1.00 16.49 ? 1396 THR A CG2 1 
ATOM   686  N N   . PRO A 1 106 ? 16.803  7.129   -8.039  1.00 19.44 ? 1397 PRO A N   1 
ATOM   687  C CA  . PRO A 1 106 ? 17.827  8.097   -8.440  1.00 19.18 ? 1397 PRO A CA  1 
ATOM   688  C C   . PRO A 1 106 ? 17.308  9.022   -9.542  1.00 20.02 ? 1397 PRO A C   1 
ATOM   689  O O   . PRO A 1 106 ? 17.984  9.990   -9.895  1.00 21.33 ? 1397 PRO A O   1 
ATOM   690  C CB  . PRO A 1 106 ? 18.948  7.210   -8.993  1.00 22.00 ? 1397 PRO A CB  1 
ATOM   691  C CG  . PRO A 1 106 ? 18.248  5.947   -9.506  1.00 22.93 ? 1397 PRO A CG  1 
ATOM   692  C CD  . PRO A 1 106 ? 17.046  5.784   -8.599  1.00 20.54 ? 1397 PRO A CD  1 
ATOM   693  N N   . SER A 1 107 ? 16.166  8.693   -10.149 1.00 18.70 ? 1398 SER A N   1 
ATOM   694  C CA  . SER A 1 107 ? 15.607  9.400   -11.312 1.00 20.14 ? 1398 SER A CA  1 
ATOM   695  C C   . SER A 1 107 ? 14.086  9.241   -11.332 1.00 18.37 ? 1398 SER A C   1 
ATOM   696  O O   . SER A 1 107 ? 13.569  8.129   -11.042 1.00 18.17 ? 1398 SER A O   1 
ATOM   697  C CB  . SER A 1 107 ? 16.208  8.853   -12.562 1.00 20.46 ? 1398 SER A CB  1 
ATOM   698  O OG  . SER A 1 107 ? 15.514  9.315   -13.653 1.00 22.11 ? 1398 SER A OG  1 
ATOM   699  N N   . LYS A 1 108 ? 13.395  10.267  -11.780 1.00 21.07 ? 1399 LYS A N   1 
ATOM   700  C CA  . LYS A 1 108 ? 11.932  10.206  -11.945 1.00 23.82 ? 1399 LYS A CA  1 
ATOM   701  C C   . LYS A 1 108 ? 11.615  9.332   -13.155 1.00 23.52 ? 1399 LYS A C   1 
ATOM   702  O O   . LYS A 1 108 ? 10.459  8.940   -13.249 1.00 22.83 ? 1399 LYS A O   1 
ATOM   703  C CB  . LYS A 1 108 ? 11.373  11.629  -11.905 1.00 28.21 ? 1399 LYS A CB  1 
ATOM   704  C CG  . LYS A 1 108 ? 11.435  12.164  -10.478 1.00 30.96 ? 1399 LYS A CG  1 
ATOM   705  C CD  . LYS A 1 108 ? 10.749  13.476  -10.215 1.00 36.07 ? 1399 LYS A CD  1 
ATOM   706  C CE  . LYS A 1 108 ? 10.614  13.762  -8.738  1.00 37.61 ? 1399 LYS A CE  1 
ATOM   707  N NZ  . LYS A 1 108 ? 9.730   14.931  -8.512  1.00 37.70 ? 1399 LYS A NZ  1 
ATOM   708  N N   . ARG A 1 109 ? 12.616  8.955   -13.954 1.00 22.25 ? 1400 ARG A N   1 
ATOM   709  C CA  . ARG A 1 109 ? 12.459  8.106   -15.161 1.00 25.18 ? 1400 ARG A CA  1 
ATOM   710  C C   . ARG A 1 109 ? 12.797  6.643   -14.878 1.00 24.34 ? 1400 ARG A C   1 
ATOM   711  O O   . ARG A 1 109 ? 12.759  5.856   -15.794 1.00 29.34 ? 1400 ARG A O   1 
ATOM   712  C CB  . ARG A 1 109 ? 13.325  8.659   -16.305 1.00 28.66 ? 1400 ARG A CB  1 
ATOM   713  C CG  . ARG A 1 109 ? 12.878  10.042  -16.765 1.00 35.35 ? 1400 ARG A CG  1 
ATOM   714  C CD  . ARG A 1 109 ? 13.750  10.609  -17.875 1.00 38.91 ? 1400 ARG A CD  1 
ATOM   715  N NE  . ARG A 1 109 ? 13.574  9.827   -19.096 1.00 45.10 ? 1400 ARG A NE  1 
ATOM   716  C CZ  . ARG A 1 109 ? 14.505  9.067   -19.671 1.00 50.86 ? 1400 ARG A CZ  1 
ATOM   717  N NH1 . ARG A 1 109 ? 15.724  8.974   -19.155 1.00 59.20 ? 1400 ARG A NH1 1 
ATOM   718  N NH2 . ARG A 1 109 ? 14.213  8.394   -20.775 1.00 50.61 ? 1400 ARG A NH2 1 
ATOM   719  N N   . SER A 1 110 ? 13.133  6.322   -13.630 0.38 22.72 ? 1401 SER A N   1 
ATOM   720  C CA  . SER A 1 110 ? 13.458  4.951   -13.162 0.38 20.13 ? 1401 SER A CA  1 
ATOM   721  C C   . SER A 1 110 ? 12.383  3.945   -13.609 0.38 18.42 ? 1401 SER A C   1 
ATOM   722  O O   . SER A 1 110 ? 11.183  4.310   -13.629 0.38 18.54 ? 1401 SER A O   1 
ATOM   723  C CB  . SER A 1 110 ? 13.602  4.946   -11.670 0.38 21.45 ? 1401 SER A CB  1 
ATOM   724  O OG  . SER A 1 110 ? 13.298  3.673   -11.137 0.38 21.36 ? 1401 SER A OG  1 
ATOM   725  N N   . ARG A 1 111 ? 12.785  2.711   -13.920 1.00 17.15 ? 1402 ARG A N   1 
ATOM   726  C CA  . ARG A 1 111 ? 11.814  1.624   -14.157 1.00 16.02 ? 1402 ARG A CA  1 
ATOM   727  C C   . ARG A 1 111 ? 10.964  1.376   -12.918 1.00 16.37 ? 1402 ARG A C   1 
ATOM   728  O O   . ARG A 1 111 ? 9.728   1.367   -13.018 1.00 15.66 ? 1402 ARG A O   1 
ATOM   729  C CB  . ARG A 1 111 ? 12.546  0.315   -14.485 1.00 17.17 ? 1402 ARG A CB  1 
ATOM   730  C CG  . ARG A 1 111 ? 11.591  -0.844  -14.740 1.00 17.69 ? 1402 ARG A CG  1 
ATOM   731  C CD  . ARG A 1 111 ? 10.904  -0.654  -16.075 1.00 21.23 ? 1402 ARG A CD  1 
ATOM   732  N NE  . ARG A 1 111 ? 9.717   -1.449  -16.371 1.00 25.71 ? 1402 ARG A NE  1 
ATOM   733  C CZ  . ARG A 1 111 ? 9.703   -2.736  -16.692 1.00 26.41 ? 1402 ARG A CZ  1 
ATOM   734  N NH1 . ARG A 1 111 ? 10.826  -3.390  -16.918 1.00 26.73 ? 1402 ARG A NH1 1 
ATOM   735  N NH2 . ARG A 1 111 ? 8.548   -3.340  -16.920 1.00 33.24 ? 1402 ARG A NH2 1 
ATOM   736  N N   . ILE A 1 112 ? 11.598  1.134   -11.784 0.38 14.89 ? 1403 ILE A N   1 
ATOM   737  C CA  . ILE A 1 112 ? 10.858  0.674   -10.571 0.38 14.80 ? 1403 ILE A CA  1 
ATOM   738  C C   . ILE A 1 112 ? 10.016  1.833   -10.015 0.38 14.61 ? 1403 ILE A C   1 
ATOM   739  O O   . ILE A 1 112 ? 8.883   1.568   -9.576  0.38 14.45 ? 1403 ILE A O   1 
ATOM   740  C CB  . ILE A 1 112 ? 11.815  0.033   -9.552  0.38 15.01 ? 1403 ILE A CB  1 
ATOM   741  C CG1 . ILE A 1 112 ? 12.309  -1.311  -10.100 0.38 15.21 ? 1403 ILE A CG1 1 
ATOM   742  C CG2 . ILE A 1 112 ? 11.147  -0.116  -8.194  0.38 15.32 ? 1403 ILE A CG2 1 
ATOM   743  C CD1 . ILE A 1 112 ? 13.588  -1.822  -9.479  0.38 15.41 ? 1403 ILE A CD1 1 
ATOM   744  N N   . TYR A 1 113 ? 10.495  3.081   -10.087 1.00 14.15 ? 1404 TYR A N   1 
ATOM   745  C CA  . TYR A 1 113 ? 9.689   4.246   -9.707  1.00 13.98 ? 1404 TYR A CA  1 
ATOM   746  C C   . TYR A 1 113 ? 8.494   4.391   -10.639 1.00 14.01 ? 1404 TYR A C   1 
ATOM   747  O O   . TYR A 1 113 ? 7.392   4.654   -10.193 1.00 14.24 ? 1404 TYR A O   1 
ATOM   748  C CB  . TYR A 1 113 ? 10.540  5.511   -9.664  1.00 15.48 ? 1404 TYR A CB  1 
ATOM   749  C CG  . TYR A 1 113 ? 9.727   6.747   -9.365  1.00 14.44 ? 1404 TYR A CG  1 
ATOM   750  C CD1 . TYR A 1 113 ? 9.072   6.908   -8.152  1.00 15.80 ? 1404 TYR A CD1 1 
ATOM   751  C CD2 . TYR A 1 113 ? 9.653   7.789   -10.282 1.00 15.63 ? 1404 TYR A CD2 1 
ATOM   752  C CE1 . TYR A 1 113 ? 8.323   8.049   -7.896  1.00 15.37 ? 1404 TYR A CE1 1 
ATOM   753  C CE2 . TYR A 1 113 ? 8.937   8.942   -10.030 1.00 18.03 ? 1404 TYR A CE2 1 
ATOM   754  C CZ  . TYR A 1 113 ? 8.278   9.073   -8.817  1.00 15.73 ? 1404 TYR A CZ  1 
ATOM   755  O OH  . TYR A 1 113 ? 7.563   10.228  -8.589  1.00 19.13 ? 1404 TYR A OH  1 
ATOM   756  N N   A SER A 1 114 ? 8.696   4.206   -11.947 0.19 14.64 ? 1405 SER A N   1 
ATOM   757  N N   B SER A 1 114 ? 8.689   4.205   -11.941 0.19 14.53 ? 1405 SER A N   1 
ATOM   758  C CA  A SER A 1 114 ? 7.598   4.330   -12.937 0.19 15.47 ? 1405 SER A CA  1 
ATOM   759  C CA  B SER A 1 114 ? 7.580   4.338   -12.914 0.19 15.27 ? 1405 SER A CA  1 
ATOM   760  C C   A SER A 1 114 ? 6.512   3.288   -12.629 0.19 14.60 ? 1405 SER A C   1 
ATOM   761  C C   B SER A 1 114 ? 6.504   3.283   -12.630 0.19 14.49 ? 1405 SER A C   1 
ATOM   762  O O   A SER A 1 114 ? 5.324   3.600   -12.823 0.19 14.78 ? 1405 SER A O   1 
ATOM   763  O O   B SER A 1 114 ? 5.313   3.581   -12.835 0.19 14.61 ? 1405 SER A O   1 
ATOM   764  C CB  A SER A 1 114 ? 8.082   4.200   -14.362 0.19 16.20 ? 1405 SER A CB  1 
ATOM   765  C CB  B SER A 1 114 ? 8.084   4.242   -14.316 0.19 15.90 ? 1405 SER A CB  1 
ATOM   766  O OG  A SER A 1 114 ? 8.389   2.855   -14.697 0.19 17.63 ? 1405 SER A OG  1 
ATOM   767  O OG  B SER A 1 114 ? 8.919   5.354   -14.586 0.19 16.95 ? 1405 SER A OG  1 
ATOM   768  N N   . MET A 1 115 ? 6.910   2.073   -12.240 1.00 13.84 ? 1406 MET A N   1 
ATOM   769  C CA  . MET A 1 115 ? 5.972   1.000   -11.859 1.00 13.87 ? 1406 MET A CA  1 
ATOM   770  C C   . MET A 1 115 ? 5.217   1.446   -10.601 1.00 12.97 ? 1406 MET A C   1 
ATOM   771  O O   . MET A 1 115 ? 3.975   1.286   -10.538 1.00 12.59 ? 1406 MET A O   1 
ATOM   772  C CB  . MET A 1 115 ? 6.711   -0.282  -11.570 1.00 13.19 ? 1406 MET A CB  1 
ATOM   773  C CG  . MET A 1 115 ? 7.331   -0.895  -12.793 1.00 14.34 ? 1406 MET A CG  1 
ATOM   774  S SD  . MET A 1 115 ? 8.543   -2.164  -12.479 1.00 17.34 ? 1406 MET A SD  1 
ATOM   775  C CE  . MET A 1 115 ? 7.501   -3.514  -12.097 1.00 16.64 ? 1406 MET A CE  1 
ATOM   776  N N   . SER A 1 116 ? 5.901   2.103   -9.675  1.00 12.93 ? 1407 SER A N   1 
ATOM   777  C CA  . SER A 1 116 ? 5.259   2.586   -8.434  1.00 12.08 ? 1407 SER A CA  1 
ATOM   778  C C   . SER A 1 116 ? 4.165   3.603   -8.786  1.00 12.04 ? 1407 SER A C   1 
ATOM   779  O O   . SER A 1 116 ? 3.124   3.602   -8.143  1.00 12.87 ? 1407 SER A O   1 
ATOM   780  C CB  . SER A 1 116 ? 6.251   3.155   -7.415  1.00 14.31 ? 1407 SER A CB  1 
ATOM   781  O OG  . SER A 1 116 ? 6.569   4.514   -7.656  1.00 14.26 ? 1407 SER A OG  1 
ATOM   782  N N   . LEU A 1 117 ? 4.402   4.497   -9.740  1.00 12.76 ? 1408 LEU A N   1 
ATOM   783  C CA  . LEU A 1 117 ? 3.405   5.529   -10.031 1.00 12.92 ? 1408 LEU A CA  1 
ATOM   784  C C   . LEU A 1 117 ? 2.153   4.914   -10.631 1.00 12.65 ? 1408 LEU A C   1 
ATOM   785  O O   . LEU A 1 117 ? 1.047   5.345   -10.323 1.00 13.53 ? 1408 LEU A O   1 
ATOM   786  C CB  . LEU A 1 117 ? 3.980   6.587   -10.958 1.00 14.36 ? 1408 LEU A CB  1 
ATOM   787  C CG  . LEU A 1 117 ? 5.113   7.409   -10.369 1.00 16.94 ? 1408 LEU A CG  1 
ATOM   788  C CD1 . LEU A 1 117 ? 5.601   8.397   -11.407 1.00 18.49 ? 1408 LEU A CD1 1 
ATOM   789  C CD2 . LEU A 1 117 ? 4.700   8.138   -9.088  1.00 18.18 ? 1408 LEU A CD2 1 
ATOM   790  N N   . ARG A 1 118 ? 2.289   3.936   -11.514 1.00 12.21 ? 1409 ARG A N   1 
ATOM   791  C CA  . ARG A 1 118 ? 1.100   3.302   -12.081 1.00 12.53 ? 1409 ARG A CA  1 
ATOM   792  C C   . ARG A 1 118 ? 0.362   2.532   -10.998 1.00 12.65 ? 1409 ARG A C   1 
ATOM   793  O O   . ARG A 1 118 ? -0.887  2.584   -10.916 1.00 12.72 ? 1409 ARG A O   1 
ATOM   794  C CB  . ARG A 1 118 ? 1.505   2.355   -13.208 1.00 13.17 ? 1409 ARG A CB  1 
ATOM   795  C CG  . ARG A 1 118 ? 1.971   3.048   -14.505 1.00 13.94 ? 1409 ARG A CG  1 
ATOM   796  C CD  . ARG A 1 118 ? 2.140   2.066   -15.643 1.00 14.88 ? 1409 ARG A CD  1 
ATOM   797  N NE  . ARG A 1 118 ? 3.114   1.071   -15.458 1.00 14.70 ? 1409 ARG A NE  1 
ATOM   798  C CZ  . ARG A 1 118 ? 4.386   1.098   -15.851 1.00 16.34 ? 1409 ARG A CZ  1 
ATOM   799  N NH1 . ARG A 1 118 ? 4.866   2.125   -16.511 1.00 18.26 ? 1409 ARG A NH1 1 
ATOM   800  N NH2 . ARG A 1 118 ? 5.164   0.070   -15.528 1.00 18.91 ? 1409 ARG A NH2 1 
ATOM   801  N N   . LEU A 1 119 ? 1.097   1.824   -10.170 1.00 11.61 ? 1410 LEU A N   1 
ATOM   802  C CA  . LEU A 1 119 ? 0.462   1.033   -9.126  1.00 11.63 ? 1410 LEU A CA  1 
ATOM   803  C C   . LEU A 1 119 ? -0.235  1.943   -8.121  1.00 11.31 ? 1410 LEU A C   1 
ATOM   804  O O   . LEU A 1 119 ? -1.344  1.612   -7.671  1.00 11.81 ? 1410 LEU A O   1 
ATOM   805  C CB  . LEU A 1 119 ? 1.484   0.152   -8.472  1.00 13.32 ? 1410 LEU A CB  1 
ATOM   806  C CG  . LEU A 1 119 ? 0.886   -0.957  -7.617  1.00 13.95 ? 1410 LEU A CG  1 
ATOM   807  C CD1 . LEU A 1 119 ? 0.101   -1.951  -8.481  1.00 16.82 ? 1410 LEU A CD1 1 
ATOM   808  C CD2 . LEU A 1 119 ? 1.999   -1.693  -6.918  1.00 14.76 ? 1410 LEU A CD2 1 
ATOM   809  N N   . SER A 1 120 ? 0.346   3.089   -7.830  1.00 11.19 ? 1411 SER A N   1 
ATOM   810  C CA  . SER A 1 120 ? -0.251  4.057   -6.926  1.00 11.72 ? 1411 SER A CA  1 
ATOM   811  C C   . SER A 1 120 ? -1.570  4.536   -7.519  1.00 11.93 ? 1411 SER A C   1 
ATOM   812  O O   . SER A 1 120 ? -2.557  4.699   -6.798  1.00 12.13 ? 1411 SER A O   1 
ATOM   813  C CB  . SER A 1 120 ? 0.718   5.179   -6.695  1.00 11.67 ? 1411 SER A CB  1 
ATOM   814  O OG  . SER A 1 120 ? 0.097   6.236   -5.945  1.00 13.26 ? 1411 SER A OG  1 
ATOM   815  N N   . ALA A 1 121 ? -1.592  4.908   -8.790  1.00 11.18 ? 1412 ALA A N   1 
ATOM   816  C CA  . ALA A 1 121 ? -2.830  5.363   -9.428  1.00 11.97 ? 1412 ALA A CA  1 
ATOM   817  C C   . ALA A 1 121 ? -3.907  4.304   -9.348  1.00 11.18 ? 1412 ALA A C   1 
ATOM   818  O O   . ALA A 1 121 ? -5.063  4.625   -9.025  1.00 12.07 ? 1412 ALA A O   1 
ATOM   819  C CB  . ALA A 1 121 ? -2.579  5.730   -10.886 1.00 12.51 ? 1412 ALA A CB  1 
ATOM   820  N N   . PHE A 1 122 ? -3.529  3.061   -9.561  1.00 11.84 ? 1413 PHE A N   1 
ATOM   821  C CA  . PHE A 1 122 ? -4.493  1.940   -9.476  1.00 11.62 ? 1413 PHE A CA  1 
ATOM   822  C C   . PHE A 1 122 ? -5.043  1.787   -8.053  1.00 12.27 ? 1413 PHE A C   1 
ATOM   823  O O   . PHE A 1 122 ? -6.243  1.693   -7.805  1.00 12.44 ? 1413 PHE A O   1 
ATOM   824  C CB  . PHE A 1 122 ? -3.803  0.668   -9.953  1.00 12.66 ? 1413 PHE A CB  1 
ATOM   825  C CG  . PHE A 1 122 ? -4.644  -0.564  -9.808  1.00 13.62 ? 1413 PHE A CG  1 
ATOM   826  C CD1 . PHE A 1 122 ? -5.651  -0.834  -10.700 1.00 16.48 ? 1413 PHE A CD1 1 
ATOM   827  C CD2 . PHE A 1 122 ? -4.506  -1.393  -8.712  1.00 14.91 ? 1413 PHE A CD2 1 
ATOM   828  C CE1 . PHE A 1 122 ? -6.479  -1.928  -10.538 1.00 17.70 ? 1413 PHE A CE1 1 
ATOM   829  C CE2 . PHE A 1 122 ? -5.279  -2.548  -8.591  1.00 16.99 ? 1413 PHE A CE2 1 
ATOM   830  C CZ  . PHE A 1 122 ? -6.258  -2.827  -9.524  1.00 19.14 ? 1413 PHE A CZ  1 
ATOM   831  N N   . PHE A 1 123 ? -4.114  1.814   -7.093  1.00 11.54 ? 1414 PHE A N   1 
ATOM   832  C CA  . PHE A 1 123 ? -4.496  1.722   -5.683  1.00 11.66 ? 1414 PHE A CA  1 
ATOM   833  C C   . PHE A 1 123 ? -5.432  2.865   -5.293  1.00 11.62 ? 1414 PHE A C   1 
ATOM   834  O O   . PHE A 1 123 ? -6.485  2.621   -4.659  1.00 11.52 ? 1414 PHE A O   1 
ATOM   835  C CB  . PHE A 1 123 ? -3.252  1.737   -4.802  1.00 11.20 ? 1414 PHE A CB  1 
ATOM   836  C CG  . PHE A 1 123 ? -3.596  1.764   -3.321  1.00 11.90 ? 1414 PHE A CG  1 
ATOM   837  C CD1 . PHE A 1 123 ? -4.076  0.640   -2.668  1.00 11.80 ? 1414 PHE A CD1 1 
ATOM   838  C CD2 . PHE A 1 123 ? -3.471  2.957   -2.607  1.00 12.04 ? 1414 PHE A CD2 1 
ATOM   839  C CE1 . PHE A 1 123 ? -4.438  0.727   -1.320  1.00 13.57 ? 1414 PHE A CE1 1 
ATOM   840  C CE2 . PHE A 1 123 ? -3.813  3.010   -1.263  1.00 13.12 ? 1414 PHE A CE2 1 
ATOM   841  C CZ  . PHE A 1 123 ? -4.290  1.912   -0.659  1.00 12.95 ? 1414 PHE A CZ  1 
ATOM   842  N N   . GLU A 1 124 ? -5.077  4.098   -5.591  1.00 10.89 ? 1415 GLU A N   1 
ATOM   843  C CA  . GLU A 1 124 ? -5.908  5.242   -5.185  1.00 12.11 ? 1415 GLU A CA  1 
ATOM   844  C C   . GLU A 1 124 ? -7.281  5.185   -5.838  1.00 12.93 ? 1415 GLU A C   1 
ATOM   845  O O   . GLU A 1 124 ? -8.271  5.503   -5.197  1.00 14.43 ? 1415 GLU A O   1 
ATOM   846  C CB  . GLU A 1 124 ? -5.205  6.547   -5.537  1.00 13.76 ? 1415 GLU A CB  1 
ATOM   847  C CG  . GLU A 1 124 ? -3.951  6.782   -4.697  1.00 14.44 ? 1415 GLU A CG  1 
ATOM   848  C CD  . GLU A 1 124 ? -4.140  6.941   -3.186  1.00 14.88 ? 1415 GLU A CD  1 
ATOM   849  O OE1 . GLU A 1 124 ? -5.227  7.383   -2.783  1.00 17.30 ? 1415 GLU A OE1 1 
ATOM   850  O OE2 . GLU A 1 124 ? -3.189  6.652   -2.441  1.00 14.80 ? 1415 GLU A OE2 1 
ATOM   851  N N   . GLU A 1 125 ? -7.358  4.743   -7.086  1.00 12.32 ? 1416 GLU A N   1 
ATOM   852  C CA  . GLU A 1 125 ? -8.667  4.640   -7.768  1.00 13.16 ? 1416 GLU A CA  1 
ATOM   853  C C   . GLU A 1 125 ? -9.552  3.657   -7.031  1.00 13.15 ? 1416 GLU A C   1 
ATOM   854  O O   . GLU A 1 125 ? -10.755 3.906   -6.942  1.00 15.49 ? 1416 GLU A O   1 
ATOM   855  C CB  . GLU A 1 125 ? -8.341  4.141   -9.164  1.00 13.51 ? 1416 GLU A CB  1 
ATOM   856  C CG  . GLU A 1 125 ? -9.523  3.776   -10.030 1.00 14.82 ? 1416 GLU A CG  1 
ATOM   857  C CD  . GLU A 1 125 ? -9.043  3.359   -11.415 1.00 16.32 ? 1416 GLU A CD  1 
ATOM   858  O OE1 . GLU A 1 125 ? -8.456  4.233   -12.126 1.00 16.25 ? 1416 GLU A OE1 1 
ATOM   859  O OE2 . GLU A 1 125 ? -9.098  2.159   -11.738 1.00 17.49 ? 1416 GLU A OE2 1 
ATOM   860  N N   . HIS A 1 126 ? -8.996  2.578   -6.512  1.00 13.15 ? 1417 HIS A N   1 
ATOM   861  C CA  . HIS A 1 126 ? -9.785  1.519   -5.846  1.00 14.61 ? 1417 HIS A CA  1 
ATOM   862  C C   . HIS A 1 126 ? -10.008 1.785   -4.353  1.00 14.20 ? 1417 HIS A C   1 
ATOM   863  O O   . HIS A 1 126 ? -11.091 1.399   -3.826  1.00 16.59 ? 1417 HIS A O   1 
ATOM   864  C CB  . HIS A 1 126 ? -9.147  0.152   -6.118  1.00 15.93 ? 1417 HIS A CB  1 
ATOM   865  C CG  . HIS A 1 126 ? -9.328  -0.323  -7.517  1.00 18.29 ? 1417 HIS A CG  1 
ATOM   866  N ND1 . HIS A 1 126 ? -8.675  0.214   -8.584  1.00 20.47 ? 1417 HIS A ND1 1 
ATOM   867  C CD2 . HIS A 1 126 ? -10.073 -1.347  -7.960  1.00 25.37 ? 1417 HIS A CD2 1 
ATOM   868  C CE1 . HIS A 1 126 ? -9.158  -0.382  -9.671  1.00 23.25 ? 1417 HIS A CE1 1 
ATOM   869  N NE2 . HIS A 1 126 ? -9.882  -1.409  -9.301  1.00 27.19 ? 1417 HIS A NE2 1 
ATOM   870  N N   . ILE A 1 127 ? -9.078  2.406   -3.648  1.00 13.42 ? 1418 ILE A N   1 
ATOM   871  C CA  . ILE A 1 127 ? -9.253  2.590   -2.195  1.00 13.16 ? 1418 ILE A CA  1 
ATOM   872  C C   . ILE A 1 127 ? -10.256 3.689   -1.862  1.00 13.16 ? 1418 ILE A C   1 
ATOM   873  O O   . ILE A 1 127 ? -10.785 3.723   -0.753  1.00 12.87 ? 1418 ILE A O   1 
ATOM   874  C CB  . ILE A 1 127 ? -7.888  2.863   -1.545  1.00 12.81 ? 1418 ILE A CB  1 
ATOM   875  C CG1 . ILE A 1 127 ? -7.836  2.501   -0.051  1.00 14.47 ? 1418 ILE A CG1 1 
ATOM   876  C CG2 . ILE A 1 127 ? -7.456  4.291   -1.689  1.00 13.87 ? 1418 ILE A CG2 1 
ATOM   877  C CD1 . ILE A 1 127 ? -8.101  1.080   0.249   1.00 16.33 ? 1418 ILE A CD1 1 
ATOM   878  N N   . SER A 1 128 ? -10.483 4.612   -2.793  0.50 13.74 ? 1419 SER A N   1 
ATOM   879  C CA  . SER A 1 128 ? -11.350 5.788   -2.549  0.50 14.58 ? 1419 SER A CA  1 
ATOM   880  C C   . SER A 1 128 ? -12.709 5.328   -1.968  0.50 15.17 ? 1419 SER A C   1 
ATOM   881  O O   . SER A 1 128 ? -13.067 5.817   -0.821  0.50 21.01 ? 1419 SER A O   1 
ATOM   882  C CB  . SER A 1 128 ? -11.441 6.615   -3.817  0.50 15.45 ? 1419 SER A CB  1 
ATOM   883  O OG  . SER A 1 128 ? -11.778 5.796   -4.921  0.50 17.51 ? 1419 SER A OG  1 
ATOM   884  N N   . SER A 1 129 ? -13.387 4.381   -2.634  1.00 13.27 ? 1420 SER A N   1 
ATOM   885  C CA  . SER A 1 129 ? -14.737 3.963   -2.217  1.00 14.31 ? 1420 SER A CA  1 
ATOM   886  C C   . SER A 1 129 ? -14.632 3.221   -0.871  1.00 13.37 ? 1420 SER A C   1 
ATOM   887  O O   . SER A 1 129 ? -15.559 3.301   -0.084  1.00 14.38 ? 1420 SER A O   1 
ATOM   888  C CB  . SER A 1 129 ? -15.425 3.112   -3.223  1.00 16.13 ? 1420 SER A CB  1 
ATOM   889  O OG  . SER A 1 129 ? -14.714 1.936   -3.500  1.00 22.26 ? 1420 SER A OG  1 
ATOM   890  N N   . VAL A 1 130 ? -13.549 2.464   -0.674  1.00 12.29 ? 1421 VAL A N   1 
ATOM   891  C CA  . VAL A 1 130 ? -13.381 1.711   0.590   1.00 12.33 ? 1421 VAL A CA  1 
ATOM   892  C C   . VAL A 1 130 ? -13.327 2.708   1.725   1.00 12.02 ? 1421 VAL A C   1 
ATOM   893  O O   . VAL A 1 130 ? -14.039 2.537   2.780   1.00 12.72 ? 1421 VAL A O   1 
ATOM   894  C CB  . VAL A 1 130 ? -12.122 0.886   0.537   1.00 12.19 ? 1421 VAL A CB  1 
ATOM   895  C CG1 . VAL A 1 130 ? -11.932 0.168   1.887   1.00 12.35 ? 1421 VAL A CG1 1 
ATOM   896  C CG2 . VAL A 1 130 ? -12.200 -0.132  -0.572  1.00 13.58 ? 1421 VAL A CG2 1 
ATOM   897  N N   . LEU A 1 131 ? -12.560 3.796   1.604   1.00 12.15 ? 1422 LEU A N   1 
ATOM   898  C CA  . LEU A 1 131 ? -12.479 4.811   2.640   1.00 12.67 ? 1422 LEU A CA  1 
ATOM   899  C C   . LEU A 1 131 ? -13.807 5.508   2.818   1.00 12.23 ? 1422 LEU A C   1 
ATOM   900  O O   . LEU A 1 131 ? -14.248 5.703   3.939   1.00 13.14 ? 1422 LEU A O   1 
ATOM   901  C CB  . LEU A 1 131 ? -11.377 5.822   2.276   1.00 13.37 ? 1422 LEU A CB  1 
ATOM   902  C CG  . LEU A 1 131 ? -9.953  5.274   2.251   1.00 13.80 ? 1422 LEU A CG  1 
ATOM   903  C CD1 . LEU A 1 131 ? -8.988  6.219   1.567   1.00 15.60 ? 1422 LEU A CD1 1 
ATOM   904  C CD2 . LEU A 1 131 ? -9.515  4.914   3.667   1.00 15.70 ? 1422 LEU A CD2 1 
ATOM   905  N N   . SER A 1 132 ? -14.408 5.935   1.733   1.00 13.12 ? 1423 SER A N   1 
ATOM   906  C CA  . SER A 1 132 ? -15.668 6.693   1.822   1.00 13.06 ? 1423 SER A CA  1 
ATOM   907  C C   . SER A 1 132 ? -16.728 5.833   2.503   1.00 13.36 ? 1423 SER A C   1 
ATOM   908  O O   . SER A 1 132 ? -17.435 6.362   3.380   1.00 13.59 ? 1423 SER A O   1 
ATOM   909  C CB  . SER A 1 132 ? -16.170 7.086   0.432   1.00 15.47 ? 1423 SER A CB  1 
ATOM   910  O OG  . SER A 1 132 ? -15.326 8.008   -0.161  1.00 18.43 ? 1423 SER A OG  1 
ATOM   911  N N   . ASP A 1 133 ? -16.838 4.573   2.119   1.00 13.00 ? 1424 ASP A N   1 
ATOM   912  C CA  . ASP A 1 133 ? -17.882 3.713   2.705   1.00 13.42 ? 1424 ASP A CA  1 
ATOM   913  C C   . ASP A 1 133 ? -17.639 3.499   4.185   1.00 12.91 ? 1424 ASP A C   1 
ATOM   914  O O   . ASP A 1 133 ? -18.566 3.540   5.009   1.00 13.74 ? 1424 ASP A O   1 
ATOM   915  C CB  . ASP A 1 133 ? -18.024 2.379   2.008   1.00 14.61 ? 1424 ASP A CB  1 
ATOM   916  C CG  . ASP A 1 133 ? -18.611 2.382   0.606   1.00 20.10 ? 1424 ASP A CG  1 
ATOM   917  O OD1 . ASP A 1 133 ? -18.971 3.457   0.105   1.00 20.75 ? 1424 ASP A OD1 1 
ATOM   918  O OD2 . ASP A 1 133 ? -18.615 1.292   0.002   1.00 25.27 ? 1424 ASP A OD2 1 
ATOM   919  N N   . TYR A 1 134 ? -16.390 3.284   4.578   1.00 12.57 ? 1425 TYR A N   1 
ATOM   920  C CA  . TYR A 1 134 ? -16.056 3.080   5.991   1.00 12.45 ? 1425 TYR A CA  1 
ATOM   921  C C   . TYR A 1 134 ? -16.423 4.331   6.748   1.00 12.87 ? 1425 TYR A C   1 
ATOM   922  O O   . TYR A 1 134 ? -17.030 4.233   7.822   1.00 13.08 ? 1425 TYR A O   1 
ATOM   923  C CB  . TYR A 1 134 ? -14.569 2.742   6.187   1.00 11.69 ? 1425 TYR A CB  1 
ATOM   924  C CG  . TYR A 1 134 ? -14.166 2.613   7.616   1.00 12.30 ? 1425 TYR A CG  1 
ATOM   925  C CD1 . TYR A 1 134 ? -14.476 1.476   8.334   1.00 13.91 ? 1425 TYR A CD1 1 
ATOM   926  C CD2 . TYR A 1 134 ? -13.542 3.658   8.254   1.00 14.00 ? 1425 TYR A CD2 1 
ATOM   927  C CE1 . TYR A 1 134 ? -14.116 1.363   9.657   1.00 16.30 ? 1425 TYR A CE1 1 
ATOM   928  C CE2 . TYR A 1 134 ? -13.166 3.551   9.552   1.00 15.00 ? 1425 TYR A CE2 1 
ATOM   929  C CZ  . TYR A 1 134 ? -13.493 2.434   10.263  1.00 15.61 ? 1425 TYR A CZ  1 
ATOM   930  O OH  . TYR A 1 134 ? -13.108 2.322   11.565  1.00 18.88 ? 1425 TYR A OH  1 
ATOM   931  N N   . LYS A 1 135 ? -15.989 5.506   6.283   1.00 13.08 ? 1426 LYS A N   1 
ATOM   932  C CA  . LYS A 1 135 ? -16.204 6.708   7.085   1.00 12.53 ? 1426 LYS A CA  1 
ATOM   933  C C   . LYS A 1 135 ? -17.711 7.010   7.152   1.00 12.73 ? 1426 LYS A C   1 
ATOM   934  O O   . LYS A 1 135 ? -18.172 7.447   8.215   1.00 12.86 ? 1426 LYS A O   1 
ATOM   935  C CB  . LYS A 1 135 ? -15.428 7.902   6.489   1.00 13.45 ? 1426 LYS A CB  1 
ATOM   936  C CG  . LYS A 1 135 ? -13.923 7.678   6.567   1.00 15.44 ? 1426 LYS A CG  1 
ATOM   937  C CD  . LYS A 1 135 ? -13.150 8.803   5.870   1.00 16.42 ? 1426 LYS A CD  1 
ATOM   938  C CE  . LYS A 1 135 ? -11.651 8.563   5.839   1.00 19.39 ? 1426 LYS A CE  1 
ATOM   939  N NZ  . LYS A 1 135 ? -11.055 9.480   4.839   1.00 25.12 ? 1426 LYS A NZ  1 
ATOM   940  N N   . SER A 1 136 ? -18.447 6.724   6.111   1.00 12.81 ? 1427 SER A N   1 
ATOM   941  C CA  . SER A 1 136 ? -19.928 6.903   6.127   1.00 13.64 ? 1427 SER A CA  1 
ATOM   942  C C   . SER A 1 136 ? -20.555 5.934   7.134   1.00 13.33 ? 1427 SER A C   1 
ATOM   943  O O   . SER A 1 136 ? -21.442 6.339   7.894   1.00 13.74 ? 1427 SER A O   1 
ATOM   944  C CB  . SER A 1 136 ? -20.456 6.677   4.765   1.00 15.20 ? 1427 SER A CB  1 
ATOM   945  O OG  . SER A 1 136 ? -21.867 6.528   4.838   1.00 22.71 ? 1427 SER A OG  1 
ATOM   946  N N   . ALA A 1 137 ? -20.072 4.704   7.197   1.00 14.04 ? 1428 ALA A N   1 
ATOM   947  C CA  . ALA A 1 137 ? -20.600 3.697   8.134   1.00 14.70 ? 1428 ALA A CA  1 
ATOM   948  C C   . ALA A 1 137 ? -20.346 4.134   9.539   1.00 14.84 ? 1428 ALA A C   1 
ATOM   949  O O   . ALA A 1 137 ? -21.204 3.971   10.416  1.00 15.46 ? 1428 ALA A O   1 
ATOM   950  C CB  . ALA A 1 137 ? -19.909 2.363   7.940   1.00 16.39 ? 1428 ALA A CB  1 
ATOM   951  N N   . LEU A 1 138 ? -19.164 4.674   9.827   0.50 14.45 ? 1429 LEU A N   1 
ATOM   952  C CA  . LEU A 1 138 ? -18.823 5.122   11.192  0.50 16.45 ? 1429 LEU A CA  1 
ATOM   953  C C   . LEU A 1 138 ? -19.722 6.290   11.546  0.50 14.79 ? 1429 LEU A C   1 
ATOM   954  O O   . LEU A 1 138 ? -20.183 6.352   12.701  0.50 14.33 ? 1429 LEU A O   1 
ATOM   955  C CB  . LEU A 1 138 ? -17.355 5.527   11.304  0.50 18.79 ? 1429 LEU A CB  1 
ATOM   956  C CG  . LEU A 1 138 ? -16.415 4.466   11.861  0.50 20.03 ? 1429 LEU A CG  1 
ATOM   957  C CD1 . LEU A 1 138 ? -15.217 5.145   12.488  0.50 20.10 ? 1429 LEU A CD1 1 
ATOM   958  C CD2 . LEU A 1 138 ? -17.111 3.555   12.869  0.50 20.40 ? 1429 LEU A CD2 1 
ATOM   959  N N   . ARG A 1 139 ? -19.938 7.204   10.592  1.00 13.62 ? 1430 ARG A N   1 
ATOM   960  C CA  . ARG A 1 139 ? -20.796 8.361   10.899  1.00 13.84 ? 1430 ARG A CA  1 
ATOM   961  C C   . ARG A 1 139 ? -22.218 7.862   11.196  1.00 11.74 ? 1430 ARG A C   1 
ATOM   962  O O   . ARG A 1 139 ? -22.837 8.362   12.144  1.00 14.38 ? 1430 ARG A O   1 
ATOM   963  C CB  . ARG A 1 139 ? -20.813 9.378   9.767   1.00 13.45 ? 1430 ARG A CB  1 
ATOM   964  C CG  . ARG A 1 139 ? -19.510 10.143  9.591   1.00 13.88 ? 1430 ARG A CG  1 
ATOM   965  C CD  . ARG A 1 139 ? -19.642 11.291  8.589   1.00 14.78 ? 1430 ARG A CD  1 
ATOM   966  N NE  . ARG A 1 139 ? -19.892 10.851  7.243   1.00 15.16 ? 1430 ARG A NE  1 
ATOM   967  C CZ  . ARG A 1 139 ? -18.993 10.668  6.276   1.00 14.32 ? 1430 ARG A CZ  1 
ATOM   968  N NH1 . ARG A 1 139 ? -17.700 10.742  6.577   1.00 15.69 ? 1430 ARG A NH1 1 
ATOM   969  N NH2 . ARG A 1 139 ? -19.380 10.382  5.050   1.00 15.20 ? 1430 ARG A NH2 1 
ATOM   970  N N   . PHE A 1 140 ? -22.725 6.908   10.436  1.00 12.01 ? 1431 PHE A N   1 
ATOM   971  C CA  . PHE A 1 140 ? -24.073 6.370   10.670  1.00 13.36 ? 1431 PHE A CA  1 
ATOM   972  C C   . PHE A 1 140 ? -24.134 5.717   12.061  1.00 13.62 ? 1431 PHE A C   1 
ATOM   973  O O   . PHE A 1 140 ? -25.051 5.931   12.826  1.00 13.30 ? 1431 PHE A O   1 
ATOM   974  C CB  . PHE A 1 140 ? -24.457 5.412   9.570   1.00 13.29 ? 1431 PHE A CB  1 
ATOM   975  C CG  . PHE A 1 140 ? -25.874 4.937   9.692   1.00 15.03 ? 1431 PHE A CG  1 
ATOM   976  C CD1 . PHE A 1 140 ? -26.917 5.759   9.267   1.00 16.25 ? 1431 PHE A CD1 1 
ATOM   977  C CD2 . PHE A 1 140 ? -26.171 3.701   10.241  1.00 15.74 ? 1431 PHE A CD2 1 
ATOM   978  C CE1 . PHE A 1 140 ? -28.237 5.349   9.388   1.00 17.55 ? 1431 PHE A CE1 1 
ATOM   979  C CE2 . PHE A 1 140 ? -27.498 3.305   10.373  1.00 17.58 ? 1431 PHE A CE2 1 
ATOM   980  C CZ  . PHE A 1 140 ? -28.515 4.110   9.906   1.00 17.82 ? 1431 PHE A CZ  1 
ATOM   981  N N   . HIS A 1 141 ? -23.071 4.981   12.406  1.00 15.39 ? 1432 HIS A N   1 
ATOM   982  C CA  . HIS A 1 141 ? -23.015 4.288   13.712  1.00 16.92 ? 1432 HIS A CA  1 
ATOM   983  C C   . HIS A 1 141 ? -23.133 5.298   14.843  1.00 20.17 ? 1432 HIS A C   1 
ATOM   984  O O   . HIS A 1 141 ? -23.808 5.016   15.870  1.00 20.42 ? 1432 HIS A O   1 
ATOM   985  C CB  . HIS A 1 141 ? -21.712 3.506   13.802  1.00 17.91 ? 1432 HIS A CB  1 
ATOM   986  C CG  . HIS A 1 141 ? -21.694 2.668   15.033  1.00 16.78 ? 1432 HIS A CG  1 
ATOM   987  N ND1 . HIS A 1 141 ? -22.472 1.541   15.135  1.00 16.02 ? 1432 HIS A ND1 1 
ATOM   988  C CD2 . HIS A 1 141 ? -20.953 2.763   16.143  1.00 19.53 ? 1432 HIS A CD2 1 
ATOM   989  C CE1 . HIS A 1 141 ? -22.273 1.011   16.341  1.00 16.25 ? 1432 HIS A CE1 1 
ATOM   990  N NE2 . HIS A 1 141 ? -21.348 1.721   16.955  1.00 17.17 ? 1432 HIS A NE2 1 
ATOM   991  N N   . LYS A 1 142 ? -22.497 6.459   14.694  0.50 20.25 ? 1433 LYS A N   1 
ATOM   992  C CA  . LYS A 1 142 ? -22.413 7.508   15.742  0.50 22.59 ? 1433 LYS A CA  1 
ATOM   993  C C   . LYS A 1 142 ? -23.537 8.534   15.585  0.50 24.29 ? 1433 LYS A C   1 
ATOM   994  O O   . LYS A 1 142 ? -23.514 9.531   16.325  0.50 28.13 ? 1433 LYS A O   1 
ATOM   995  C CB  . LYS A 1 142 ? -21.032 8.169   15.689  0.50 25.17 ? 1433 LYS A CB  1 
ATOM   996  C CG  . LYS A 1 142 ? -19.899 7.279   16.176  0.50 26.05 ? 1433 LYS A CG  1 
ATOM   997  C CD  . LYS A 1 142 ? -18.544 7.613   15.601  0.50 26.96 ? 1433 LYS A CD  1 
ATOM   998  C CE  . LYS A 1 142 ? -17.722 6.365   15.384  0.50 27.30 ? 1433 LYS A CE  1 
ATOM   999  N NZ  . LYS A 1 142 ? -18.585 5.259   14.912  0.50 25.92 ? 1433 LYS A NZ  1 
ATOM   1000 N N   . ARG A 1 143 ? -24.494 8.309   14.681  1.00 23.23 ? 1434 ARG A N   1 
ATOM   1001 C CA  . ARG A 1 143 ? -25.514 9.334   14.334  1.00 23.73 ? 1434 ARG A CA  1 
ATOM   1002 C C   . ARG A 1 143 ? -26.290 9.849   15.567  1.00 26.50 ? 1434 ARG A C   1 
ATOM   1003 O O   . ARG A 1 143 ? -26.574 9.078   16.416  1.00 31.03 ? 1434 ARG A O   1 
ATOM   1004 C CB  . ARG A 1 143 ? -26.432 8.819   13.232  1.00 22.45 ? 1434 ARG A CB  1 
ATOM   1005 C CG  . ARG A 1 143 ? -27.413 7.770   13.713  1.00 22.27 ? 1434 ARG A CG  1 
ATOM   1006 C CD  . ARG A 1 143 ? -28.012 7.093   12.527  1.00 22.26 ? 1434 ARG A CD  1 
ATOM   1007 N NE  . ARG A 1 143 ? -28.993 6.111   12.907  1.00 22.35 ? 1434 ARG A NE  1 
ATOM   1008 C CZ  . ARG A 1 143 ? -28.756 4.897   13.303  1.00 21.74 ? 1434 ARG A CZ  1 
ATOM   1009 N NH1 . ARG A 1 143 ? -27.526 4.434   13.436  1.00 18.52 ? 1434 ARG A NH1 1 
ATOM   1010 N NH2 . ARG A 1 143 ? -29.775 4.096   13.578  1.00 24.78 ? 1434 ARG A NH2 1 
HETATM 1011 N N1  . Y0J B 2 .   ? 11.322  -7.442  -4.373  0.38 38.51 ? 1501 Y0J A N1  1 
HETATM 1012 N N3  . Y0J B 2 .   ? 12.897  -0.150  -4.962  0.38 23.62 ? 1501 Y0J A N3  1 
HETATM 1013 C C4  . Y0J B 2 .   ? 12.099  -11.035 -3.472  0.38 39.63 ? 1501 Y0J A C4  1 
HETATM 1014 C C5  . Y0J B 2 .   ? 13.454  -10.840 -3.146  0.38 39.54 ? 1501 Y0J A C5  1 
HETATM 1015 C C6  . Y0J B 2 .   ? 14.055  -9.576  -3.226  0.38 38.61 ? 1501 Y0J A C6  1 
HETATM 1016 C C7  . Y0J B 2 .   ? 13.232  -8.536  -3.644  0.38 39.19 ? 1501 Y0J A C7  1 
HETATM 1017 C C8  . Y0J B 2 .   ? 11.927  -2.387  -4.652  0.38 24.77 ? 1501 Y0J A C8  1 
HETATM 1018 C C10 . Y0J B 2 .   ? 12.633  1.171   -5.294  0.38 22.80 ? 1501 Y0J A C10 1 
HETATM 1019 C C13 . Y0J B 2 .   ? 14.334  3.135   -7.887  0.38 20.92 ? 1501 Y0J A C13 1 
HETATM 1020 C C15 . Y0J B 2 .   ? 14.151  -0.534  -4.316  0.38 24.83 ? 1501 Y0J A C15 1 
HETATM 1021 N N   . Y0J B 2 .   ? 12.446  -5.223  -4.575  0.38 32.57 ? 1501 Y0J A N   1 
HETATM 1022 C C   . Y0J B 2 .   ? 13.574  -4.355  -4.444  0.38 29.78 ? 1501 Y0J A C   1 
HETATM 1023 O O   . Y0J B 2 .   ? 14.648  -4.762  -4.031  0.38 30.48 ? 1501 Y0J A O   1 
HETATM 1024 C C1  . Y0J B 2 .   ? 12.368  -6.597  -4.266  0.38 35.53 ? 1501 Y0J A C1  1 
HETATM 1025 C C11 . Y0J B 2 .   ? 13.466  1.853   -6.279  0.38 21.91 ? 1501 Y0J A C11 1 
HETATM 1026 C C12 . Y0J B 2 .   ? 13.311  3.069   -6.897  0.38 21.77 ? 1501 Y0J A C12 1 
HETATM 1027 C C14 . Y0J B 2 .   ? 15.037  1.980   -7.783  0.38 22.09 ? 1501 Y0J A C14 1 
HETATM 1028 C C16 . Y0J B 2 .   ? 14.452  -1.969  -4.773  0.38 25.90 ? 1501 Y0J A C16 1 
HETATM 1029 C C2  . Y0J B 2 .   ? 11.863  -8.707  -3.979  0.38 39.69 ? 1501 Y0J A C2  1 
HETATM 1030 C C3  . Y0J B 2 .   ? 11.283  -9.981  -3.893  0.38 40.52 ? 1501 Y0J A C3  1 
HETATM 1031 C C9  . Y0J B 2 .   ? 11.807  -0.909  -4.356  0.38 24.39 ? 1501 Y0J A C9  1 
HETATM 1032 N N2  . Y0J B 2 .   ? 13.292  -2.939  -4.872  0.38 27.23 ? 1501 Y0J A N2  1 
HETATM 1033 O O1  . Y0J B 2 .   ? 13.569  -7.198  -3.819  0.38 39.17 ? 1501 Y0J A O1  1 
HETATM 1034 O O2  . Y0J B 2 .   ? 11.674  1.721   -4.827  0.38 22.09 ? 1501 Y0J A O2  1 
HETATM 1035 O O3  . Y0J B 2 .   ? 14.514  1.179   -6.788  0.38 20.49 ? 1501 Y0J A O3  1 
HETATM 1036 O O   . HOH C 3 .   ? 8.097   0.816   -15.818 1.00 27.40 ? 1601 HOH A O   1 
HETATM 1037 O O   . HOH C 3 .   ? 10.103  15.418  -6.233  1.00 38.58 ? 1602 HOH A O   1 
HETATM 1038 O O   . HOH C 3 .   ? -13.072 0.285   12.765  1.00 35.74 ? 1603 HOH A O   1 
HETATM 1039 O O   . HOH C 3 .   ? 22.545  1.655   6.107   1.00 41.84 ? 1604 HOH A O   1 
HETATM 1040 O O   . HOH C 3 .   ? 17.356  -1.281  -9.326  1.00 51.28 ? 1605 HOH A O   1 
HETATM 1041 O O   . HOH C 3 .   ? 8.877   -1.342  8.585   1.00 32.17 ? 1606 HOH A O   1 
HETATM 1042 O O   . HOH C 3 .   ? 11.806  -7.528  -7.082  1.00 31.18 ? 1607 HOH A O   1 
HETATM 1043 O O   . HOH C 3 .   ? 23.269  6.273   -0.698  1.00 28.81 ? 1608 HOH A O   1 
HETATM 1044 O O   . HOH C 3 .   ? 15.147  -2.876  7.060   1.00 51.73 ? 1609 HOH A O   1 
HETATM 1045 O O   . HOH C 3 .   ? 23.238  3.951   -3.989  1.00 37.17 ? 1610 HOH A O   1 
HETATM 1046 O O   . HOH C 3 .   ? 16.223  10.113  3.199   1.00 54.89 ? 1611 HOH A O   1 
HETATM 1047 O O   . HOH C 3 .   ? 15.730  10.745  -1.266  1.00 21.49 ? 1612 HOH A O   1 
HETATM 1048 O O   . HOH C 3 .   ? -10.954 2.207   18.983  1.00 39.10 ? 1613 HOH A O   1 
HETATM 1049 O O   . HOH C 3 .   ? -12.749 -0.334  -4.626  1.00 28.83 ? 1614 HOH A O   1 
HETATM 1050 O O   . HOH C 3 .   ? 20.268  -10.718 -2.413  1.00 59.53 ? 1615 HOH A O   1 
HETATM 1051 O O   . HOH C 3 .   ? -29.769 5.384   4.684   1.00 37.79 ? 1616 HOH A O   1 
HETATM 1052 O O   . HOH C 3 .   ? 19.182  -10.754 -5.406  1.00 54.61 ? 1617 HOH A O   1 
HETATM 1053 O O   . HOH C 3 .   ? 22.169  1.338   -3.885  1.00 59.29 ? 1618 HOH A O   1 
HETATM 1054 O O   . HOH C 3 .   ? 4.951   -12.267 -2.653  1.00 50.74 ? 1619 HOH A O   1 
HETATM 1055 O O   . HOH C 3 .   ? 14.846  10.549  -5.254  1.00 21.12 ? 1620 HOH A O   1 
HETATM 1056 O O   . HOH C 3 .   ? 7.115   11.897  -10.534 1.00 33.12 ? 1621 HOH A O   1 
HETATM 1057 O O   . HOH C 3 .   ? -24.929 3.050   17.168  1.00 39.81 ? 1622 HOH A O   1 
HETATM 1058 O O   . HOH C 3 .   ? 11.386  1.904   -2.238  0.38 6.04  ? 1623 HOH A O   1 
HETATM 1059 O O   . HOH C 3 .   ? 1.358   -0.910  10.334  1.00 33.95 ? 1624 HOH A O   1 
HETATM 1060 O O   . HOH C 3 .   ? 6.141   -12.581 -6.867  1.00 28.54 ? 1625 HOH A O   1 
HETATM 1061 O O   . HOH C 3 .   ? 13.171  -9.432  0.549   1.00 39.18 ? 1626 HOH A O   1 
HETATM 1062 O O   . HOH C 3 .   ? -7.968  5.074   11.859  1.00 28.17 ? 1627 HOH A O   1 
HETATM 1063 O O   . HOH C 3 .   ? 2.955   3.989   8.035   1.00 30.55 ? 1628 HOH A O   1 
HETATM 1064 O O   . HOH C 3 .   ? -8.782  6.830   -11.769 1.00 25.18 ? 1629 HOH A O   1 
HETATM 1065 O O   . HOH C 3 .   ? 9.883   -3.811  -1.831  1.00 17.12 ? 1630 HOH A O   1 
HETATM 1066 O O   . HOH C 3 .   ? 7.269   14.011  -8.839  1.00 35.62 ? 1631 HOH A O   1 
HETATM 1067 O O   . HOH C 3 .   ? 8.060   9.375   -14.292 1.00 33.20 ? 1632 HOH A O   1 
HETATM 1068 O O   . HOH C 3 .   ? -0.727  6.095   -3.276  1.00 17.59 ? 1633 HOH A O   1 
HETATM 1069 O O   . HOH C 3 .   ? -7.726  -11.436 11.051  1.00 18.83 ? 1634 HOH A O   1 
HETATM 1070 O O   . HOH C 3 .   ? 9.830   6.486   -16.826 1.00 38.05 ? 1635 HOH A O   1 
HETATM 1071 O O   . HOH C 3 .   ? 8.788   7.481   2.522   1.00 18.75 ? 1636 HOH A O   1 
HETATM 1072 O O   . HOH C 3 .   ? 1.276   10.052  9.491   1.00 30.99 ? 1637 HOH A O   1 
HETATM 1073 O O   . HOH C 3 .   ? -11.235 -11.976 0.757   1.00 44.96 ? 1638 HOH A O   1 
HETATM 1074 O O   . HOH C 3 .   ? 10.197  -0.088  1.379   1.00 16.61 ? 1639 HOH A O   1 
HETATM 1075 O O   . HOH C 3 .   ? -0.615  -13.461 -12.610 1.00 18.12 ? 1640 HOH A O   1 
HETATM 1076 O O   . HOH C 3 .   ? -7.858  7.547   -3.298  1.00 18.45 ? 1641 HOH A O   1 
HETATM 1077 O O   . HOH C 3 .   ? 21.339  0.311   4.312   1.00 34.48 ? 1642 HOH A O   1 
HETATM 1078 O O   . HOH C 3 .   ? -6.946  1.448   -13.212 1.00 16.88 ? 1643 HOH A O   1 
HETATM 1079 O O   . HOH C 3 .   ? 5.641   -5.733  -16.610 1.00 40.72 ? 1644 HOH A O   1 
HETATM 1080 O O   . HOH C 3 .   ? -24.037 1.034   12.982  1.00 16.63 ? 1645 HOH A O   1 
HETATM 1081 O O   . HOH C 3 .   ? 4.807   -10.225 -11.693 1.00 48.91 ? 1646 HOH A O   1 
HETATM 1082 O O   . HOH C 3 .   ? -11.842 4.304   12.926  1.00 26.10 ? 1647 HOH A O   1 
HETATM 1083 O O   . HOH C 3 .   ? -22.702 11.012  12.728  1.00 32.71 ? 1648 HOH A O   1 
HETATM 1084 O O   . HOH C 3 .   ? -3.236  -12.031 15.107  1.00 29.63 ? 1649 HOH A O   1 
HETATM 1085 O O   . HOH C 3 .   ? -13.148 3.506   -5.460  1.00 20.22 ? 1650 HOH A O   1 
HETATM 1086 O O   . HOH C 3 .   ? 5.977   6.480   -5.867  1.00 16.93 ? 1651 HOH A O   1 
HETATM 1087 O O   . HOH C 3 .   ? -14.802 -7.467  5.821   1.00 14.69 ? 1652 HOH A O   1 
HETATM 1088 O O   . HOH C 3 .   ? -22.967 1.852   10.605  1.00 17.33 ? 1653 HOH A O   1 
HETATM 1089 O O   . HOH C 3 .   ? -1.132  8.841   11.645  1.00 37.80 ? 1654 HOH A O   1 
HETATM 1090 O O   . HOH C 3 .   ? 24.313  -2.395  3.611   1.00 34.24 ? 1655 HOH A O   1 
HETATM 1091 O O   . HOH C 3 .   ? 0.459   7.926   -9.639  1.00 25.13 ? 1656 HOH A O   1 
HETATM 1092 O O   . HOH C 3 .   ? 12.480  7.607   5.007   1.00 30.31 ? 1657 HOH A O   1 
HETATM 1093 O O   . HOH C 3 .   ? 0.895   -11.097 -13.141 1.00 26.79 ? 1658 HOH A O   1 
HETATM 1094 O O   . HOH C 3 .   ? 24.435  6.245   1.736   1.00 32.91 ? 1659 HOH A O   1 
HETATM 1095 O O   . HOH C 3 .   ? -15.483 7.748   -2.895  1.00 20.35 ? 1660 HOH A O   1 
HETATM 1096 O O   . HOH C 3 .   ? 4.163   8.151   3.024   1.00 17.81 ? 1661 HOH A O   1 
HETATM 1097 O O   . HOH C 3 .   ? 2.844   8.137   -1.062  1.00 15.00 ? 1662 HOH A O   1 
HETATM 1098 O O   . HOH C 3 .   ? 2.274   7.111   4.563   1.00 15.80 ? 1663 HOH A O   1 
HETATM 1099 O O   . HOH C 3 .   ? -11.969 -4.394  -3.200  1.00 25.02 ? 1664 HOH A O   1 
HETATM 1100 O O   . HOH C 3 .   ? 8.989   0.944   -1.905  1.00 18.98 ? 1665 HOH A O   1 
HETATM 1101 O O   . HOH C 3 .   ? -4.863  -14.393 11.232  1.00 51.31 ? 1666 HOH A O   1 
HETATM 1102 O O   . HOH C 3 .   ? -4.655  7.201   5.660   1.00 21.78 ? 1667 HOH A O   1 
HETATM 1103 O O   . HOH C 3 .   ? 1.790   -12.167 -7.134  1.00 29.73 ? 1668 HOH A O   1 
HETATM 1104 O O   . HOH C 3 .   ? -0.836  -12.344 9.488   1.00 29.84 ? 1669 HOH A O   1 
HETATM 1105 O O   . HOH C 3 .   ? 5.790   -3.655  -15.353 1.00 39.51 ? 1670 HOH A O   1 
HETATM 1106 O O   . HOH C 3 .   ? -16.648 -6.546  2.383   1.00 22.26 ? 1671 HOH A O   1 
HETATM 1107 O O   . HOH C 3 .   ? -22.645 10.681  6.883   1.00 19.81 ? 1672 HOH A O   1 
HETATM 1108 O O   . HOH C 3 .   ? 7.729   -6.443  7.800   1.00 33.59 ? 1673 HOH A O   1 
HETATM 1109 O O   . HOH C 3 .   ? 13.649  -3.485  3.225   1.00 28.13 ? 1674 HOH A O   1 
HETATM 1110 O O   . HOH C 3 .   ? -12.282 8.454   -0.389  1.00 20.49 ? 1675 HOH A O   1 
HETATM 1111 O O   . HOH C 3 .   ? 4.559   5.703   -14.486 1.00 19.32 ? 1676 HOH A O   1 
HETATM 1112 O O   . HOH C 3 .   ? -2.332  1.800   -13.168 1.00 19.75 ? 1677 HOH A O   1 
HETATM 1113 O O   . HOH C 3 .   ? -15.530 0.132   3.383   1.00 13.03 ? 1678 HOH A O   1 
HETATM 1114 O O   . HOH C 3 .   ? -25.832 7.237   3.146   1.00 25.96 ? 1679 HOH A O   1 
HETATM 1115 O O   . HOH C 3 .   ? -11.832 1.630   -11.955 1.00 26.84 ? 1680 HOH A O   1 
HETATM 1116 O O   . HOH C 3 .   ? 1.803   8.426   -5.625  1.00 29.35 ? 1681 HOH A O   1 
HETATM 1117 O O   . HOH C 3 .   ? -0.556  2.595   9.355   1.00 22.32 ? 1682 HOH A O   1 
HETATM 1118 O O   . HOH C 3 .   ? 8.773   -1.589  -0.923  1.00 19.65 ? 1683 HOH A O   1 
HETATM 1119 O O   . HOH C 3 .   ? -6.557  -5.892  10.281  1.00 13.25 ? 1684 HOH A O   1 
HETATM 1120 O O   . HOH C 3 .   ? -1.403  8.075   -7.430  1.00 20.47 ? 1685 HOH A O   1 
HETATM 1121 O O   . HOH C 3 .   ? 8.928   10.381  -1.111  1.00 26.17 ? 1686 HOH A O   1 
HETATM 1122 O O   . HOH C 3 .   ? 16.969  3.834   8.743   1.00 31.89 ? 1687 HOH A O   1 
HETATM 1123 O O   . HOH C 3 .   ? -0.900  -1.417  12.237  1.00 26.01 ? 1688 HOH A O   1 
HETATM 1124 O O   . HOH C 3 .   ? 0.895   -7.761  12.233  1.00 39.34 ? 1689 HOH A O   1 
HETATM 1125 O O   . HOH C 3 .   ? 2.785   -3.560  10.310  1.00 29.16 ? 1690 HOH A O   1 
HETATM 1126 O O   . HOH C 3 .   ? -16.289 8.591   9.970   1.00 19.39 ? 1691 HOH A O   1 
HETATM 1127 O O   . HOH C 3 .   ? -4.559  -11.951 -13.321 1.00 35.20 ? 1692 HOH A O   1 
HETATM 1128 O O   . HOH C 3 .   ? -11.782 -10.617 10.563  1.00 20.49 ? 1693 HOH A O   1 
HETATM 1129 O O   . HOH C 3 .   ? -11.974 6.114   -8.215  1.00 29.62 ? 1694 HOH A O   1 
HETATM 1130 O O   . HOH C 3 .   ? -5.851  7.324   -9.322  1.00 23.56 ? 1695 HOH A O   1 
HETATM 1131 O O   . HOH C 3 .   ? 15.998  3.151   -10.454 0.38 26.11 ? 1696 HOH A O   1 
HETATM 1132 O O   . HOH C 3 .   ? 2.416   -2.922  8.681   1.00 29.50 ? 1697 HOH A O   1 
HETATM 1133 O O   . HOH C 3 .   ? 8.018   6.696   -16.926 1.00 34.42 ? 1698 HOH A O   1 
HETATM 1134 O O   . HOH C 3 .   ? 7.223   -7.068  -12.965 1.00 25.06 ? 1699 HOH A O   1 
HETATM 1135 O O   . HOH C 3 .   ? 10.568  5.681   5.232   1.00 19.80 ? 1700 HOH A O   1 
HETATM 1136 O O   . HOH C 3 .   ? -12.997 0.352   15.628  0.50 28.36 ? 1701 HOH A O   1 
HETATM 1137 O O   . HOH C 3 .   ? -6.718  9.510   2.642   1.00 36.33 ? 1702 HOH A O   1 
HETATM 1138 O O   . HOH C 3 .   ? -3.384  -12.369 -6.253  1.00 24.62 ? 1703 HOH A O   1 
HETATM 1139 O O   . HOH C 3 .   ? 3.844   4.736   -17.085 1.00 19.01 ? 1704 HOH A O   1 
HETATM 1140 O O   . HOH C 3 .   ? -19.474 -0.161  4.375   1.00 19.66 ? 1705 HOH A O   1 
HETATM 1141 O O   . HOH C 3 .   ? 11.143  -2.758  2.205   1.00 19.92 ? 1706 HOH A O   1 
HETATM 1142 O O   . HOH C 3 .   ? -9.186  -9.928  -5.990  1.00 30.01 ? 1707 HOH A O   1 
HETATM 1143 O O   . HOH C 3 .   ? 3.458   9.288   10.700  1.00 31.26 ? 1708 HOH A O   1 
HETATM 1144 O O   . HOH C 3 .   ? -23.578 8.198   7.320   1.00 16.63 ? 1709 HOH A O   1 
HETATM 1145 O O   . HOH C 3 .   ? 4.744   11.030  -6.864  1.00 27.63 ? 1710 HOH A O   1 
HETATM 1146 O O   . HOH C 3 .   ? -5.111  -10.298 0.269   1.00 26.44 ? 1711 HOH A O   1 
HETATM 1147 O O   . HOH C 3 .   ? 17.007  8.778   -16.112 1.00 42.07 ? 1712 HOH A O   1 
HETATM 1148 O O   . HOH C 3 .   ? -16.203 11.086  9.072   1.00 20.15 ? 1713 HOH A O   1 
HETATM 1149 O O   . HOH C 3 .   ? 4.060   1.519   9.545   1.00 35.53 ? 1714 HOH A O   1 
HETATM 1150 O O   . HOH C 3 .   ? -18.864 -0.948  1.877   1.00 21.46 ? 1715 HOH A O   1 
HETATM 1151 O O   . HOH C 3 .   ? 1.597   -11.650 3.233   1.00 34.78 ? 1716 HOH A O   1 
HETATM 1152 O O   . HOH C 3 .   ? 14.541  1.053   -11.593 1.00 18.60 ? 1717 HOH A O   1 
HETATM 1153 O O   . HOH C 3 .   ? -16.293 -0.701  6.003   1.00 13.65 ? 1718 HOH A O   1 
HETATM 1154 O O   . HOH C 3 .   ? -16.096 0.147   -1.030  1.00 28.55 ? 1719 HOH A O   1 
HETATM 1155 O O   . HOH C 3 .   ? -0.397  -0.650  -12.206 1.00 25.71 ? 1720 HOH A O   1 
HETATM 1156 O O   . HOH C 3 .   ? -13.388 -5.736  9.681   1.00 16.29 ? 1721 HOH A O   1 
HETATM 1157 O O   . HOH C 3 .   ? -13.532 -3.556  11.381  1.00 20.43 ? 1722 HOH A O   1 
HETATM 1158 O O   . HOH C 3 .   ? -7.714  9.783   0.387   1.00 27.91 ? 1723 HOH A O   1 
HETATM 1159 O O   . HOH C 3 .   ? 6.602   -9.368  5.115   1.00 33.57 ? 1724 HOH A O   1 
HETATM 1160 O O   . HOH C 3 .   ? 9.369   -3.748  3.971   1.00 18.69 ? 1725 HOH A O   1 
HETATM 1161 O O   . HOH C 3 .   ? -15.282 -2.820  14.109  1.00 22.41 ? 1726 HOH A O   1 
HETATM 1162 O O   . HOH C 3 .   ? 2.815   -11.998 -15.258 1.00 26.27 ? 1727 HOH A O   1 
HETATM 1163 O O   . HOH C 3 .   ? -18.073 -6.981  6.852   1.00 20.61 ? 1728 HOH A O   1 
HETATM 1164 O O   . HOH C 3 .   ? 22.281  -0.690  -5.365  1.00 46.58 ? 1729 HOH A O   1 
HETATM 1165 O O   . HOH C 3 .   ? -22.026 4.120   3.089   1.00 38.05 ? 1730 HOH A O   1 
HETATM 1166 O O   . HOH C 3 .   ? -11.685 -10.956 6.646   1.00 35.56 ? 1731 HOH A O   1 
HETATM 1167 O O   . HOH C 3 .   ? -4.996  -6.799  -11.235 1.00 31.35 ? 1732 HOH A O   1 
HETATM 1168 O O   . HOH C 3 .   ? -2.445  8.265   4.298   1.00 16.59 ? 1733 HOH A O   1 
HETATM 1169 O O   . HOH C 3 .   ? -0.320  -6.773  -14.941 1.00 29.32 ? 1734 HOH A O   1 
HETATM 1170 O O   . HOH C 3 .   ? -14.733 6.290   -5.438  1.00 30.11 ? 1735 HOH A O   1 
HETATM 1171 O O   . HOH C 3 .   ? 1.792   -12.179 0.527   1.00 36.45 ? 1736 HOH A O   1 
HETATM 1172 O O   . HOH C 3 .   ? -22.372 -1.747  3.823   1.00 25.01 ? 1737 HOH A O   1 
HETATM 1173 O O   . HOH C 3 .   ? 13.852  3.741   11.550  1.00 43.22 ? 1738 HOH A O   1 
HETATM 1174 O O   . HOH C 3 .   ? 11.672  11.308  -6.996  1.00 31.63 ? 1739 HOH A O   1 
HETATM 1175 O O   . HOH C 3 .   ? 2.625   -7.822  10.254  1.00 45.96 ? 1740 HOH A O   1 
HETATM 1176 O O   . HOH C 3 .   ? 7.776   -5.026  -19.388 1.00 50.30 ? 1741 HOH A O   1 
HETATM 1177 O O   . HOH C 3 .   ? 2.640   -11.239 -11.674 1.00 34.50 ? 1742 HOH A O   1 
HETATM 1178 O O   . HOH C 3 .   ? -8.265  9.737   6.447   1.00 29.76 ? 1743 HOH A O   1 
HETATM 1179 O O   . HOH C 3 .   ? -5.959  -11.842 2.164   1.00 36.54 ? 1744 HOH A O   1 
HETATM 1180 O O   . HOH C 3 .   ? 22.753  8.683   5.177   1.00 43.36 ? 1745 HOH A O   1 
HETATM 1181 O O   . HOH C 3 .   ? 11.757  10.427  5.052   1.00 45.58 ? 1746 HOH A O   1 
HETATM 1182 O O   . HOH C 3 .   ? 16.848  -7.602  3.262   1.00 53.87 ? 1747 HOH A O   1 
HETATM 1183 O O   . HOH C 3 .   ? -25.258 9.115   9.461   1.00 17.15 ? 1748 HOH A O   1 
HETATM 1184 O O   . HOH C 3 .   ? 7.480   -6.359  -15.407 1.00 33.40 ? 1749 HOH A O   1 
HETATM 1185 O O   . HOH C 3 .   ? 6.270   7.669   -15.077 1.00 25.97 ? 1750 HOH A O   1 
HETATM 1186 O O   . HOH C 3 .   ? -4.403  6.356   9.720   1.00 29.29 ? 1751 HOH A O   1 
HETATM 1187 O O   . HOH C 3 .   ? 4.678   9.281   -2.798  1.00 16.99 ? 1752 HOH A O   1 
HETATM 1188 O O   . HOH C 3 .   ? 6.680   -12.138 -4.140  1.00 39.29 ? 1753 HOH A O   1 
HETATM 1189 O O   . HOH C 3 .   ? -17.229 8.722   12.514  1.00 31.60 ? 1754 HOH A O   1 
HETATM 1190 O O   . HOH C 3 .   ? -24.664 11.393  11.028  1.00 45.73 ? 1755 HOH A O   1 
HETATM 1191 O O   . HOH C 3 .   ? 4.715   -14.476 -8.660  1.00 30.95 ? 1756 HOH A O   1 
HETATM 1192 O O   . HOH C 3 .   ? 5.778   9.850   4.262   1.00 30.36 ? 1757 HOH A O   1 
HETATM 1193 O O   . HOH C 3 .   ? -0.275  6.512   -13.738 1.00 28.08 ? 1758 HOH A O   1 
HETATM 1194 O O   . HOH C 3 .   ? 7.092   -9.664  -12.799 1.00 37.63 ? 1759 HOH A O   1 
HETATM 1195 O O   . HOH C 3 .   ? -7.555  -14.591 -5.668  1.00 28.64 ? 1760 HOH A O   1 
HETATM 1196 O O   . HOH C 3 .   ? 24.953  7.522   5.383   1.00 40.64 ? 1761 HOH A O   1 
HETATM 1197 O O   . HOH C 3 .   ? 10.785  12.149  -2.204  1.00 33.41 ? 1762 HOH A O   1 
HETATM 1198 O O   . HOH C 3 .   ? 11.321  -10.044 -14.276 1.00 42.98 ? 1763 HOH A O   1 
HETATM 1199 O O   . HOH C 3 .   ? 14.732  10.941  1.287   1.00 44.00 ? 1764 HOH A O   1 
HETATM 1200 O O   . HOH C 3 .   ? 0.613   8.374   -2.636  1.00 21.43 ? 1765 HOH A O   1 
HETATM 1201 O O   . HOH C 3 .   ? 3.812   9.503   8.364   1.00 32.27 ? 1766 HOH A O   1 
HETATM 1202 O O   . HOH C 3 .   ? 10.493  -4.665  6.279   1.00 34.08 ? 1767 HOH A O   1 
HETATM 1203 O O   . HOH C 3 .   ? 2.243   7.321   -13.963 1.00 32.94 ? 1768 HOH A O   1 
HETATM 1204 O O   . HOH C 3 .   ? -27.221 5.468   0.929   1.00 48.68 ? 1769 HOH A O   1 
HETATM 1205 O O   . HOH C 3 .   ? -13.667 -9.566  7.232   1.00 22.42 ? 1770 HOH A O   1 
HETATM 1206 O O   . HOH C 3 .   ? -6.994  7.899   4.637   1.00 25.27 ? 1771 HOH A O   1 
HETATM 1207 O O   . HOH C 3 .   ? 3.645   6.887   6.993   1.00 26.39 ? 1772 HOH A O   1 
HETATM 1208 O O   . HOH C 3 .   ? 4.402   8.695   -5.495  1.00 16.65 ? 1773 HOH A O   1 
HETATM 1209 O O   . HOH C 3 .   ? -17.197 -8.329  4.434   1.00 26.03 ? 1774 HOH A O   1 
HETATM 1210 O O   . HOH C 3 .   ? 7.080   11.575  -12.925 1.00 33.84 ? 1775 HOH A O   1 
HETATM 1211 O O   . HOH C 3 .   ? -9.546  8.661   -1.294  1.00 19.45 ? 1776 HOH A O   1 
HETATM 1212 O O   . HOH C 3 .   ? 3.429   11.736  -9.088  1.00 40.67 ? 1777 HOH A O   1 
HETATM 1213 O O   . HOH C 3 .   ? -19.021 10.711  13.315  1.00 39.21 ? 1778 HOH A O   1 
HETATM 1214 O O   . HOH C 3 .   ? -3.724  8.978   -7.908  1.00 30.30 ? 1779 HOH A O   1 
HETATM 1215 O O   . HOH C 3 .   ? 4.998   -3.200  10.053  1.00 38.85 ? 1780 HOH A O   1 
HETATM 1216 O O   . HOH C 3 .   ? -21.362 14.305  9.934   1.00 34.61 ? 1781 HOH A O   1 
HETATM 1217 O O   . HOH C 3 .   ? -14.282 -8.606  10.327  0.50 12.62 ? 1782 HOH A O   1 
HETATM 1218 O O   . HOH C 3 .   ? -12.285 6.832   12.438  1.00 24.88 ? 1783 HOH A O   1 
HETATM 1219 O O   . HOH C 3 .   ? 13.246  -4.456  5.844   1.00 40.57 ? 1784 HOH A O   1 
HETATM 1220 O O   . HOH C 3 .   ? -17.076 12.991  10.709  1.00 39.84 ? 1785 HOH A O   1 
HETATM 1221 O O   . HOH C 3 .   ? 1.314   10.104  -10.463 1.00 44.40 ? 1786 HOH A O   1 
HETATM 1222 O O   . HOH C 3 .   ? -13.547 7.619   10.099  1.00 23.72 ? 1787 HOH A O   1 
# 
